data_1ZNX
# 
_entry.id   1ZNX 
# 
_audit_conform.dict_name       mmcif_pdbx.dic 
_audit_conform.dict_version    5.398 
_audit_conform.dict_location   http://mmcif.pdb.org/dictionaries/ascii/mmcif_pdbx.dic 
# 
loop_
_database_2.database_id 
_database_2.database_code 
_database_2.pdbx_database_accession 
_database_2.pdbx_DOI 
PDB   1ZNX         pdb_00001znx 10.2210/pdb1znx/pdb 
RCSB  RCSB032937   ?            ?                   
WWPDB D_1000032937 ?            ?                   
# 
loop_
_pdbx_audit_revision_history.ordinal 
_pdbx_audit_revision_history.data_content_type 
_pdbx_audit_revision_history.major_revision 
_pdbx_audit_revision_history.minor_revision 
_pdbx_audit_revision_history.revision_date 
1 'Structure model' 1 0 2005-11-29 
2 'Structure model' 1 1 2008-04-30 
3 'Structure model' 1 2 2011-07-13 
4 'Structure model' 1 3 2023-10-25 
5 'Structure model' 1 4 2024-11-06 
# 
_pdbx_audit_revision_details.ordinal             1 
_pdbx_audit_revision_details.revision_ordinal    1 
_pdbx_audit_revision_details.data_content_type   'Structure model' 
_pdbx_audit_revision_details.provider            repository 
_pdbx_audit_revision_details.type                'Initial release' 
_pdbx_audit_revision_details.description         ? 
_pdbx_audit_revision_details.details             ? 
# 
loop_
_pdbx_audit_revision_group.ordinal 
_pdbx_audit_revision_group.revision_ordinal 
_pdbx_audit_revision_group.data_content_type 
_pdbx_audit_revision_group.group 
1 2 'Structure model' 'Version format compliance' 
2 3 'Structure model' Advisory                    
3 3 'Structure model' 'Version format compliance' 
4 4 'Structure model' 'Data collection'           
5 4 'Structure model' 'Database references'       
6 4 'Structure model' 'Derived calculations'      
7 4 'Structure model' 'Refinement description'    
8 5 'Structure model' 'Structure summary'         
# 
loop_
_pdbx_audit_revision_category.ordinal 
_pdbx_audit_revision_category.revision_ordinal 
_pdbx_audit_revision_category.data_content_type 
_pdbx_audit_revision_category.category 
1 4 'Structure model' chem_comp_atom                
2 4 'Structure model' chem_comp_bond                
3 4 'Structure model' database_2                    
4 4 'Structure model' pdbx_initial_refinement_model 
5 4 'Structure model' struct_site                   
6 5 'Structure model' pdbx_entry_details            
7 5 'Structure model' pdbx_modification_feature     
# 
loop_
_pdbx_audit_revision_item.ordinal 
_pdbx_audit_revision_item.revision_ordinal 
_pdbx_audit_revision_item.data_content_type 
_pdbx_audit_revision_item.item 
1 4 'Structure model' '_database_2.pdbx_DOI'                
2 4 'Structure model' '_database_2.pdbx_database_accession' 
3 4 'Structure model' '_struct_site.pdbx_auth_asym_id'      
4 4 'Structure model' '_struct_site.pdbx_auth_comp_id'      
5 4 'Structure model' '_struct_site.pdbx_auth_seq_id'       
# 
_pdbx_database_status.status_code                     REL 
_pdbx_database_status.entry_id                        1ZNX 
_pdbx_database_status.recvd_initial_deposition_date   2005-05-12 
_pdbx_database_status.deposit_site                    RCSB 
_pdbx_database_status.process_site                    PDBJ 
_pdbx_database_status.status_code_sf                  REL 
_pdbx_database_status.status_code_mr                  ? 
_pdbx_database_status.SG_entry                        ? 
_pdbx_database_status.pdb_format_compatible           Y 
_pdbx_database_status.status_code_cs                  ? 
_pdbx_database_status.status_code_nmr_data            ? 
_pdbx_database_status.methods_development_category    ? 
# 
loop_
_pdbx_database_related.db_name 
_pdbx_database_related.db_id 
_pdbx_database_related.details 
_pdbx_database_related.content_type 
PDB 1ZNW 'Crystal structure of the M.tuberculosis protein with no ligand'                        unspecified 
PDB 1ZNY 'Crystal structure of the M.tuberculosis protein liganded with GDP'                     unspecified 
PDB 1ZNZ 'Crystal structure of the reduced form of the M.tuberculosis protein liganded with GDP' unspecified 
# 
loop_
_audit_author.name 
_audit_author.pdbx_ordinal 
'Hible, G.'          1 
'Christova, P.'      2 
'Renault, L.'        3 
'Seclaman, E.'       4 
'Thompson, A.'       5 
'Girard, E.'         6 
'Munier-Lehmann, H.' 7 
'Cherfils, J.'       8 
# 
_citation.id                        primary 
_citation.title                     'Unique GMP-binding site in Mycobacterium tuberculosis guanosine monophosphate kinase' 
_citation.journal_abbrev            Proteins 
_citation.journal_volume            62 
_citation.page_first                489 
_citation.page_last                 500 
_citation.year                      2006 
_citation.journal_id_ASTM           PSFGEY 
_citation.country                   US 
_citation.journal_id_ISSN           0887-3585 
_citation.journal_id_CSD            0867 
_citation.book_publisher            ? 
_citation.pdbx_database_id_PubMed   16288457 
_citation.pdbx_database_id_DOI      10.1002/prot.20662 
# 
loop_
_citation_author.citation_id 
_citation_author.name 
_citation_author.ordinal 
_citation_author.identifier_ORCID 
primary 'Hible, G.'          1 ? 
primary 'Christova, P.'      2 ? 
primary 'Renault, L.'        3 ? 
primary 'Seclaman, E.'       4 ? 
primary 'Thompson, A.'       5 ? 
primary 'Girard, E.'         6 ? 
primary 'Munier-Lehmann, H.' 7 ? 
primary 'Cherfils, J.'       8 ? 
# 
loop_
_entity.id 
_entity.type 
_entity.src_method 
_entity.pdbx_description 
_entity.formula_weight 
_entity.pdbx_number_of_molecules 
_entity.pdbx_ec 
_entity.pdbx_mutation 
_entity.pdbx_fragment 
_entity.details 
1 polymer     man 'Guanylate kinase'           21991.045 1  2.7.4.8 ? ? ? 
2 non-polymer syn "GUANOSINE-5'-MONOPHOSPHATE" 363.221   1  ?       ? ? ? 
3 water       nat water                        18.015    68 ?       ? ? ? 
# 
_entity_name_com.entity_id   1 
_entity_name_com.name        'GMP kinase' 
# 
_entity_poly.entity_id                      1 
_entity_poly.type                           'polypeptide(L)' 
_entity_poly.nstd_linkage                   no 
_entity_poly.nstd_monomer                   no 
_entity_poly.pdbx_seq_one_letter_code       
;SVGEGPDTKPTARGQPAAVGRVVVLSGPSAVGKSTVVRCLRERIPNLHFSVSATTRAPRPGEVDGVDYHFIDPTRFQQLI
DQGELLEWAEIHGGLHRSGTLAQPVRAAAATGVPVLIEVDLAGARAIKKTMPEAVTVFLAPPSWQDLQARLIGRGTETAD
VIQRRLDTARIELAAQGDFDKVVVNRRLESACAELVSLLVGTAPGSP
;
_entity_poly.pdbx_seq_one_letter_code_can   
;SVGEGPDTKPTARGQPAAVGRVVVLSGPSAVGKSTVVRCLRERIPNLHFSVSATTRAPRPGEVDGVDYHFIDPTRFQQLI
DQGELLEWAEIHGGLHRSGTLAQPVRAAAATGVPVLIEVDLAGARAIKKTMPEAVTVFLAPPSWQDLQARLIGRGTETAD
VIQRRLDTARIELAAQGDFDKVVVNRRLESACAELVSLLVGTAPGSP
;
_entity_poly.pdbx_strand_id                 A 
_entity_poly.pdbx_target_identifier         ? 
# 
loop_
_pdbx_entity_nonpoly.entity_id 
_pdbx_entity_nonpoly.name 
_pdbx_entity_nonpoly.comp_id 
2 "GUANOSINE-5'-MONOPHOSPHATE" 5GP 
3 water                        HOH 
# 
loop_
_entity_poly_seq.entity_id 
_entity_poly_seq.num 
_entity_poly_seq.mon_id 
_entity_poly_seq.hetero 
1 1   SER n 
1 2   VAL n 
1 3   GLY n 
1 4   GLU n 
1 5   GLY n 
1 6   PRO n 
1 7   ASP n 
1 8   THR n 
1 9   LYS n 
1 10  PRO n 
1 11  THR n 
1 12  ALA n 
1 13  ARG n 
1 14  GLY n 
1 15  GLN n 
1 16  PRO n 
1 17  ALA n 
1 18  ALA n 
1 19  VAL n 
1 20  GLY n 
1 21  ARG n 
1 22  VAL n 
1 23  VAL n 
1 24  VAL n 
1 25  LEU n 
1 26  SER n 
1 27  GLY n 
1 28  PRO n 
1 29  SER n 
1 30  ALA n 
1 31  VAL n 
1 32  GLY n 
1 33  LYS n 
1 34  SER n 
1 35  THR n 
1 36  VAL n 
1 37  VAL n 
1 38  ARG n 
1 39  CYS n 
1 40  LEU n 
1 41  ARG n 
1 42  GLU n 
1 43  ARG n 
1 44  ILE n 
1 45  PRO n 
1 46  ASN n 
1 47  LEU n 
1 48  HIS n 
1 49  PHE n 
1 50  SER n 
1 51  VAL n 
1 52  SER n 
1 53  ALA n 
1 54  THR n 
1 55  THR n 
1 56  ARG n 
1 57  ALA n 
1 58  PRO n 
1 59  ARG n 
1 60  PRO n 
1 61  GLY n 
1 62  GLU n 
1 63  VAL n 
1 64  ASP n 
1 65  GLY n 
1 66  VAL n 
1 67  ASP n 
1 68  TYR n 
1 69  HIS n 
1 70  PHE n 
1 71  ILE n 
1 72  ASP n 
1 73  PRO n 
1 74  THR n 
1 75  ARG n 
1 76  PHE n 
1 77  GLN n 
1 78  GLN n 
1 79  LEU n 
1 80  ILE n 
1 81  ASP n 
1 82  GLN n 
1 83  GLY n 
1 84  GLU n 
1 85  LEU n 
1 86  LEU n 
1 87  GLU n 
1 88  TRP n 
1 89  ALA n 
1 90  GLU n 
1 91  ILE n 
1 92  HIS n 
1 93  GLY n 
1 94  GLY n 
1 95  LEU n 
1 96  HIS n 
1 97  ARG n 
1 98  SER n 
1 99  GLY n 
1 100 THR n 
1 101 LEU n 
1 102 ALA n 
1 103 GLN n 
1 104 PRO n 
1 105 VAL n 
1 106 ARG n 
1 107 ALA n 
1 108 ALA n 
1 109 ALA n 
1 110 ALA n 
1 111 THR n 
1 112 GLY n 
1 113 VAL n 
1 114 PRO n 
1 115 VAL n 
1 116 LEU n 
1 117 ILE n 
1 118 GLU n 
1 119 VAL n 
1 120 ASP n 
1 121 LEU n 
1 122 ALA n 
1 123 GLY n 
1 124 ALA n 
1 125 ARG n 
1 126 ALA n 
1 127 ILE n 
1 128 LYS n 
1 129 LYS n 
1 130 THR n 
1 131 MET n 
1 132 PRO n 
1 133 GLU n 
1 134 ALA n 
1 135 VAL n 
1 136 THR n 
1 137 VAL n 
1 138 PHE n 
1 139 LEU n 
1 140 ALA n 
1 141 PRO n 
1 142 PRO n 
1 143 SER n 
1 144 TRP n 
1 145 GLN n 
1 146 ASP n 
1 147 LEU n 
1 148 GLN n 
1 149 ALA n 
1 150 ARG n 
1 151 LEU n 
1 152 ILE n 
1 153 GLY n 
1 154 ARG n 
1 155 GLY n 
1 156 THR n 
1 157 GLU n 
1 158 THR n 
1 159 ALA n 
1 160 ASP n 
1 161 VAL n 
1 162 ILE n 
1 163 GLN n 
1 164 ARG n 
1 165 ARG n 
1 166 LEU n 
1 167 ASP n 
1 168 THR n 
1 169 ALA n 
1 170 ARG n 
1 171 ILE n 
1 172 GLU n 
1 173 LEU n 
1 174 ALA n 
1 175 ALA n 
1 176 GLN n 
1 177 GLY n 
1 178 ASP n 
1 179 PHE n 
1 180 ASP n 
1 181 LYS n 
1 182 VAL n 
1 183 VAL n 
1 184 VAL n 
1 185 ASN n 
1 186 ARG n 
1 187 ARG n 
1 188 LEU n 
1 189 GLU n 
1 190 SER n 
1 191 ALA n 
1 192 CYS n 
1 193 ALA n 
1 194 GLU n 
1 195 LEU n 
1 196 VAL n 
1 197 SER n 
1 198 LEU n 
1 199 LEU n 
1 200 VAL n 
1 201 GLY n 
1 202 THR n 
1 203 ALA n 
1 204 PRO n 
1 205 GLY n 
1 206 SER n 
1 207 PRO n 
# 
_entity_src_gen.entity_id                          1 
_entity_src_gen.pdbx_src_id                        1 
_entity_src_gen.pdbx_alt_source_flag               sample 
_entity_src_gen.pdbx_seq_type                      ? 
_entity_src_gen.pdbx_beg_seq_num                   ? 
_entity_src_gen.pdbx_end_seq_num                   ? 
_entity_src_gen.gene_src_common_name               ? 
_entity_src_gen.gene_src_genus                     Mycobacterium 
_entity_src_gen.pdbx_gene_src_gene                 'gmk (RV1389)' 
_entity_src_gen.gene_src_species                   ? 
_entity_src_gen.gene_src_strain                    ? 
_entity_src_gen.gene_src_tissue                    ? 
_entity_src_gen.gene_src_tissue_fraction           ? 
_entity_src_gen.gene_src_details                   ? 
_entity_src_gen.pdbx_gene_src_fragment             ? 
_entity_src_gen.pdbx_gene_src_scientific_name      'Mycobacterium tuberculosis' 
_entity_src_gen.pdbx_gene_src_ncbi_taxonomy_id     1773 
_entity_src_gen.pdbx_gene_src_variant              ? 
_entity_src_gen.pdbx_gene_src_cell_line            ? 
_entity_src_gen.pdbx_gene_src_atcc                 ? 
_entity_src_gen.pdbx_gene_src_organ                ? 
_entity_src_gen.pdbx_gene_src_organelle            ? 
_entity_src_gen.pdbx_gene_src_cell                 ? 
_entity_src_gen.pdbx_gene_src_cellular_location    ? 
_entity_src_gen.host_org_common_name               ? 
_entity_src_gen.pdbx_host_org_scientific_name      'Escherichia coli' 
_entity_src_gen.pdbx_host_org_ncbi_taxonomy_id     562 
_entity_src_gen.host_org_genus                     Escherichia 
_entity_src_gen.pdbx_host_org_gene                 ? 
_entity_src_gen.pdbx_host_org_organ                ? 
_entity_src_gen.host_org_species                   ? 
_entity_src_gen.pdbx_host_org_tissue               ? 
_entity_src_gen.pdbx_host_org_tissue_fraction      ? 
_entity_src_gen.pdbx_host_org_strain               ? 
_entity_src_gen.pdbx_host_org_variant              ? 
_entity_src_gen.pdbx_host_org_cell_line            ? 
_entity_src_gen.pdbx_host_org_atcc                 ? 
_entity_src_gen.pdbx_host_org_culture_collection   ? 
_entity_src_gen.pdbx_host_org_cell                 ? 
_entity_src_gen.pdbx_host_org_organelle            ? 
_entity_src_gen.pdbx_host_org_cellular_location    ? 
_entity_src_gen.pdbx_host_org_vector_type          plasmid 
_entity_src_gen.pdbx_host_org_vector               ? 
_entity_src_gen.host_org_details                   ? 
_entity_src_gen.expression_system_id               ? 
_entity_src_gen.plasmid_name                       pET22b 
_entity_src_gen.plasmid_details                    ? 
_entity_src_gen.pdbx_description                   ? 
# 
loop_
_chem_comp.id 
_chem_comp.type 
_chem_comp.mon_nstd_flag 
_chem_comp.name 
_chem_comp.pdbx_synonyms 
_chem_comp.formula 
_chem_comp.formula_weight 
5GP non-polymer         . "GUANOSINE-5'-MONOPHOSPHATE" ? 'C10 H14 N5 O8 P' 363.221 
ALA 'L-peptide linking' y ALANINE                      ? 'C3 H7 N O2'      89.093  
ARG 'L-peptide linking' y ARGININE                     ? 'C6 H15 N4 O2 1'  175.209 
ASN 'L-peptide linking' y ASPARAGINE                   ? 'C4 H8 N2 O3'     132.118 
ASP 'L-peptide linking' y 'ASPARTIC ACID'              ? 'C4 H7 N O4'      133.103 
CYS 'L-peptide linking' y CYSTEINE                     ? 'C3 H7 N O2 S'    121.158 
GLN 'L-peptide linking' y GLUTAMINE                    ? 'C5 H10 N2 O3'    146.144 
GLU 'L-peptide linking' y 'GLUTAMIC ACID'              ? 'C5 H9 N O4'      147.129 
GLY 'peptide linking'   y GLYCINE                      ? 'C2 H5 N O2'      75.067  
HIS 'L-peptide linking' y HISTIDINE                    ? 'C6 H10 N3 O2 1'  156.162 
HOH non-polymer         . WATER                        ? 'H2 O'            18.015  
ILE 'L-peptide linking' y ISOLEUCINE                   ? 'C6 H13 N O2'     131.173 
LEU 'L-peptide linking' y LEUCINE                      ? 'C6 H13 N O2'     131.173 
LYS 'L-peptide linking' y LYSINE                       ? 'C6 H15 N2 O2 1'  147.195 
MET 'L-peptide linking' y METHIONINE                   ? 'C5 H11 N O2 S'   149.211 
PHE 'L-peptide linking' y PHENYLALANINE                ? 'C9 H11 N O2'     165.189 
PRO 'L-peptide linking' y PROLINE                      ? 'C5 H9 N O2'      115.130 
SER 'L-peptide linking' y SERINE                       ? 'C3 H7 N O3'      105.093 
THR 'L-peptide linking' y THREONINE                    ? 'C4 H9 N O3'      119.119 
TRP 'L-peptide linking' y TRYPTOPHAN                   ? 'C11 H12 N2 O2'   204.225 
TYR 'L-peptide linking' y TYROSINE                     ? 'C9 H11 N O3'     181.189 
VAL 'L-peptide linking' y VALINE                       ? 'C5 H11 N O2'     117.146 
# 
loop_
_pdbx_poly_seq_scheme.asym_id 
_pdbx_poly_seq_scheme.entity_id 
_pdbx_poly_seq_scheme.seq_id 
_pdbx_poly_seq_scheme.mon_id 
_pdbx_poly_seq_scheme.ndb_seq_num 
_pdbx_poly_seq_scheme.pdb_seq_num 
_pdbx_poly_seq_scheme.auth_seq_num 
_pdbx_poly_seq_scheme.pdb_mon_id 
_pdbx_poly_seq_scheme.auth_mon_id 
_pdbx_poly_seq_scheme.pdb_strand_id 
_pdbx_poly_seq_scheme.pdb_ins_code 
_pdbx_poly_seq_scheme.hetero 
A 1 1   SER 1   2   ?   ?   ?   A . n 
A 1 2   VAL 2   3   ?   ?   ?   A . n 
A 1 3   GLY 3   4   ?   ?   ?   A . n 
A 1 4   GLU 4   5   ?   ?   ?   A . n 
A 1 5   GLY 5   6   ?   ?   ?   A . n 
A 1 6   PRO 6   7   ?   ?   ?   A . n 
A 1 7   ASP 7   8   ?   ?   ?   A . n 
A 1 8   THR 8   9   ?   ?   ?   A . n 
A 1 9   LYS 9   10  ?   ?   ?   A . n 
A 1 10  PRO 10  11  ?   ?   ?   A . n 
A 1 11  THR 11  12  ?   ?   ?   A . n 
A 1 12  ALA 12  13  ?   ?   ?   A . n 
A 1 13  ARG 13  14  ?   ?   ?   A . n 
A 1 14  GLY 14  15  ?   ?   ?   A . n 
A 1 15  GLN 15  16  ?   ?   ?   A . n 
A 1 16  PRO 16  17  ?   ?   ?   A . n 
A 1 17  ALA 17  18  ?   ?   ?   A . n 
A 1 18  ALA 18  19  ?   ?   ?   A . n 
A 1 19  VAL 19  20  20  VAL VAL A . n 
A 1 20  GLY 20  21  21  GLY GLY A . n 
A 1 21  ARG 21  22  22  ARG ARG A . n 
A 1 22  VAL 22  23  23  VAL VAL A . n 
A 1 23  VAL 23  24  24  VAL VAL A . n 
A 1 24  VAL 24  25  25  VAL VAL A . n 
A 1 25  LEU 25  26  26  LEU LEU A . n 
A 1 26  SER 26  27  27  SER SER A . n 
A 1 27  GLY 27  28  28  GLY GLY A . n 
A 1 28  PRO 28  29  29  PRO PRO A . n 
A 1 29  SER 29  30  30  SER SER A . n 
A 1 30  ALA 30  31  31  ALA ALA A . n 
A 1 31  VAL 31  32  32  VAL VAL A . n 
A 1 32  GLY 32  33  33  GLY GLY A . n 
A 1 33  LYS 33  34  34  LYS LYS A . n 
A 1 34  SER 34  35  35  SER SER A . n 
A 1 35  THR 35  36  36  THR THR A . n 
A 1 36  VAL 36  37  37  VAL VAL A . n 
A 1 37  VAL 37  38  38  VAL VAL A . n 
A 1 38  ARG 38  39  39  ARG ARG A . n 
A 1 39  CYS 39  40  40  CYS CYS A . n 
A 1 40  LEU 40  41  41  LEU LEU A . n 
A 1 41  ARG 41  42  42  ARG ARG A . n 
A 1 42  GLU 42  43  43  GLU GLU A . n 
A 1 43  ARG 43  44  44  ARG ARG A . n 
A 1 44  ILE 44  45  45  ILE ILE A . n 
A 1 45  PRO 45  46  46  PRO PRO A . n 
A 1 46  ASN 46  47  47  ASN ASN A . n 
A 1 47  LEU 47  48  48  LEU LEU A . n 
A 1 48  HIS 48  49  49  HIS HIS A . n 
A 1 49  PHE 49  50  50  PHE PHE A . n 
A 1 50  SER 50  51  51  SER SER A . n 
A 1 51  VAL 51  52  52  VAL VAL A . n 
A 1 52  SER 52  53  53  SER SER A . n 
A 1 53  ALA 53  54  54  ALA ALA A . n 
A 1 54  THR 54  55  55  THR THR A . n 
A 1 55  THR 55  56  56  THR THR A . n 
A 1 56  ARG 56  57  57  ARG ARG A . n 
A 1 57  ALA 57  58  58  ALA ALA A . n 
A 1 58  PRO 58  59  59  PRO PRO A . n 
A 1 59  ARG 59  60  60  ARG ARG A . n 
A 1 60  PRO 60  61  61  PRO PRO A . n 
A 1 61  GLY 61  62  62  GLY GLY A . n 
A 1 62  GLU 62  63  63  GLU GLU A . n 
A 1 63  VAL 63  64  64  VAL VAL A . n 
A 1 64  ASP 64  65  65  ASP ASP A . n 
A 1 65  GLY 65  66  66  GLY GLY A . n 
A 1 66  VAL 66  67  67  VAL VAL A . n 
A 1 67  ASP 67  68  68  ASP ASP A . n 
A 1 68  TYR 68  69  69  TYR TYR A . n 
A 1 69  HIS 69  70  70  HIS HIS A . n 
A 1 70  PHE 70  71  71  PHE PHE A . n 
A 1 71  ILE 71  72  72  ILE ILE A . n 
A 1 72  ASP 72  73  73  ASP ASP A . n 
A 1 73  PRO 73  74  74  PRO PRO A . n 
A 1 74  THR 74  75  75  THR THR A . n 
A 1 75  ARG 75  76  76  ARG ARG A . n 
A 1 76  PHE 76  77  77  PHE PHE A . n 
A 1 77  GLN 77  78  78  GLN GLN A . n 
A 1 78  GLN 78  79  79  GLN GLN A . n 
A 1 79  LEU 79  80  80  LEU LEU A . n 
A 1 80  ILE 80  81  81  ILE ILE A . n 
A 1 81  ASP 81  82  82  ASP ASP A . n 
A 1 82  GLN 82  83  83  GLN GLN A . n 
A 1 83  GLY 83  84  84  GLY GLY A . n 
A 1 84  GLU 84  85  85  GLU GLU A . n 
A 1 85  LEU 85  86  86  LEU LEU A . n 
A 1 86  LEU 86  87  87  LEU LEU A . n 
A 1 87  GLU 87  88  88  GLU GLU A . n 
A 1 88  TRP 88  89  89  TRP TRP A . n 
A 1 89  ALA 89  90  90  ALA ALA A . n 
A 1 90  GLU 90  91  91  GLU GLU A . n 
A 1 91  ILE 91  92  92  ILE ILE A . n 
A 1 92  HIS 92  93  93  HIS HIS A . n 
A 1 93  GLY 93  94  94  GLY GLY A . n 
A 1 94  GLY 94  95  95  GLY GLY A . n 
A 1 95  LEU 95  96  96  LEU LEU A . n 
A 1 96  HIS 96  97  97  HIS HIS A . n 
A 1 97  ARG 97  98  98  ARG ARG A . n 
A 1 98  SER 98  99  99  SER SER A . n 
A 1 99  GLY 99  100 100 GLY GLY A . n 
A 1 100 THR 100 101 101 THR THR A . n 
A 1 101 LEU 101 102 102 LEU LEU A . n 
A 1 102 ALA 102 103 103 ALA ALA A . n 
A 1 103 GLN 103 104 104 GLN GLN A . n 
A 1 104 PRO 104 105 105 PRO PRO A . n 
A 1 105 VAL 105 106 106 VAL VAL A . n 
A 1 106 ARG 106 107 107 ARG ARG A . n 
A 1 107 ALA 107 108 108 ALA ALA A . n 
A 1 108 ALA 108 109 109 ALA ALA A . n 
A 1 109 ALA 109 110 110 ALA ALA A . n 
A 1 110 ALA 110 111 111 ALA ALA A . n 
A 1 111 THR 111 112 112 THR THR A . n 
A 1 112 GLY 112 113 113 GLY GLY A . n 
A 1 113 VAL 113 114 114 VAL VAL A . n 
A 1 114 PRO 114 115 115 PRO PRO A . n 
A 1 115 VAL 115 116 116 VAL VAL A . n 
A 1 116 LEU 116 117 117 LEU LEU A . n 
A 1 117 ILE 117 118 118 ILE ILE A . n 
A 1 118 GLU 118 119 119 GLU GLU A . n 
A 1 119 VAL 119 120 120 VAL VAL A . n 
A 1 120 ASP 120 121 121 ASP ASP A . n 
A 1 121 LEU 121 122 122 LEU LEU A . n 
A 1 122 ALA 122 123 123 ALA ALA A . n 
A 1 123 GLY 123 124 124 GLY GLY A . n 
A 1 124 ALA 124 125 125 ALA ALA A . n 
A 1 125 ARG 125 126 126 ARG ARG A . n 
A 1 126 ALA 126 127 127 ALA ALA A . n 
A 1 127 ILE 127 128 128 ILE ILE A . n 
A 1 128 LYS 128 129 129 LYS LYS A . n 
A 1 129 LYS 129 130 130 LYS LYS A . n 
A 1 130 THR 130 131 131 THR THR A . n 
A 1 131 MET 131 132 132 MET MET A . n 
A 1 132 PRO 132 133 133 PRO PRO A . n 
A 1 133 GLU 133 134 134 GLU GLU A . n 
A 1 134 ALA 134 135 135 ALA ALA A . n 
A 1 135 VAL 135 136 136 VAL VAL A . n 
A 1 136 THR 136 137 137 THR THR A . n 
A 1 137 VAL 137 138 138 VAL VAL A . n 
A 1 138 PHE 138 139 139 PHE PHE A . n 
A 1 139 LEU 139 140 140 LEU LEU A . n 
A 1 140 ALA 140 141 141 ALA ALA A . n 
A 1 141 PRO 141 142 142 PRO PRO A . n 
A 1 142 PRO 142 143 143 PRO PRO A . n 
A 1 143 SER 143 144 144 SER SER A . n 
A 1 144 TRP 144 145 145 TRP TRP A . n 
A 1 145 GLN 145 146 146 GLN GLN A . n 
A 1 146 ASP 146 147 147 ASP ASP A . n 
A 1 147 LEU 147 148 148 LEU LEU A . n 
A 1 148 GLN 148 149 149 GLN GLN A . n 
A 1 149 ALA 149 150 150 ALA ALA A . n 
A 1 150 ARG 150 151 151 ARG ARG A . n 
A 1 151 LEU 151 152 152 LEU LEU A . n 
A 1 152 ILE 152 153 153 ILE ILE A . n 
A 1 153 GLY 153 154 154 GLY GLY A . n 
A 1 154 ARG 154 155 155 ARG ARG A . n 
A 1 155 GLY 155 156 156 GLY GLY A . n 
A 1 156 THR 156 157 157 THR THR A . n 
A 1 157 GLU 157 158 158 GLU GLU A . n 
A 1 158 THR 158 159 159 THR THR A . n 
A 1 159 ALA 159 160 160 ALA ALA A . n 
A 1 160 ASP 160 161 161 ASP ASP A . n 
A 1 161 VAL 161 162 162 VAL VAL A . n 
A 1 162 ILE 162 163 163 ILE ILE A . n 
A 1 163 GLN 163 164 164 GLN GLN A . n 
A 1 164 ARG 164 165 165 ARG ARG A . n 
A 1 165 ARG 165 166 166 ARG ARG A . n 
A 1 166 LEU 166 167 167 LEU LEU A . n 
A 1 167 ASP 167 168 168 ASP ASP A . n 
A 1 168 THR 168 169 169 THR THR A . n 
A 1 169 ALA 169 170 170 ALA ALA A . n 
A 1 170 ARG 170 171 171 ARG ARG A . n 
A 1 171 ILE 171 172 172 ILE ILE A . n 
A 1 172 GLU 172 173 173 GLU GLU A . n 
A 1 173 LEU 173 174 174 LEU LEU A . n 
A 1 174 ALA 174 175 175 ALA ALA A . n 
A 1 175 ALA 175 176 176 ALA ALA A . n 
A 1 176 GLN 176 177 177 GLN GLN A . n 
A 1 177 GLY 177 178 178 GLY GLY A . n 
A 1 178 ASP 178 179 179 ASP ASP A . n 
A 1 179 PHE 179 180 180 PHE PHE A . n 
A 1 180 ASP 180 181 181 ASP ASP A . n 
A 1 181 LYS 181 182 182 LYS LYS A . n 
A 1 182 VAL 182 183 183 VAL VAL A . n 
A 1 183 VAL 183 184 184 VAL VAL A . n 
A 1 184 VAL 184 185 185 VAL VAL A . n 
A 1 185 ASN 185 186 186 ASN ASN A . n 
A 1 186 ARG 186 187 187 ARG ARG A . n 
A 1 187 ARG 187 188 188 ARG ARG A . n 
A 1 188 LEU 188 189 189 LEU LEU A . n 
A 1 189 GLU 189 190 190 GLU GLU A . n 
A 1 190 SER 190 191 191 SER SER A . n 
A 1 191 ALA 191 192 192 ALA ALA A . n 
A 1 192 CYS 192 193 193 CYS CYS A . n 
A 1 193 ALA 193 194 194 ALA ALA A . n 
A 1 194 GLU 194 195 195 GLU GLU A . n 
A 1 195 LEU 195 196 196 LEU LEU A . n 
A 1 196 VAL 196 197 197 VAL VAL A . n 
A 1 197 SER 197 198 198 SER SER A . n 
A 1 198 LEU 198 199 199 LEU LEU A . n 
A 1 199 LEU 199 200 200 LEU LEU A . n 
A 1 200 VAL 200 201 201 VAL VAL A . n 
A 1 201 GLY 201 202 ?   ?   ?   A . n 
A 1 202 THR 202 203 ?   ?   ?   A . n 
A 1 203 ALA 203 204 ?   ?   ?   A . n 
A 1 204 PRO 204 205 ?   ?   ?   A . n 
A 1 205 GLY 205 206 ?   ?   ?   A . n 
A 1 206 SER 206 207 ?   ?   ?   A . n 
A 1 207 PRO 207 208 ?   ?   ?   A . n 
# 
loop_
_pdbx_nonpoly_scheme.asym_id 
_pdbx_nonpoly_scheme.entity_id 
_pdbx_nonpoly_scheme.mon_id 
_pdbx_nonpoly_scheme.ndb_seq_num 
_pdbx_nonpoly_scheme.pdb_seq_num 
_pdbx_nonpoly_scheme.auth_seq_num 
_pdbx_nonpoly_scheme.pdb_mon_id 
_pdbx_nonpoly_scheme.auth_mon_id 
_pdbx_nonpoly_scheme.pdb_strand_id 
_pdbx_nonpoly_scheme.pdb_ins_code 
B 2 5GP 1  300 300 5GP 5GP A . 
C 3 HOH 1  301 1   HOH HOH A . 
C 3 HOH 2  302 2   HOH HOH A . 
C 3 HOH 3  303 3   HOH HOH A . 
C 3 HOH 4  304 4   HOH HOH A . 
C 3 HOH 5  305 5   HOH HOH A . 
C 3 HOH 6  306 6   HOH HOH A . 
C 3 HOH 7  307 7   HOH HOH A . 
C 3 HOH 8  308 8   HOH HOH A . 
C 3 HOH 9  309 9   HOH HOH A . 
C 3 HOH 10 310 10  HOH HOH A . 
C 3 HOH 11 311 11  HOH HOH A . 
C 3 HOH 12 312 12  HOH HOH A . 
C 3 HOH 13 313 13  HOH HOH A . 
C 3 HOH 14 314 14  HOH HOH A . 
C 3 HOH 15 315 15  HOH HOH A . 
C 3 HOH 16 316 16  HOH HOH A . 
C 3 HOH 17 317 17  HOH HOH A . 
C 3 HOH 18 318 18  HOH HOH A . 
C 3 HOH 19 319 19  HOH HOH A . 
C 3 HOH 20 320 20  HOH HOH A . 
C 3 HOH 21 321 21  HOH HOH A . 
C 3 HOH 22 322 22  HOH HOH A . 
C 3 HOH 23 323 23  HOH HOH A . 
C 3 HOH 24 324 24  HOH HOH A . 
C 3 HOH 25 325 25  HOH HOH A . 
C 3 HOH 26 326 26  HOH HOH A . 
C 3 HOH 27 327 27  HOH HOH A . 
C 3 HOH 28 328 28  HOH HOH A . 
C 3 HOH 29 329 29  HOH HOH A . 
C 3 HOH 30 330 30  HOH HOH A . 
C 3 HOH 31 331 31  HOH HOH A . 
C 3 HOH 32 332 32  HOH HOH A . 
C 3 HOH 33 333 33  HOH HOH A . 
C 3 HOH 34 334 34  HOH HOH A . 
C 3 HOH 35 335 35  HOH HOH A . 
C 3 HOH 36 336 36  HOH HOH A . 
C 3 HOH 37 337 37  HOH HOH A . 
C 3 HOH 38 338 38  HOH HOH A . 
C 3 HOH 39 339 39  HOH HOH A . 
C 3 HOH 40 340 40  HOH HOH A . 
C 3 HOH 41 341 41  HOH HOH A . 
C 3 HOH 42 342 42  HOH HOH A . 
C 3 HOH 43 343 43  HOH HOH A . 
C 3 HOH 44 344 44  HOH HOH A . 
C 3 HOH 45 345 45  HOH HOH A . 
C 3 HOH 46 346 46  HOH HOH A . 
C 3 HOH 47 347 47  HOH HOH A . 
C 3 HOH 48 348 48  HOH HOH A . 
C 3 HOH 49 349 49  HOH HOH A . 
C 3 HOH 50 350 50  HOH HOH A . 
C 3 HOH 51 351 51  HOH HOH A . 
C 3 HOH 52 352 52  HOH HOH A . 
C 3 HOH 53 353 53  HOH HOH A . 
C 3 HOH 54 354 54  HOH HOH A . 
C 3 HOH 55 355 55  HOH HOH A . 
C 3 HOH 56 356 56  HOH HOH A . 
C 3 HOH 57 357 57  HOH HOH A . 
C 3 HOH 58 358 58  HOH HOH A . 
C 3 HOH 59 359 59  HOH HOH A . 
C 3 HOH 60 360 60  HOH HOH A . 
C 3 HOH 61 361 61  HOH HOH A . 
C 3 HOH 62 362 62  HOH HOH A . 
C 3 HOH 63 363 63  HOH HOH A . 
C 3 HOH 64 364 64  HOH HOH A . 
C 3 HOH 65 365 65  HOH HOH A . 
C 3 HOH 66 366 66  HOH HOH A . 
C 3 HOH 67 367 67  HOH HOH A . 
C 3 HOH 68 368 68  HOH HOH A . 
# 
loop_
_software.name 
_software.classification 
_software.version 
_software.citation_id 
_software.pdbx_ordinal 
REFMAC refinement       5.2.0005   ? 1 
XDS    'data reduction' .          ? 2 
XDS    'data scaling'   .          ? 3 
XSCALE 'data scaling'   .          ? 4 
CCP4   phasing          '(MOLREP)' ? 5 
# 
_cell.entry_id           1ZNX 
_cell.length_a           112.231 
_cell.length_b           112.231 
_cell.length_c           112.231 
_cell.angle_alpha        90.00 
_cell.angle_beta         90.00 
_cell.angle_gamma        90.00 
_cell.Z_PDB              24 
_cell.pdbx_unique_axis   ? 
# 
_symmetry.entry_id                         1ZNX 
_symmetry.space_group_name_H-M             'I 2 3' 
_symmetry.pdbx_full_space_group_name_H-M   ? 
_symmetry.cell_setting                     ? 
_symmetry.Int_Tables_number                197 
_symmetry.space_group_name_Hall            ? 
# 
_exptl.entry_id          1ZNX 
_exptl.method            'X-RAY DIFFRACTION' 
_exptl.crystals_number   1 
# 
_exptl_crystal.id                    1 
_exptl_crystal.density_meas          ? 
_exptl_crystal.density_Matthews      2.68 
_exptl_crystal.density_percent_sol   54.05 
_exptl_crystal.description           ? 
_exptl_crystal.F_000                 ? 
_exptl_crystal.preparation           ? 
# 
_exptl_crystal_grow.crystal_id      1 
_exptl_crystal_grow.method          'VAPOR DIFFUSION, HANGING DROP' 
_exptl_crystal_grow.temp            293.0 
_exptl_crystal_grow.temp_details    ? 
_exptl_crystal_grow.pH              9.0 
_exptl_crystal_grow.pdbx_details    
'15% (w/v) xylitol, 3.5M sodium chloride, 0.1M bicine, pH 9.0, VAPOR DIFFUSION, HANGING DROP, temperature 293.0K' 
_exptl_crystal_grow.pdbx_pH_range   . 
# 
_diffrn.id                     1 
_diffrn.ambient_temp           100 
_diffrn.ambient_temp_details   ? 
_diffrn.crystal_id             1 
# 
_diffrn_detector.diffrn_id              1 
_diffrn_detector.detector               CCD 
_diffrn_detector.type                   'ADSC QUANTUM 4' 
_diffrn_detector.pdbx_collection_date   2003-12-12 
_diffrn_detector.details                mirrors 
# 
_diffrn_radiation.diffrn_id                        1 
_diffrn_radiation.wavelength_id                    1 
_diffrn_radiation.pdbx_monochromatic_or_laue_m_l   M 
_diffrn_radiation.monochromator                    'Si(311) monochromator crystal' 
_diffrn_radiation.pdbx_diffrn_protocol             'SINGLE WAVELENGTH' 
_diffrn_radiation.pdbx_scattering_type             x-ray 
# 
_diffrn_radiation_wavelength.id           1 
_diffrn_radiation_wavelength.wavelength   0.9756 
_diffrn_radiation_wavelength.wt           1.0 
# 
_diffrn_source.diffrn_id                   1 
_diffrn_source.source                      SYNCHROTRON 
_diffrn_source.type                        'ESRF BEAMLINE ID29' 
_diffrn_source.pdbx_synchrotron_site       ESRF 
_diffrn_source.pdbx_synchrotron_beamline   ID29 
_diffrn_source.pdbx_wavelength             ? 
_diffrn_source.pdbx_wavelength_list        0.9756 
# 
_reflns.entry_id                     1ZNX 
_reflns.observed_criterion_sigma_F   0.0 
_reflns.observed_criterion_sigma_I   0.0 
_reflns.d_resolution_high            2.35 
_reflns.d_resolution_low             19.5 
_reflns.number_all                   9932 
_reflns.number_obs                   9932 
_reflns.percent_possible_obs         99.6 
_reflns.pdbx_Rmerge_I_obs            ? 
_reflns.pdbx_Rsym_value              0.07 
_reflns.pdbx_netI_over_sigmaI        30.7 
_reflns.B_iso_Wilson_estimate        50.2 
_reflns.pdbx_redundancy              21.9 
_reflns.R_free_details               ? 
_reflns.limit_h_max                  ? 
_reflns.limit_h_min                  ? 
_reflns.limit_k_max                  ? 
_reflns.limit_k_min                  ? 
_reflns.limit_l_max                  ? 
_reflns.limit_l_min                  ? 
_reflns.observed_criterion_F_max     ? 
_reflns.observed_criterion_F_min     ? 
_reflns.pdbx_chi_squared             ? 
_reflns.pdbx_scaling_rejects         ? 
_reflns.pdbx_ordinal                 1 
_reflns.pdbx_diffrn_id               1 
# 
_reflns_shell.d_res_high             2.35 
_reflns_shell.d_res_low              2.41 
_reflns_shell.percent_possible_all   100 
_reflns_shell.Rmerge_I_obs           ? 
_reflns_shell.pdbx_Rsym_value        0.442 
_reflns_shell.meanI_over_sigI_obs    8.9 
_reflns_shell.pdbx_redundancy        22.2 
_reflns_shell.percent_possible_obs   ? 
_reflns_shell.number_unique_all      720 
_reflns_shell.number_measured_all    ? 
_reflns_shell.number_measured_obs    ? 
_reflns_shell.number_unique_obs      ? 
_reflns_shell.pdbx_chi_squared       ? 
_reflns_shell.pdbx_ordinal           1 
_reflns_shell.pdbx_diffrn_id         1 
# 
_refine.entry_id                                 1ZNX 
_refine.ls_number_reflns_obs                     9932 
_refine.ls_number_reflns_all                     9932 
_refine.pdbx_ls_sigma_I                          ? 
_refine.pdbx_ls_sigma_F                          0.0 
_refine.pdbx_data_cutoff_high_absF               ? 
_refine.pdbx_data_cutoff_low_absF                ? 
_refine.pdbx_data_cutoff_high_rms_absF           ? 
_refine.ls_d_res_low                             19.25 
_refine.ls_d_res_high                            2.35 
_refine.ls_percent_reflns_obs                    99.90 
_refine.ls_R_factor_obs                          0.18302 
_refine.ls_R_factor_all                          ? 
_refine.ls_R_factor_R_work                       0.18047 
_refine.ls_R_factor_R_free                       0.23131 
_refine.ls_R_factor_R_free_error                 ? 
_refine.ls_R_factor_R_free_error_details         ? 
_refine.ls_percent_reflns_R_free                 5.0 
_refine.ls_number_reflns_R_free                  493 
_refine.ls_number_parameters                     ? 
_refine.ls_number_restraints                     ? 
_refine.occupancy_min                            ? 
_refine.occupancy_max                            ? 
_refine.correlation_coeff_Fo_to_Fc               0.959 
_refine.correlation_coeff_Fo_to_Fc_free          0.933 
_refine.B_iso_mean                               36.736 
_refine.aniso_B[1][1]                            ? 
_refine.aniso_B[2][2]                            ? 
_refine.aniso_B[3][3]                            ? 
_refine.aniso_B[1][2]                            ? 
_refine.aniso_B[1][3]                            ? 
_refine.aniso_B[2][3]                            ? 
_refine.solvent_model_details                    MASK 
_refine.solvent_model_param_ksol                 ? 
_refine.solvent_model_param_bsol                 ? 
_refine.pdbx_solvent_vdw_probe_radii             1.20 
_refine.pdbx_solvent_ion_probe_radii             0.80 
_refine.pdbx_solvent_shrinkage_radii             0.80 
_refine.pdbx_ls_cross_valid_method               THROUGHOUT 
_refine.details                                  'HYDROGENS HAVE BEEN ADDED IN THE RIDING POSITIONS' 
_refine.pdbx_starting_model                      1ZNW 
_refine.pdbx_method_to_determine_struct          'MOLECULAR REPLACEMENT' 
_refine.pdbx_isotropic_thermal_model             isotropic 
_refine.pdbx_stereochemistry_target_values       'MAXIMUM LIKELIHOOD' 
_refine.pdbx_stereochem_target_val_spec_case     ? 
_refine.pdbx_R_Free_selection_details            RANDOM 
_refine.pdbx_overall_ESU_R                       0.279 
_refine.pdbx_overall_ESU_R_Free                  0.219 
_refine.overall_SU_ML                            0.171 
_refine.overall_SU_B                             13.929 
_refine.ls_redundancy_reflns_obs                 ? 
_refine.B_iso_min                                ? 
_refine.B_iso_max                                ? 
_refine.overall_SU_R_Cruickshank_DPI             ? 
_refine.overall_SU_R_free                        ? 
_refine.ls_wR_factor_R_free                      ? 
_refine.ls_wR_factor_R_work                      ? 
_refine.overall_FOM_free_R_set                   ? 
_refine.overall_FOM_work_R_set                   ? 
_refine.pdbx_refine_id                           'X-RAY DIFFRACTION' 
_refine.pdbx_TLS_residual_ADP_flag               'LIKELY RESIDUAL' 
_refine.pdbx_diffrn_id                           1 
_refine.pdbx_overall_phase_error                 ? 
_refine.pdbx_overall_SU_R_free_Cruickshank_DPI   ? 
_refine.pdbx_overall_SU_R_Blow_DPI               ? 
_refine.pdbx_overall_SU_R_free_Blow_DPI          ? 
# 
_refine_hist.pdbx_refine_id                   'X-RAY DIFFRACTION' 
_refine_hist.cycle_id                         LAST 
_refine_hist.pdbx_number_atoms_protein        1385 
_refine_hist.pdbx_number_atoms_nucleic_acid   0 
_refine_hist.pdbx_number_atoms_ligand         24 
_refine_hist.number_atoms_solvent             68 
_refine_hist.number_atoms_total               1477 
_refine_hist.d_res_high                       2.35 
_refine_hist.d_res_low                        19.25 
# 
loop_
_refine_ls_restr.type 
_refine_ls_restr.dev_ideal 
_refine_ls_restr.dev_ideal_target 
_refine_ls_restr.weight 
_refine_ls_restr.number 
_refine_ls_restr.pdbx_refine_id 
_refine_ls_restr.pdbx_restraint_function 
r_bond_refined_d         0.013  0.022  ? 1435 'X-RAY DIFFRACTION' ? 
r_angle_refined_deg      1.520  1.989  ? 1958 'X-RAY DIFFRACTION' ? 
r_dihedral_angle_1_deg   5.957  5.000  ? 181  'X-RAY DIFFRACTION' ? 
r_dihedral_angle_2_deg   34.451 22.333 ? 60   'X-RAY DIFFRACTION' ? 
r_dihedral_angle_3_deg   17.316 15.000 ? 232  'X-RAY DIFFRACTION' ? 
r_dihedral_angle_4_deg   17.984 15.000 ? 17   'X-RAY DIFFRACTION' ? 
r_chiral_restr           0.091  0.200  ? 233  'X-RAY DIFFRACTION' ? 
r_gen_planes_refined     0.005  0.020  ? 1072 'X-RAY DIFFRACTION' ? 
r_nbd_refined            0.193  0.200  ? 554  'X-RAY DIFFRACTION' ? 
r_nbtor_refined          0.295  0.200  ? 978  'X-RAY DIFFRACTION' ? 
r_xyhbond_nbd_refined    0.180  0.200  ? 83   'X-RAY DIFFRACTION' ? 
r_symmetry_vdw_refined   0.200  0.200  ? 30   'X-RAY DIFFRACTION' ? 
r_symmetry_hbond_refined 0.087  0.200  ? 4    'X-RAY DIFFRACTION' ? 
r_mcbond_it              0.870  1.500  ? 931  'X-RAY DIFFRACTION' ? 
r_mcangle_it             1.044  2.000  ? 1462 'X-RAY DIFFRACTION' ? 
r_scbond_it              2.046  3.000  ? 572  'X-RAY DIFFRACTION' ? 
r_scangle_it             3.426  4.500  ? 496  'X-RAY DIFFRACTION' ? 
# 
_refine_ls_shell.pdbx_total_number_of_bins_used   20 
_refine_ls_shell.d_res_high                       2.350 
_refine_ls_shell.d_res_low                        2.411 
_refine_ls_shell.number_reflns_R_work             686 
_refine_ls_shell.R_factor_R_work                  0.218 
_refine_ls_shell.percent_reflns_obs               100.0 
_refine_ls_shell.R_factor_R_free                  0.222 
_refine_ls_shell.R_factor_R_free_error            ? 
_refine_ls_shell.percent_reflns_R_free            ? 
_refine_ls_shell.number_reflns_R_free             34 
_refine_ls_shell.number_reflns_obs                720 
_refine_ls_shell.redundancy_reflns_obs            ? 
_refine_ls_shell.number_reflns_all                ? 
_refine_ls_shell.R_factor_all                     ? 
_refine_ls_shell.pdbx_refine_id                   'X-RAY DIFFRACTION' 
# 
_struct.entry_id                  1ZNX 
_struct.title                     'Crystal Structure Of Mycobacterium tuberculosis Guanylate Kinase In Complex With GMP' 
_struct.pdbx_model_details        ? 
_struct.pdbx_CASP_flag            ? 
_struct.pdbx_model_type_details   ? 
# 
_struct_keywords.entry_id        1ZNX 
_struct_keywords.pdbx_keywords   TRANSFERASE 
_struct_keywords.text            'Guanylate kinase, GMP kinase, ATP:GMP-phosphotransferase, Transferase' 
# 
loop_
_struct_asym.id 
_struct_asym.pdbx_blank_PDB_chainid_flag 
_struct_asym.pdbx_modified 
_struct_asym.entity_id 
_struct_asym.details 
A N N 1 ? 
B N N 2 ? 
C N N 3 ? 
# 
_struct_ref.id                         1 
_struct_ref.db_name                    UNP 
_struct_ref.db_code                    KGUA_MYCTU 
_struct_ref.pdbx_db_accession          P0A5I4 
_struct_ref.entity_id                  1 
_struct_ref.pdbx_seq_one_letter_code   
;SVGEGPDTKPTARGQPAAVGRVVVLSGPSAVGKSTVVRCLRERIPNLHFSVSATTRAPRPGEVDGVDYHFIDPTRFQQLI
DQGELLEWAEIHGGLHRSGTLAQPVRAAAATGVPVLIEVDLAGARAIKKTMPEAVTVFLAPPSWQDLQARLIGRGTETAD
VIQRRLDTARIELAAQGDFDKVVVNRRLESACAELVSLLVGTAPGSP
;
_struct_ref.pdbx_align_begin           2 
_struct_ref.pdbx_db_isoform            ? 
# 
_struct_ref_seq.align_id                      1 
_struct_ref_seq.ref_id                        1 
_struct_ref_seq.pdbx_PDB_id_code              1ZNX 
_struct_ref_seq.pdbx_strand_id                A 
_struct_ref_seq.seq_align_beg                 1 
_struct_ref_seq.pdbx_seq_align_beg_ins_code   ? 
_struct_ref_seq.seq_align_end                 207 
_struct_ref_seq.pdbx_seq_align_end_ins_code   ? 
_struct_ref_seq.pdbx_db_accession             P0A5I4 
_struct_ref_seq.db_align_beg                  2 
_struct_ref_seq.pdbx_db_align_beg_ins_code    ? 
_struct_ref_seq.db_align_end                  208 
_struct_ref_seq.pdbx_db_align_end_ins_code    ? 
_struct_ref_seq.pdbx_auth_seq_align_beg       2 
_struct_ref_seq.pdbx_auth_seq_align_end       208 
# 
_pdbx_struct_assembly.id                   1 
_pdbx_struct_assembly.details              author_defined_assembly 
_pdbx_struct_assembly.method_details       ? 
_pdbx_struct_assembly.oligomeric_details   monomeric 
_pdbx_struct_assembly.oligomeric_count     1 
# 
_pdbx_struct_assembly_gen.assembly_id       1 
_pdbx_struct_assembly_gen.oper_expression   1 
_pdbx_struct_assembly_gen.asym_id_list      A,B,C 
# 
_pdbx_struct_oper_list.id                   1 
_pdbx_struct_oper_list.type                 'identity operation' 
_pdbx_struct_oper_list.name                 1_555 
_pdbx_struct_oper_list.symmetry_operation   x,y,z 
_pdbx_struct_oper_list.matrix[1][1]         1.0000000000 
_pdbx_struct_oper_list.matrix[1][2]         0.0000000000 
_pdbx_struct_oper_list.matrix[1][3]         0.0000000000 
_pdbx_struct_oper_list.vector[1]            0.0000000000 
_pdbx_struct_oper_list.matrix[2][1]         0.0000000000 
_pdbx_struct_oper_list.matrix[2][2]         1.0000000000 
_pdbx_struct_oper_list.matrix[2][3]         0.0000000000 
_pdbx_struct_oper_list.vector[2]            0.0000000000 
_pdbx_struct_oper_list.matrix[3][1]         0.0000000000 
_pdbx_struct_oper_list.matrix[3][2]         0.0000000000 
_pdbx_struct_oper_list.matrix[3][3]         1.0000000000 
_pdbx_struct_oper_list.vector[3]            0.0000000000 
# 
_struct_biol.id                    1 
_struct_biol.details               'The biological unit is monomeric' 
_struct_biol.pdbx_parent_biol_id   ? 
# 
loop_
_struct_conf.conf_type_id 
_struct_conf.id 
_struct_conf.pdbx_PDB_helix_id 
_struct_conf.beg_label_comp_id 
_struct_conf.beg_label_asym_id 
_struct_conf.beg_label_seq_id 
_struct_conf.pdbx_beg_PDB_ins_code 
_struct_conf.end_label_comp_id 
_struct_conf.end_label_asym_id 
_struct_conf.end_label_seq_id 
_struct_conf.pdbx_end_PDB_ins_code 
_struct_conf.beg_auth_comp_id 
_struct_conf.beg_auth_asym_id 
_struct_conf.beg_auth_seq_id 
_struct_conf.end_auth_comp_id 
_struct_conf.end_auth_asym_id 
_struct_conf.end_auth_seq_id 
_struct_conf.pdbx_PDB_helix_class 
_struct_conf.details 
_struct_conf.pdbx_PDB_helix_length 
HELX_P HELX_P1 1 LYS A 33  ? ILE A 44  ? LYS A 34  ILE A 45  1 ? 12 
HELX_P HELX_P2 2 ASP A 72  ? GLN A 82  ? ASP A 73  GLN A 83  1 ? 11 
HELX_P HELX_P3 3 ALA A 102 ? GLY A 112 ? ALA A 103 GLY A 113 1 ? 11 
HELX_P HELX_P4 4 ASP A 120 ? MET A 131 ? ASP A 121 MET A 132 1 ? 12 
HELX_P HELX_P5 5 SER A 143 ? GLY A 153 ? SER A 144 GLY A 154 1 ? 11 
HELX_P HELX_P6 6 THR A 158 ? ALA A 174 ? THR A 159 ALA A 175 1 ? 17 
HELX_P HELX_P7 7 ALA A 175 ? PHE A 179 ? ALA A 176 PHE A 180 5 ? 5  
HELX_P HELX_P8 8 ARG A 187 ? VAL A 200 ? ARG A 188 VAL A 201 1 ? 14 
# 
_struct_conf_type.id          HELX_P 
_struct_conf_type.criteria    ? 
_struct_conf_type.reference   ? 
# 
_struct_conn.id                            disulf1 
_struct_conn.conn_type_id                  disulf 
_struct_conn.pdbx_leaving_atom_flag        ? 
_struct_conn.pdbx_PDB_id                   ? 
_struct_conn.ptnr1_label_asym_id           A 
_struct_conn.ptnr1_label_comp_id           CYS 
_struct_conn.ptnr1_label_seq_id            39 
_struct_conn.ptnr1_label_atom_id           SG 
_struct_conn.pdbx_ptnr1_label_alt_id       ? 
_struct_conn.pdbx_ptnr1_PDB_ins_code       ? 
_struct_conn.pdbx_ptnr1_standard_comp_id   ? 
_struct_conn.ptnr1_symmetry                1_555 
_struct_conn.ptnr2_label_asym_id           A 
_struct_conn.ptnr2_label_comp_id           CYS 
_struct_conn.ptnr2_label_seq_id            192 
_struct_conn.ptnr2_label_atom_id           SG 
_struct_conn.pdbx_ptnr2_label_alt_id       ? 
_struct_conn.pdbx_ptnr2_PDB_ins_code       ? 
_struct_conn.ptnr1_auth_asym_id            A 
_struct_conn.ptnr1_auth_comp_id            CYS 
_struct_conn.ptnr1_auth_seq_id             40 
_struct_conn.ptnr2_auth_asym_id            A 
_struct_conn.ptnr2_auth_comp_id            CYS 
_struct_conn.ptnr2_auth_seq_id             193 
_struct_conn.ptnr2_symmetry                1_555 
_struct_conn.pdbx_ptnr3_label_atom_id      ? 
_struct_conn.pdbx_ptnr3_label_seq_id       ? 
_struct_conn.pdbx_ptnr3_label_comp_id      ? 
_struct_conn.pdbx_ptnr3_label_asym_id      ? 
_struct_conn.pdbx_ptnr3_label_alt_id       ? 
_struct_conn.pdbx_ptnr3_PDB_ins_code       ? 
_struct_conn.details                       ? 
_struct_conn.pdbx_dist_value               2.074 
_struct_conn.pdbx_value_order              ? 
_struct_conn.pdbx_role                     ? 
# 
_struct_conn_type.id          disulf 
_struct_conn_type.criteria    ? 
_struct_conn_type.reference   ? 
# 
_pdbx_modification_feature.ordinal                            1 
_pdbx_modification_feature.label_comp_id                      CYS 
_pdbx_modification_feature.label_asym_id                      A 
_pdbx_modification_feature.label_seq_id                       39 
_pdbx_modification_feature.label_alt_id                       ? 
_pdbx_modification_feature.modified_residue_label_comp_id     CYS 
_pdbx_modification_feature.modified_residue_label_asym_id     A 
_pdbx_modification_feature.modified_residue_label_seq_id      192 
_pdbx_modification_feature.modified_residue_label_alt_id      ? 
_pdbx_modification_feature.auth_comp_id                       CYS 
_pdbx_modification_feature.auth_asym_id                       A 
_pdbx_modification_feature.auth_seq_id                        40 
_pdbx_modification_feature.PDB_ins_code                       ? 
_pdbx_modification_feature.symmetry                           1_555 
_pdbx_modification_feature.modified_residue_auth_comp_id      CYS 
_pdbx_modification_feature.modified_residue_auth_asym_id      A 
_pdbx_modification_feature.modified_residue_auth_seq_id       193 
_pdbx_modification_feature.modified_residue_PDB_ins_code      ? 
_pdbx_modification_feature.modified_residue_symmetry          1_555 
_pdbx_modification_feature.comp_id_linking_atom               SG 
_pdbx_modification_feature.modified_residue_id_linking_atom   SG 
_pdbx_modification_feature.modified_residue_id                . 
_pdbx_modification_feature.ref_pcm_id                         . 
_pdbx_modification_feature.ref_comp_id                        . 
_pdbx_modification_feature.type                               None 
_pdbx_modification_feature.category                           'Disulfide bridge' 
# 
loop_
_struct_sheet.id 
_struct_sheet.type 
_struct_sheet.number_strands 
_struct_sheet.details 
A ? 5 ? 
B ? 4 ? 
# 
loop_
_struct_sheet_order.sheet_id 
_struct_sheet_order.range_id_1 
_struct_sheet_order.range_id_2 
_struct_sheet_order.offset 
_struct_sheet_order.sense 
A 1 2 ? parallel      
A 2 3 ? parallel      
A 3 4 ? parallel      
A 4 5 ? parallel      
B 1 2 ? parallel      
B 2 3 ? anti-parallel 
B 3 4 ? anti-parallel 
# 
loop_
_struct_sheet_range.sheet_id 
_struct_sheet_range.id 
_struct_sheet_range.beg_label_comp_id 
_struct_sheet_range.beg_label_asym_id 
_struct_sheet_range.beg_label_seq_id 
_struct_sheet_range.pdbx_beg_PDB_ins_code 
_struct_sheet_range.end_label_comp_id 
_struct_sheet_range.end_label_asym_id 
_struct_sheet_range.end_label_seq_id 
_struct_sheet_range.pdbx_end_PDB_ins_code 
_struct_sheet_range.beg_auth_comp_id 
_struct_sheet_range.beg_auth_asym_id 
_struct_sheet_range.beg_auth_seq_id 
_struct_sheet_range.end_auth_comp_id 
_struct_sheet_range.end_auth_asym_id 
_struct_sheet_range.end_auth_seq_id 
A 1 HIS A 48  ? PHE A 49  ? HIS A 49  PHE A 50  
A 2 VAL A 115 ? GLU A 118 ? VAL A 116 GLU A 119 
A 3 VAL A 22  ? SER A 26  ? VAL A 23  SER A 27  
A 4 VAL A 135 ? ALA A 140 ? VAL A 136 ALA A 141 
A 5 LYS A 181 ? VAL A 184 ? LYS A 182 VAL A 185 
B 1 HIS A 69  ? PHE A 70  ? HIS A 70  PHE A 71  
B 2 ALA A 53  ? THR A 54  ? ALA A 54  THR A 55  
B 3 HIS A 96  ? LEU A 101 ? HIS A 97  LEU A 102 
B 4 LEU A 85  ? ILE A 91  ? LEU A 86  ILE A 92  
# 
loop_
_pdbx_struct_sheet_hbond.sheet_id 
_pdbx_struct_sheet_hbond.range_id_1 
_pdbx_struct_sheet_hbond.range_id_2 
_pdbx_struct_sheet_hbond.range_1_label_atom_id 
_pdbx_struct_sheet_hbond.range_1_label_comp_id 
_pdbx_struct_sheet_hbond.range_1_label_asym_id 
_pdbx_struct_sheet_hbond.range_1_label_seq_id 
_pdbx_struct_sheet_hbond.range_1_PDB_ins_code 
_pdbx_struct_sheet_hbond.range_1_auth_atom_id 
_pdbx_struct_sheet_hbond.range_1_auth_comp_id 
_pdbx_struct_sheet_hbond.range_1_auth_asym_id 
_pdbx_struct_sheet_hbond.range_1_auth_seq_id 
_pdbx_struct_sheet_hbond.range_2_label_atom_id 
_pdbx_struct_sheet_hbond.range_2_label_comp_id 
_pdbx_struct_sheet_hbond.range_2_label_asym_id 
_pdbx_struct_sheet_hbond.range_2_label_seq_id 
_pdbx_struct_sheet_hbond.range_2_PDB_ins_code 
_pdbx_struct_sheet_hbond.range_2_auth_atom_id 
_pdbx_struct_sheet_hbond.range_2_auth_comp_id 
_pdbx_struct_sheet_hbond.range_2_auth_asym_id 
_pdbx_struct_sheet_hbond.range_2_auth_seq_id 
A 1 2 N HIS A 48  ? N HIS A 49  O LEU A 116 ? O LEU A 117 
A 2 3 O ILE A 117 ? O ILE A 118 N LEU A 25  ? N LEU A 26  
A 3 4 N VAL A 24  ? N VAL A 25  O VAL A 137 ? O VAL A 138 
A 4 5 N ALA A 140 ? N ALA A 141 O VAL A 183 ? O VAL A 184 
B 1 2 O HIS A 69  ? O HIS A 70  N THR A 54  ? N THR A 55  
B 2 3 N ALA A 53  ? N ALA A 54  O GLY A 99  ? O GLY A 100 
B 3 4 O HIS A 96  ? O HIS A 97  N ILE A 91  ? N ILE A 92  
# 
_struct_site.id                   AC1 
_struct_site.pdbx_evidence_code   Software 
_struct_site.pdbx_auth_asym_id    A 
_struct_site.pdbx_auth_comp_id    5GP 
_struct_site.pdbx_auth_seq_id     300 
_struct_site.pdbx_auth_ins_code   ? 
_struct_site.pdbx_num_residues    12 
_struct_site.details              'BINDING SITE FOR RESIDUE 5GP A 300' 
# 
loop_
_struct_site_gen.id 
_struct_site_gen.site_id 
_struct_site_gen.pdbx_num_res 
_struct_site_gen.label_comp_id 
_struct_site_gen.label_asym_id 
_struct_site_gen.label_seq_id 
_struct_site_gen.pdbx_auth_ins_code 
_struct_site_gen.auth_comp_id 
_struct_site_gen.auth_asym_id 
_struct_site_gen.auth_seq_id 
_struct_site_gen.label_atom_id 
_struct_site_gen.label_alt_id 
_struct_site_gen.symmetry 
_struct_site_gen.details 
1  AC1 12 SER A 52 ? SER A 53  . ? 1_555 ? 
2  AC1 12 ARG A 56 ? ARG A 57  . ? 1_555 ? 
3  AC1 12 ARG A 59 ? ARG A 60  . ? 1_555 ? 
4  AC1 12 TYR A 68 ? TYR A 69  . ? 1_555 ? 
5  AC1 12 GLU A 87 ? GLU A 88  . ? 1_555 ? 
6  AC1 12 ALA A 89 ? ALA A 90  . ? 1_555 ? 
7  AC1 12 ILE A 91 ? ILE A 92  . ? 1_555 ? 
8  AC1 12 SER A 98 ? SER A 99  . ? 1_555 ? 
9  AC1 12 GLY A 99 ? GLY A 100 . ? 1_555 ? 
10 AC1 12 HOH C .  ? HOH A 317 . ? 1_555 ? 
11 AC1 12 HOH C .  ? HOH A 321 . ? 1_555 ? 
12 AC1 12 HOH C .  ? HOH A 328 . ? 1_555 ? 
# 
_pdbx_entry_details.entry_id                   1ZNX 
_pdbx_entry_details.compound_details           ? 
_pdbx_entry_details.source_details             ? 
_pdbx_entry_details.nonpolymer_details         ? 
_pdbx_entry_details.sequence_details           ? 
_pdbx_entry_details.has_ligand_of_interest     ? 
_pdbx_entry_details.has_protein_modification   Y 
# 
loop_
_pdbx_validate_torsion.id 
_pdbx_validate_torsion.PDB_model_num 
_pdbx_validate_torsion.auth_comp_id 
_pdbx_validate_torsion.auth_asym_id 
_pdbx_validate_torsion.auth_seq_id 
_pdbx_validate_torsion.PDB_ins_code 
_pdbx_validate_torsion.label_alt_id 
_pdbx_validate_torsion.phi 
_pdbx_validate_torsion.psi 
1 1 SER A 30 ? ? -44.66  -17.54 
2 1 ALA A 31 ? ? -159.08 57.06  
# 
_pdbx_validate_chiral.id              1 
_pdbx_validate_chiral.PDB_model_num   1 
_pdbx_validate_chiral.auth_atom_id    "C4'" 
_pdbx_validate_chiral.label_alt_id    ? 
_pdbx_validate_chiral.auth_asym_id    A 
_pdbx_validate_chiral.auth_comp_id    5GP 
_pdbx_validate_chiral.auth_seq_id     300 
_pdbx_validate_chiral.PDB_ins_code    ? 
_pdbx_validate_chiral.details         'WRONG HAND' 
_pdbx_validate_chiral.omega           . 
# 
loop_
_pdbx_struct_special_symmetry.id 
_pdbx_struct_special_symmetry.PDB_model_num 
_pdbx_struct_special_symmetry.auth_asym_id 
_pdbx_struct_special_symmetry.auth_comp_id 
_pdbx_struct_special_symmetry.auth_seq_id 
_pdbx_struct_special_symmetry.PDB_ins_code 
_pdbx_struct_special_symmetry.label_asym_id 
_pdbx_struct_special_symmetry.label_comp_id 
_pdbx_struct_special_symmetry.label_seq_id 
1 1 A HOH 314 ? C HOH . 
2 1 A HOH 341 ? C HOH . 
# 
loop_
_pdbx_refine_tls.id 
_pdbx_refine_tls.details 
_pdbx_refine_tls.method 
_pdbx_refine_tls.origin_x 
_pdbx_refine_tls.origin_y 
_pdbx_refine_tls.origin_z 
_pdbx_refine_tls.T[1][1] 
_pdbx_refine_tls.T[2][2] 
_pdbx_refine_tls.T[3][3] 
_pdbx_refine_tls.T[1][2] 
_pdbx_refine_tls.T[1][3] 
_pdbx_refine_tls.T[2][3] 
_pdbx_refine_tls.L[1][1] 
_pdbx_refine_tls.L[2][2] 
_pdbx_refine_tls.L[3][3] 
_pdbx_refine_tls.L[1][2] 
_pdbx_refine_tls.L[1][3] 
_pdbx_refine_tls.L[2][3] 
_pdbx_refine_tls.S[1][1] 
_pdbx_refine_tls.S[1][2] 
_pdbx_refine_tls.S[1][3] 
_pdbx_refine_tls.S[2][1] 
_pdbx_refine_tls.S[2][2] 
_pdbx_refine_tls.S[2][3] 
_pdbx_refine_tls.S[3][1] 
_pdbx_refine_tls.S[3][2] 
_pdbx_refine_tls.S[3][3] 
_pdbx_refine_tls.pdbx_refine_id 
1 ? refined -4.7528 -2.7218 4.9013  -0.0641 -0.0116 -0.0390 -0.0320 0.0113 0.0076  2.0874 4.8700 4.1829 -1.5343 -1.2343 0.3023  -0.0888 0.0782 -0.1362 0.1555  0.0531  0.1279  -0.3080 -0.0794 0.0356  'X-RAY DIFFRACTION' 
2 ? refined 8.8043  -7.9370 -8.4510 -0.0118 0.0652  -0.0474 0.0129  0.0684 -0.0283 8.2322 3.5269 7.8452 0.1228  0.7279  -4.1298 0.0198  0.4200 -0.3151 -0.3856 -0.4214 -0.1877 0.2523  0.4890  0.4015  'X-RAY DIFFRACTION' 
3 ? refined 0.5139  18.5675 0.0039  0.0559  -0.0508 -0.0715 0.1123  0.0176 0.0683  5.4294 7.2252 4.1924 3.5138  -0.4367 -0.2046 0.0562  0.1213 -0.1498 -0.2417 -0.0319 -0.2345 0.0871  0.1841  -0.0244 'X-RAY DIFFRACTION' 
# 
loop_
_pdbx_refine_tls_group.id 
_pdbx_refine_tls_group.refine_tls_id 
_pdbx_refine_tls_group.beg_auth_asym_id 
_pdbx_refine_tls_group.beg_auth_seq_id 
_pdbx_refine_tls_group.beg_label_asym_id 
_pdbx_refine_tls_group.beg_label_seq_id 
_pdbx_refine_tls_group.end_auth_asym_id 
_pdbx_refine_tls_group.end_auth_seq_id 
_pdbx_refine_tls_group.end_label_asym_id 
_pdbx_refine_tls_group.end_label_seq_id 
_pdbx_refine_tls_group.selection 
_pdbx_refine_tls_group.pdbx_refine_id 
_pdbx_refine_tls_group.selection_details 
1 1 A 20  A 19  A 50  A 49  ? 'X-RAY DIFFRACTION' ? 
2 1 A 102 A 101 A 140 A 139 ? 'X-RAY DIFFRACTION' ? 
3 1 A 180 A 179 A 201 A 200 ? 'X-RAY DIFFRACTION' ? 
4 2 A 51  A 50  A 101 A 100 ? 'X-RAY DIFFRACTION' ? 
5 2 A 300 B ?   A 300 B ?   ? 'X-RAY DIFFRACTION' ? 
6 3 A 141 A 140 A 179 A 178 ? 'X-RAY DIFFRACTION' ? 
# 
loop_
_pdbx_unobs_or_zero_occ_residues.id 
_pdbx_unobs_or_zero_occ_residues.PDB_model_num 
_pdbx_unobs_or_zero_occ_residues.polymer_flag 
_pdbx_unobs_or_zero_occ_residues.occupancy_flag 
_pdbx_unobs_or_zero_occ_residues.auth_asym_id 
_pdbx_unobs_or_zero_occ_residues.auth_comp_id 
_pdbx_unobs_or_zero_occ_residues.auth_seq_id 
_pdbx_unobs_or_zero_occ_residues.PDB_ins_code 
_pdbx_unobs_or_zero_occ_residues.label_asym_id 
_pdbx_unobs_or_zero_occ_residues.label_comp_id 
_pdbx_unobs_or_zero_occ_residues.label_seq_id 
1  1 Y 1 A SER 2   ? A SER 1   
2  1 Y 1 A VAL 3   ? A VAL 2   
3  1 Y 1 A GLY 4   ? A GLY 3   
4  1 Y 1 A GLU 5   ? A GLU 4   
5  1 Y 1 A GLY 6   ? A GLY 5   
6  1 Y 1 A PRO 7   ? A PRO 6   
7  1 Y 1 A ASP 8   ? A ASP 7   
8  1 Y 1 A THR 9   ? A THR 8   
9  1 Y 1 A LYS 10  ? A LYS 9   
10 1 Y 1 A PRO 11  ? A PRO 10  
11 1 Y 1 A THR 12  ? A THR 11  
12 1 Y 1 A ALA 13  ? A ALA 12  
13 1 Y 1 A ARG 14  ? A ARG 13  
14 1 Y 1 A GLY 15  ? A GLY 14  
15 1 Y 1 A GLN 16  ? A GLN 15  
16 1 Y 1 A PRO 17  ? A PRO 16  
17 1 Y 1 A ALA 18  ? A ALA 17  
18 1 Y 1 A ALA 19  ? A ALA 18  
19 1 Y 1 A GLY 202 ? A GLY 201 
20 1 Y 1 A THR 203 ? A THR 202 
21 1 Y 1 A ALA 204 ? A ALA 203 
22 1 Y 1 A PRO 205 ? A PRO 204 
23 1 Y 1 A GLY 206 ? A GLY 205 
24 1 Y 1 A SER 207 ? A SER 206 
25 1 Y 1 A PRO 208 ? A PRO 207 
# 
loop_
_chem_comp_atom.comp_id 
_chem_comp_atom.atom_id 
_chem_comp_atom.type_symbol 
_chem_comp_atom.pdbx_aromatic_flag 
_chem_comp_atom.pdbx_stereo_config 
_chem_comp_atom.pdbx_ordinal 
5GP P      P N N 1   
5GP O1P    O N N 2   
5GP O2P    O N N 3   
5GP O3P    O N N 4   
5GP "O5'"  O N N 5   
5GP "C5'"  C N N 6   
5GP "C4'"  C N R 7   
5GP "O4'"  O N N 8   
5GP "C3'"  C N S 9   
5GP "O3'"  O N N 10  
5GP "C2'"  C N R 11  
5GP "O2'"  O N N 12  
5GP "C1'"  C N R 13  
5GP N9     N Y N 14  
5GP C8     C Y N 15  
5GP N7     N Y N 16  
5GP C5     C Y N 17  
5GP C6     C N N 18  
5GP O6     O N N 19  
5GP N1     N N N 20  
5GP C2     C N N 21  
5GP N2     N N N 22  
5GP N3     N N N 23  
5GP C4     C Y N 24  
5GP HOP2   H N N 25  
5GP HOP3   H N N 26  
5GP "H5'1" H N N 27  
5GP "H5'2" H N N 28  
5GP "H4'"  H N N 29  
5GP "H3'"  H N N 30  
5GP "HO3'" H N N 31  
5GP "H2'"  H N N 32  
5GP "HO2'" H N N 33  
5GP "H1'"  H N N 34  
5GP H8     H N N 35  
5GP HN1    H N N 36  
5GP HN21   H N N 37  
5GP HN22   H N N 38  
ALA N      N N N 39  
ALA CA     C N S 40  
ALA C      C N N 41  
ALA O      O N N 42  
ALA CB     C N N 43  
ALA OXT    O N N 44  
ALA H      H N N 45  
ALA H2     H N N 46  
ALA HA     H N N 47  
ALA HB1    H N N 48  
ALA HB2    H N N 49  
ALA HB3    H N N 50  
ALA HXT    H N N 51  
ARG N      N N N 52  
ARG CA     C N S 53  
ARG C      C N N 54  
ARG O      O N N 55  
ARG CB     C N N 56  
ARG CG     C N N 57  
ARG CD     C N N 58  
ARG NE     N N N 59  
ARG CZ     C N N 60  
ARG NH1    N N N 61  
ARG NH2    N N N 62  
ARG OXT    O N N 63  
ARG H      H N N 64  
ARG H2     H N N 65  
ARG HA     H N N 66  
ARG HB2    H N N 67  
ARG HB3    H N N 68  
ARG HG2    H N N 69  
ARG HG3    H N N 70  
ARG HD2    H N N 71  
ARG HD3    H N N 72  
ARG HE     H N N 73  
ARG HH11   H N N 74  
ARG HH12   H N N 75  
ARG HH21   H N N 76  
ARG HH22   H N N 77  
ARG HXT    H N N 78  
ASN N      N N N 79  
ASN CA     C N S 80  
ASN C      C N N 81  
ASN O      O N N 82  
ASN CB     C N N 83  
ASN CG     C N N 84  
ASN OD1    O N N 85  
ASN ND2    N N N 86  
ASN OXT    O N N 87  
ASN H      H N N 88  
ASN H2     H N N 89  
ASN HA     H N N 90  
ASN HB2    H N N 91  
ASN HB3    H N N 92  
ASN HD21   H N N 93  
ASN HD22   H N N 94  
ASN HXT    H N N 95  
ASP N      N N N 96  
ASP CA     C N S 97  
ASP C      C N N 98  
ASP O      O N N 99  
ASP CB     C N N 100 
ASP CG     C N N 101 
ASP OD1    O N N 102 
ASP OD2    O N N 103 
ASP OXT    O N N 104 
ASP H      H N N 105 
ASP H2     H N N 106 
ASP HA     H N N 107 
ASP HB2    H N N 108 
ASP HB3    H N N 109 
ASP HD2    H N N 110 
ASP HXT    H N N 111 
CYS N      N N N 112 
CYS CA     C N R 113 
CYS C      C N N 114 
CYS O      O N N 115 
CYS CB     C N N 116 
CYS SG     S N N 117 
CYS OXT    O N N 118 
CYS H      H N N 119 
CYS H2     H N N 120 
CYS HA     H N N 121 
CYS HB2    H N N 122 
CYS HB3    H N N 123 
CYS HG     H N N 124 
CYS HXT    H N N 125 
GLN N      N N N 126 
GLN CA     C N S 127 
GLN C      C N N 128 
GLN O      O N N 129 
GLN CB     C N N 130 
GLN CG     C N N 131 
GLN CD     C N N 132 
GLN OE1    O N N 133 
GLN NE2    N N N 134 
GLN OXT    O N N 135 
GLN H      H N N 136 
GLN H2     H N N 137 
GLN HA     H N N 138 
GLN HB2    H N N 139 
GLN HB3    H N N 140 
GLN HG2    H N N 141 
GLN HG3    H N N 142 
GLN HE21   H N N 143 
GLN HE22   H N N 144 
GLN HXT    H N N 145 
GLU N      N N N 146 
GLU CA     C N S 147 
GLU C      C N N 148 
GLU O      O N N 149 
GLU CB     C N N 150 
GLU CG     C N N 151 
GLU CD     C N N 152 
GLU OE1    O N N 153 
GLU OE2    O N N 154 
GLU OXT    O N N 155 
GLU H      H N N 156 
GLU H2     H N N 157 
GLU HA     H N N 158 
GLU HB2    H N N 159 
GLU HB3    H N N 160 
GLU HG2    H N N 161 
GLU HG3    H N N 162 
GLU HE2    H N N 163 
GLU HXT    H N N 164 
GLY N      N N N 165 
GLY CA     C N N 166 
GLY C      C N N 167 
GLY O      O N N 168 
GLY OXT    O N N 169 
GLY H      H N N 170 
GLY H2     H N N 171 
GLY HA2    H N N 172 
GLY HA3    H N N 173 
GLY HXT    H N N 174 
HIS N      N N N 175 
HIS CA     C N S 176 
HIS C      C N N 177 
HIS O      O N N 178 
HIS CB     C N N 179 
HIS CG     C Y N 180 
HIS ND1    N Y N 181 
HIS CD2    C Y N 182 
HIS CE1    C Y N 183 
HIS NE2    N Y N 184 
HIS OXT    O N N 185 
HIS H      H N N 186 
HIS H2     H N N 187 
HIS HA     H N N 188 
HIS HB2    H N N 189 
HIS HB3    H N N 190 
HIS HD1    H N N 191 
HIS HD2    H N N 192 
HIS HE1    H N N 193 
HIS HE2    H N N 194 
HIS HXT    H N N 195 
HOH O      O N N 196 
HOH H1     H N N 197 
HOH H2     H N N 198 
ILE N      N N N 199 
ILE CA     C N S 200 
ILE C      C N N 201 
ILE O      O N N 202 
ILE CB     C N S 203 
ILE CG1    C N N 204 
ILE CG2    C N N 205 
ILE CD1    C N N 206 
ILE OXT    O N N 207 
ILE H      H N N 208 
ILE H2     H N N 209 
ILE HA     H N N 210 
ILE HB     H N N 211 
ILE HG12   H N N 212 
ILE HG13   H N N 213 
ILE HG21   H N N 214 
ILE HG22   H N N 215 
ILE HG23   H N N 216 
ILE HD11   H N N 217 
ILE HD12   H N N 218 
ILE HD13   H N N 219 
ILE HXT    H N N 220 
LEU N      N N N 221 
LEU CA     C N S 222 
LEU C      C N N 223 
LEU O      O N N 224 
LEU CB     C N N 225 
LEU CG     C N N 226 
LEU CD1    C N N 227 
LEU CD2    C N N 228 
LEU OXT    O N N 229 
LEU H      H N N 230 
LEU H2     H N N 231 
LEU HA     H N N 232 
LEU HB2    H N N 233 
LEU HB3    H N N 234 
LEU HG     H N N 235 
LEU HD11   H N N 236 
LEU HD12   H N N 237 
LEU HD13   H N N 238 
LEU HD21   H N N 239 
LEU HD22   H N N 240 
LEU HD23   H N N 241 
LEU HXT    H N N 242 
LYS N      N N N 243 
LYS CA     C N S 244 
LYS C      C N N 245 
LYS O      O N N 246 
LYS CB     C N N 247 
LYS CG     C N N 248 
LYS CD     C N N 249 
LYS CE     C N N 250 
LYS NZ     N N N 251 
LYS OXT    O N N 252 
LYS H      H N N 253 
LYS H2     H N N 254 
LYS HA     H N N 255 
LYS HB2    H N N 256 
LYS HB3    H N N 257 
LYS HG2    H N N 258 
LYS HG3    H N N 259 
LYS HD2    H N N 260 
LYS HD3    H N N 261 
LYS HE2    H N N 262 
LYS HE3    H N N 263 
LYS HZ1    H N N 264 
LYS HZ2    H N N 265 
LYS HZ3    H N N 266 
LYS HXT    H N N 267 
MET N      N N N 268 
MET CA     C N S 269 
MET C      C N N 270 
MET O      O N N 271 
MET CB     C N N 272 
MET CG     C N N 273 
MET SD     S N N 274 
MET CE     C N N 275 
MET OXT    O N N 276 
MET H      H N N 277 
MET H2     H N N 278 
MET HA     H N N 279 
MET HB2    H N N 280 
MET HB3    H N N 281 
MET HG2    H N N 282 
MET HG3    H N N 283 
MET HE1    H N N 284 
MET HE2    H N N 285 
MET HE3    H N N 286 
MET HXT    H N N 287 
PHE N      N N N 288 
PHE CA     C N S 289 
PHE C      C N N 290 
PHE O      O N N 291 
PHE CB     C N N 292 
PHE CG     C Y N 293 
PHE CD1    C Y N 294 
PHE CD2    C Y N 295 
PHE CE1    C Y N 296 
PHE CE2    C Y N 297 
PHE CZ     C Y N 298 
PHE OXT    O N N 299 
PHE H      H N N 300 
PHE H2     H N N 301 
PHE HA     H N N 302 
PHE HB2    H N N 303 
PHE HB3    H N N 304 
PHE HD1    H N N 305 
PHE HD2    H N N 306 
PHE HE1    H N N 307 
PHE HE2    H N N 308 
PHE HZ     H N N 309 
PHE HXT    H N N 310 
PRO N      N N N 311 
PRO CA     C N S 312 
PRO C      C N N 313 
PRO O      O N N 314 
PRO CB     C N N 315 
PRO CG     C N N 316 
PRO CD     C N N 317 
PRO OXT    O N N 318 
PRO H      H N N 319 
PRO HA     H N N 320 
PRO HB2    H N N 321 
PRO HB3    H N N 322 
PRO HG2    H N N 323 
PRO HG3    H N N 324 
PRO HD2    H N N 325 
PRO HD3    H N N 326 
PRO HXT    H N N 327 
SER N      N N N 328 
SER CA     C N S 329 
SER C      C N N 330 
SER O      O N N 331 
SER CB     C N N 332 
SER OG     O N N 333 
SER OXT    O N N 334 
SER H      H N N 335 
SER H2     H N N 336 
SER HA     H N N 337 
SER HB2    H N N 338 
SER HB3    H N N 339 
SER HG     H N N 340 
SER HXT    H N N 341 
THR N      N N N 342 
THR CA     C N S 343 
THR C      C N N 344 
THR O      O N N 345 
THR CB     C N R 346 
THR OG1    O N N 347 
THR CG2    C N N 348 
THR OXT    O N N 349 
THR H      H N N 350 
THR H2     H N N 351 
THR HA     H N N 352 
THR HB     H N N 353 
THR HG1    H N N 354 
THR HG21   H N N 355 
THR HG22   H N N 356 
THR HG23   H N N 357 
THR HXT    H N N 358 
TRP N      N N N 359 
TRP CA     C N S 360 
TRP C      C N N 361 
TRP O      O N N 362 
TRP CB     C N N 363 
TRP CG     C Y N 364 
TRP CD1    C Y N 365 
TRP CD2    C Y N 366 
TRP NE1    N Y N 367 
TRP CE2    C Y N 368 
TRP CE3    C Y N 369 
TRP CZ2    C Y N 370 
TRP CZ3    C Y N 371 
TRP CH2    C Y N 372 
TRP OXT    O N N 373 
TRP H      H N N 374 
TRP H2     H N N 375 
TRP HA     H N N 376 
TRP HB2    H N N 377 
TRP HB3    H N N 378 
TRP HD1    H N N 379 
TRP HE1    H N N 380 
TRP HE3    H N N 381 
TRP HZ2    H N N 382 
TRP HZ3    H N N 383 
TRP HH2    H N N 384 
TRP HXT    H N N 385 
TYR N      N N N 386 
TYR CA     C N S 387 
TYR C      C N N 388 
TYR O      O N N 389 
TYR CB     C N N 390 
TYR CG     C Y N 391 
TYR CD1    C Y N 392 
TYR CD2    C Y N 393 
TYR CE1    C Y N 394 
TYR CE2    C Y N 395 
TYR CZ     C Y N 396 
TYR OH     O N N 397 
TYR OXT    O N N 398 
TYR H      H N N 399 
TYR H2     H N N 400 
TYR HA     H N N 401 
TYR HB2    H N N 402 
TYR HB3    H N N 403 
TYR HD1    H N N 404 
TYR HD2    H N N 405 
TYR HE1    H N N 406 
TYR HE2    H N N 407 
TYR HH     H N N 408 
TYR HXT    H N N 409 
VAL N      N N N 410 
VAL CA     C N S 411 
VAL C      C N N 412 
VAL O      O N N 413 
VAL CB     C N N 414 
VAL CG1    C N N 415 
VAL CG2    C N N 416 
VAL OXT    O N N 417 
VAL H      H N N 418 
VAL H2     H N N 419 
VAL HA     H N N 420 
VAL HB     H N N 421 
VAL HG11   H N N 422 
VAL HG12   H N N 423 
VAL HG13   H N N 424 
VAL HG21   H N N 425 
VAL HG22   H N N 426 
VAL HG23   H N N 427 
VAL HXT    H N N 428 
# 
loop_
_chem_comp_bond.comp_id 
_chem_comp_bond.atom_id_1 
_chem_comp_bond.atom_id_2 
_chem_comp_bond.value_order 
_chem_comp_bond.pdbx_aromatic_flag 
_chem_comp_bond.pdbx_stereo_config 
_chem_comp_bond.pdbx_ordinal 
5GP P     O1P    doub N N 1   
5GP P     O2P    sing N N 2   
5GP P     O3P    sing N N 3   
5GP P     "O5'"  sing N N 4   
5GP O2P   HOP2   sing N N 5   
5GP O3P   HOP3   sing N N 6   
5GP "O5'" "C5'"  sing N N 7   
5GP "C5'" "C4'"  sing N N 8   
5GP "C5'" "H5'1" sing N N 9   
5GP "C5'" "H5'2" sing N N 10  
5GP "C4'" "O4'"  sing N N 11  
5GP "C4'" "C3'"  sing N N 12  
5GP "C4'" "H4'"  sing N N 13  
5GP "O4'" "C1'"  sing N N 14  
5GP "C3'" "O3'"  sing N N 15  
5GP "C3'" "C2'"  sing N N 16  
5GP "C3'" "H3'"  sing N N 17  
5GP "O3'" "HO3'" sing N N 18  
5GP "C2'" "O2'"  sing N N 19  
5GP "C2'" "C1'"  sing N N 20  
5GP "C2'" "H2'"  sing N N 21  
5GP "O2'" "HO2'" sing N N 22  
5GP "C1'" N9     sing N N 23  
5GP "C1'" "H1'"  sing N N 24  
5GP N9    C8     sing Y N 25  
5GP N9    C4     sing Y N 26  
5GP C8    N7     doub Y N 27  
5GP C8    H8     sing N N 28  
5GP N7    C5     sing Y N 29  
5GP C5    C6     sing N N 30  
5GP C5    C4     doub Y N 31  
5GP C6    O6     doub N N 32  
5GP C6    N1     sing N N 33  
5GP N1    C2     sing N N 34  
5GP N1    HN1    sing N N 35  
5GP C2    N2     sing N N 36  
5GP C2    N3     doub N N 37  
5GP N2    HN21   sing N N 38  
5GP N2    HN22   sing N N 39  
5GP N3    C4     sing N N 40  
ALA N     CA     sing N N 41  
ALA N     H      sing N N 42  
ALA N     H2     sing N N 43  
ALA CA    C      sing N N 44  
ALA CA    CB     sing N N 45  
ALA CA    HA     sing N N 46  
ALA C     O      doub N N 47  
ALA C     OXT    sing N N 48  
ALA CB    HB1    sing N N 49  
ALA CB    HB2    sing N N 50  
ALA CB    HB3    sing N N 51  
ALA OXT   HXT    sing N N 52  
ARG N     CA     sing N N 53  
ARG N     H      sing N N 54  
ARG N     H2     sing N N 55  
ARG CA    C      sing N N 56  
ARG CA    CB     sing N N 57  
ARG CA    HA     sing N N 58  
ARG C     O      doub N N 59  
ARG C     OXT    sing N N 60  
ARG CB    CG     sing N N 61  
ARG CB    HB2    sing N N 62  
ARG CB    HB3    sing N N 63  
ARG CG    CD     sing N N 64  
ARG CG    HG2    sing N N 65  
ARG CG    HG3    sing N N 66  
ARG CD    NE     sing N N 67  
ARG CD    HD2    sing N N 68  
ARG CD    HD3    sing N N 69  
ARG NE    CZ     sing N N 70  
ARG NE    HE     sing N N 71  
ARG CZ    NH1    sing N N 72  
ARG CZ    NH2    doub N N 73  
ARG NH1   HH11   sing N N 74  
ARG NH1   HH12   sing N N 75  
ARG NH2   HH21   sing N N 76  
ARG NH2   HH22   sing N N 77  
ARG OXT   HXT    sing N N 78  
ASN N     CA     sing N N 79  
ASN N     H      sing N N 80  
ASN N     H2     sing N N 81  
ASN CA    C      sing N N 82  
ASN CA    CB     sing N N 83  
ASN CA    HA     sing N N 84  
ASN C     O      doub N N 85  
ASN C     OXT    sing N N 86  
ASN CB    CG     sing N N 87  
ASN CB    HB2    sing N N 88  
ASN CB    HB3    sing N N 89  
ASN CG    OD1    doub N N 90  
ASN CG    ND2    sing N N 91  
ASN ND2   HD21   sing N N 92  
ASN ND2   HD22   sing N N 93  
ASN OXT   HXT    sing N N 94  
ASP N     CA     sing N N 95  
ASP N     H      sing N N 96  
ASP N     H2     sing N N 97  
ASP CA    C      sing N N 98  
ASP CA    CB     sing N N 99  
ASP CA    HA     sing N N 100 
ASP C     O      doub N N 101 
ASP C     OXT    sing N N 102 
ASP CB    CG     sing N N 103 
ASP CB    HB2    sing N N 104 
ASP CB    HB3    sing N N 105 
ASP CG    OD1    doub N N 106 
ASP CG    OD2    sing N N 107 
ASP OD2   HD2    sing N N 108 
ASP OXT   HXT    sing N N 109 
CYS N     CA     sing N N 110 
CYS N     H      sing N N 111 
CYS N     H2     sing N N 112 
CYS CA    C      sing N N 113 
CYS CA    CB     sing N N 114 
CYS CA    HA     sing N N 115 
CYS C     O      doub N N 116 
CYS C     OXT    sing N N 117 
CYS CB    SG     sing N N 118 
CYS CB    HB2    sing N N 119 
CYS CB    HB3    sing N N 120 
CYS SG    HG     sing N N 121 
CYS OXT   HXT    sing N N 122 
GLN N     CA     sing N N 123 
GLN N     H      sing N N 124 
GLN N     H2     sing N N 125 
GLN CA    C      sing N N 126 
GLN CA    CB     sing N N 127 
GLN CA    HA     sing N N 128 
GLN C     O      doub N N 129 
GLN C     OXT    sing N N 130 
GLN CB    CG     sing N N 131 
GLN CB    HB2    sing N N 132 
GLN CB    HB3    sing N N 133 
GLN CG    CD     sing N N 134 
GLN CG    HG2    sing N N 135 
GLN CG    HG3    sing N N 136 
GLN CD    OE1    doub N N 137 
GLN CD    NE2    sing N N 138 
GLN NE2   HE21   sing N N 139 
GLN NE2   HE22   sing N N 140 
GLN OXT   HXT    sing N N 141 
GLU N     CA     sing N N 142 
GLU N     H      sing N N 143 
GLU N     H2     sing N N 144 
GLU CA    C      sing N N 145 
GLU CA    CB     sing N N 146 
GLU CA    HA     sing N N 147 
GLU C     O      doub N N 148 
GLU C     OXT    sing N N 149 
GLU CB    CG     sing N N 150 
GLU CB    HB2    sing N N 151 
GLU CB    HB3    sing N N 152 
GLU CG    CD     sing N N 153 
GLU CG    HG2    sing N N 154 
GLU CG    HG3    sing N N 155 
GLU CD    OE1    doub N N 156 
GLU CD    OE2    sing N N 157 
GLU OE2   HE2    sing N N 158 
GLU OXT   HXT    sing N N 159 
GLY N     CA     sing N N 160 
GLY N     H      sing N N 161 
GLY N     H2     sing N N 162 
GLY CA    C      sing N N 163 
GLY CA    HA2    sing N N 164 
GLY CA    HA3    sing N N 165 
GLY C     O      doub N N 166 
GLY C     OXT    sing N N 167 
GLY OXT   HXT    sing N N 168 
HIS N     CA     sing N N 169 
HIS N     H      sing N N 170 
HIS N     H2     sing N N 171 
HIS CA    C      sing N N 172 
HIS CA    CB     sing N N 173 
HIS CA    HA     sing N N 174 
HIS C     O      doub N N 175 
HIS C     OXT    sing N N 176 
HIS CB    CG     sing N N 177 
HIS CB    HB2    sing N N 178 
HIS CB    HB3    sing N N 179 
HIS CG    ND1    sing Y N 180 
HIS CG    CD2    doub Y N 181 
HIS ND1   CE1    doub Y N 182 
HIS ND1   HD1    sing N N 183 
HIS CD2   NE2    sing Y N 184 
HIS CD2   HD2    sing N N 185 
HIS CE1   NE2    sing Y N 186 
HIS CE1   HE1    sing N N 187 
HIS NE2   HE2    sing N N 188 
HIS OXT   HXT    sing N N 189 
HOH O     H1     sing N N 190 
HOH O     H2     sing N N 191 
ILE N     CA     sing N N 192 
ILE N     H      sing N N 193 
ILE N     H2     sing N N 194 
ILE CA    C      sing N N 195 
ILE CA    CB     sing N N 196 
ILE CA    HA     sing N N 197 
ILE C     O      doub N N 198 
ILE C     OXT    sing N N 199 
ILE CB    CG1    sing N N 200 
ILE CB    CG2    sing N N 201 
ILE CB    HB     sing N N 202 
ILE CG1   CD1    sing N N 203 
ILE CG1   HG12   sing N N 204 
ILE CG1   HG13   sing N N 205 
ILE CG2   HG21   sing N N 206 
ILE CG2   HG22   sing N N 207 
ILE CG2   HG23   sing N N 208 
ILE CD1   HD11   sing N N 209 
ILE CD1   HD12   sing N N 210 
ILE CD1   HD13   sing N N 211 
ILE OXT   HXT    sing N N 212 
LEU N     CA     sing N N 213 
LEU N     H      sing N N 214 
LEU N     H2     sing N N 215 
LEU CA    C      sing N N 216 
LEU CA    CB     sing N N 217 
LEU CA    HA     sing N N 218 
LEU C     O      doub N N 219 
LEU C     OXT    sing N N 220 
LEU CB    CG     sing N N 221 
LEU CB    HB2    sing N N 222 
LEU CB    HB3    sing N N 223 
LEU CG    CD1    sing N N 224 
LEU CG    CD2    sing N N 225 
LEU CG    HG     sing N N 226 
LEU CD1   HD11   sing N N 227 
LEU CD1   HD12   sing N N 228 
LEU CD1   HD13   sing N N 229 
LEU CD2   HD21   sing N N 230 
LEU CD2   HD22   sing N N 231 
LEU CD2   HD23   sing N N 232 
LEU OXT   HXT    sing N N 233 
LYS N     CA     sing N N 234 
LYS N     H      sing N N 235 
LYS N     H2     sing N N 236 
LYS CA    C      sing N N 237 
LYS CA    CB     sing N N 238 
LYS CA    HA     sing N N 239 
LYS C     O      doub N N 240 
LYS C     OXT    sing N N 241 
LYS CB    CG     sing N N 242 
LYS CB    HB2    sing N N 243 
LYS CB    HB3    sing N N 244 
LYS CG    CD     sing N N 245 
LYS CG    HG2    sing N N 246 
LYS CG    HG3    sing N N 247 
LYS CD    CE     sing N N 248 
LYS CD    HD2    sing N N 249 
LYS CD    HD3    sing N N 250 
LYS CE    NZ     sing N N 251 
LYS CE    HE2    sing N N 252 
LYS CE    HE3    sing N N 253 
LYS NZ    HZ1    sing N N 254 
LYS NZ    HZ2    sing N N 255 
LYS NZ    HZ3    sing N N 256 
LYS OXT   HXT    sing N N 257 
MET N     CA     sing N N 258 
MET N     H      sing N N 259 
MET N     H2     sing N N 260 
MET CA    C      sing N N 261 
MET CA    CB     sing N N 262 
MET CA    HA     sing N N 263 
MET C     O      doub N N 264 
MET C     OXT    sing N N 265 
MET CB    CG     sing N N 266 
MET CB    HB2    sing N N 267 
MET CB    HB3    sing N N 268 
MET CG    SD     sing N N 269 
MET CG    HG2    sing N N 270 
MET CG    HG3    sing N N 271 
MET SD    CE     sing N N 272 
MET CE    HE1    sing N N 273 
MET CE    HE2    sing N N 274 
MET CE    HE3    sing N N 275 
MET OXT   HXT    sing N N 276 
PHE N     CA     sing N N 277 
PHE N     H      sing N N 278 
PHE N     H2     sing N N 279 
PHE CA    C      sing N N 280 
PHE CA    CB     sing N N 281 
PHE CA    HA     sing N N 282 
PHE C     O      doub N N 283 
PHE C     OXT    sing N N 284 
PHE CB    CG     sing N N 285 
PHE CB    HB2    sing N N 286 
PHE CB    HB3    sing N N 287 
PHE CG    CD1    doub Y N 288 
PHE CG    CD2    sing Y N 289 
PHE CD1   CE1    sing Y N 290 
PHE CD1   HD1    sing N N 291 
PHE CD2   CE2    doub Y N 292 
PHE CD2   HD2    sing N N 293 
PHE CE1   CZ     doub Y N 294 
PHE CE1   HE1    sing N N 295 
PHE CE2   CZ     sing Y N 296 
PHE CE2   HE2    sing N N 297 
PHE CZ    HZ     sing N N 298 
PHE OXT   HXT    sing N N 299 
PRO N     CA     sing N N 300 
PRO N     CD     sing N N 301 
PRO N     H      sing N N 302 
PRO CA    C      sing N N 303 
PRO CA    CB     sing N N 304 
PRO CA    HA     sing N N 305 
PRO C     O      doub N N 306 
PRO C     OXT    sing N N 307 
PRO CB    CG     sing N N 308 
PRO CB    HB2    sing N N 309 
PRO CB    HB3    sing N N 310 
PRO CG    CD     sing N N 311 
PRO CG    HG2    sing N N 312 
PRO CG    HG3    sing N N 313 
PRO CD    HD2    sing N N 314 
PRO CD    HD3    sing N N 315 
PRO OXT   HXT    sing N N 316 
SER N     CA     sing N N 317 
SER N     H      sing N N 318 
SER N     H2     sing N N 319 
SER CA    C      sing N N 320 
SER CA    CB     sing N N 321 
SER CA    HA     sing N N 322 
SER C     O      doub N N 323 
SER C     OXT    sing N N 324 
SER CB    OG     sing N N 325 
SER CB    HB2    sing N N 326 
SER CB    HB3    sing N N 327 
SER OG    HG     sing N N 328 
SER OXT   HXT    sing N N 329 
THR N     CA     sing N N 330 
THR N     H      sing N N 331 
THR N     H2     sing N N 332 
THR CA    C      sing N N 333 
THR CA    CB     sing N N 334 
THR CA    HA     sing N N 335 
THR C     O      doub N N 336 
THR C     OXT    sing N N 337 
THR CB    OG1    sing N N 338 
THR CB    CG2    sing N N 339 
THR CB    HB     sing N N 340 
THR OG1   HG1    sing N N 341 
THR CG2   HG21   sing N N 342 
THR CG2   HG22   sing N N 343 
THR CG2   HG23   sing N N 344 
THR OXT   HXT    sing N N 345 
TRP N     CA     sing N N 346 
TRP N     H      sing N N 347 
TRP N     H2     sing N N 348 
TRP CA    C      sing N N 349 
TRP CA    CB     sing N N 350 
TRP CA    HA     sing N N 351 
TRP C     O      doub N N 352 
TRP C     OXT    sing N N 353 
TRP CB    CG     sing N N 354 
TRP CB    HB2    sing N N 355 
TRP CB    HB3    sing N N 356 
TRP CG    CD1    doub Y N 357 
TRP CG    CD2    sing Y N 358 
TRP CD1   NE1    sing Y N 359 
TRP CD1   HD1    sing N N 360 
TRP CD2   CE2    doub Y N 361 
TRP CD2   CE3    sing Y N 362 
TRP NE1   CE2    sing Y N 363 
TRP NE1   HE1    sing N N 364 
TRP CE2   CZ2    sing Y N 365 
TRP CE3   CZ3    doub Y N 366 
TRP CE3   HE3    sing N N 367 
TRP CZ2   CH2    doub Y N 368 
TRP CZ2   HZ2    sing N N 369 
TRP CZ3   CH2    sing Y N 370 
TRP CZ3   HZ3    sing N N 371 
TRP CH2   HH2    sing N N 372 
TRP OXT   HXT    sing N N 373 
TYR N     CA     sing N N 374 
TYR N     H      sing N N 375 
TYR N     H2     sing N N 376 
TYR CA    C      sing N N 377 
TYR CA    CB     sing N N 378 
TYR CA    HA     sing N N 379 
TYR C     O      doub N N 380 
TYR C     OXT    sing N N 381 
TYR CB    CG     sing N N 382 
TYR CB    HB2    sing N N 383 
TYR CB    HB3    sing N N 384 
TYR CG    CD1    doub Y N 385 
TYR CG    CD2    sing Y N 386 
TYR CD1   CE1    sing Y N 387 
TYR CD1   HD1    sing N N 388 
TYR CD2   CE2    doub Y N 389 
TYR CD2   HD2    sing N N 390 
TYR CE1   CZ     doub Y N 391 
TYR CE1   HE1    sing N N 392 
TYR CE2   CZ     sing Y N 393 
TYR CE2   HE2    sing N N 394 
TYR CZ    OH     sing N N 395 
TYR OH    HH     sing N N 396 
TYR OXT   HXT    sing N N 397 
VAL N     CA     sing N N 398 
VAL N     H      sing N N 399 
VAL N     H2     sing N N 400 
VAL CA    C      sing N N 401 
VAL CA    CB     sing N N 402 
VAL CA    HA     sing N N 403 
VAL C     O      doub N N 404 
VAL C     OXT    sing N N 405 
VAL CB    CG1    sing N N 406 
VAL CB    CG2    sing N N 407 
VAL CB    HB     sing N N 408 
VAL CG1   HG11   sing N N 409 
VAL CG1   HG12   sing N N 410 
VAL CG1   HG13   sing N N 411 
VAL CG2   HG21   sing N N 412 
VAL CG2   HG22   sing N N 413 
VAL CG2   HG23   sing N N 414 
VAL OXT   HXT    sing N N 415 
# 
_pdbx_initial_refinement_model.id               1 
_pdbx_initial_refinement_model.entity_id_list   ? 
_pdbx_initial_refinement_model.type             'experimental model' 
_pdbx_initial_refinement_model.source_name      PDB 
_pdbx_initial_refinement_model.accession_code   1ZNW 
_pdbx_initial_refinement_model.details          ? 
# 
_atom_sites.entry_id                    1ZNX 
_atom_sites.fract_transf_matrix[1][1]   0.00818291 
_atom_sites.fract_transf_matrix[1][2]   -0.00214395 
_atom_sites.fract_transf_matrix[1][3]   0.00279848 
_atom_sites.fract_transf_matrix[2][1]   0.00262217 
_atom_sites.fract_transf_matrix[2][2]   0.00842904 
_atom_sites.fract_transf_matrix[2][3]   -0.00120978 
_atom_sites.fract_transf_matrix[3][1]   -0.00235632 
_atom_sites.fract_transf_matrix[3][2]   0.00193464 
_atom_sites.fract_transf_matrix[3][3]   0.00837216 
_atom_sites.fract_transf_vector[1]      0.175853 
_atom_sites.fract_transf_vector[2]      0.048596 
_atom_sites.fract_transf_vector[3]      0.331689 
# 
loop_
_atom_type.symbol 
C 
N 
O 
P 
S 
# 
loop_
_atom_site.group_PDB 
_atom_site.id 
_atom_site.type_symbol 
_atom_site.label_atom_id 
_atom_site.label_alt_id 
_atom_site.label_comp_id 
_atom_site.label_asym_id 
_atom_site.label_entity_id 
_atom_site.label_seq_id 
_atom_site.pdbx_PDB_ins_code 
_atom_site.Cartn_x 
_atom_site.Cartn_y 
_atom_site.Cartn_z 
_atom_site.occupancy 
_atom_site.B_iso_or_equiv 
_atom_site.pdbx_formal_charge 
_atom_site.auth_seq_id 
_atom_site.auth_comp_id 
_atom_site.auth_asym_id 
_atom_site.auth_atom_id 
_atom_site.pdbx_PDB_model_num 
ATOM   1    N N     . VAL A 1 19  ? -12.258 -17.684 6.949   1.00 41.02 ? 20  VAL A N     1 
ATOM   2    C CA    . VAL A 1 19  ? -11.489 -16.861 5.957   1.00 41.93 ? 20  VAL A CA    1 
ATOM   3    C C     . VAL A 1 19  ? -10.916 -15.595 6.618   1.00 41.79 ? 20  VAL A C     1 
ATOM   4    O O     . VAL A 1 19  ? -11.610 -14.927 7.388   1.00 42.47 ? 20  VAL A O     1 
ATOM   5    C CB    . VAL A 1 19  ? -12.339 -16.512 4.682   1.00 41.67 ? 20  VAL A CB    1 
ATOM   6    C CG1   . VAL A 1 19  ? -11.528 -15.740 3.669   1.00 41.29 ? 20  VAL A CG1   1 
ATOM   7    C CG2   . VAL A 1 19  ? -12.842 -17.786 4.011   1.00 42.79 ? 20  VAL A CG2   1 
ATOM   8    N N     . GLY A 1 20  ? -9.646  -15.300 6.351   1.00 40.92 ? 21  GLY A N     1 
ATOM   9    C CA    . GLY A 1 20  ? -9.039  -14.049 6.791   1.00 40.50 ? 21  GLY A CA    1 
ATOM   10   C C     . GLY A 1 20  ? -9.463  -12.888 5.894   1.00 40.57 ? 21  GLY A C     1 
ATOM   11   O O     . GLY A 1 20  ? -9.692  -13.068 4.686   1.00 40.44 ? 21  GLY A O     1 
ATOM   12   N N     . ARG A 1 21  ? -9.603  -11.700 6.486   1.00 40.07 ? 22  ARG A N     1 
ATOM   13   C CA    . ARG A 1 21  ? -9.898  -10.501 5.712   1.00 39.53 ? 22  ARG A CA    1 
ATOM   14   C C     . ARG A 1 21  ? -8.625  -10.072 5.017   1.00 38.34 ? 22  ARG A C     1 
ATOM   15   O O     . ARG A 1 21  ? -7.522  -10.270 5.545   1.00 37.93 ? 22  ARG A O     1 
ATOM   16   C CB    . ARG A 1 21  ? -10.466 -9.376  6.587   1.00 39.83 ? 22  ARG A CB    1 
ATOM   17   C CG    . ARG A 1 21  ? -11.998 -9.430  6.748   1.00 43.76 ? 22  ARG A CG    1 
ATOM   18   C CD    . ARG A 1 21  ? -12.474 -8.844  8.078   1.00 49.03 ? 22  ARG A CD    1 
ATOM   19   N NE    . ARG A 1 21  ? -13.888 -9.089  8.332   1.00 52.01 ? 22  ARG A NE    1 
ATOM   20   C CZ    . ARG A 1 21  ? -14.437 -9.219  9.546   1.00 55.95 ? 22  ARG A CZ    1 
ATOM   21   N NH1   . ARG A 1 21  ? -13.700 -9.118  10.654  1.00 56.72 ? 22  ARG A NH1   1 
ATOM   22   N NH2   . ARG A 1 21  ? -15.743 -9.459  9.661   1.00 55.95 ? 22  ARG A NH2   1 
ATOM   23   N N     . VAL A 1 22  ? -8.802  -9.555  3.802   1.00 37.20 ? 23  VAL A N     1 
ATOM   24   C CA    . VAL A 1 22  ? -7.749  -8.896  3.031   1.00 36.00 ? 23  VAL A CA    1 
ATOM   25   C C     . VAL A 1 22  ? -8.104  -7.405  2.996   1.00 35.76 ? 23  VAL A C     1 
ATOM   26   O O     . VAL A 1 22  ? -9.176  -7.027  2.538   1.00 34.49 ? 23  VAL A O     1 
ATOM   27   C CB    . VAL A 1 22  ? -7.622  -9.466  1.579   1.00 35.61 ? 23  VAL A CB    1 
ATOM   28   C CG1   . VAL A 1 22  ? -6.426  -8.877  0.882   1.00 34.04 ? 23  VAL A CG1   1 
ATOM   29   C CG2   . VAL A 1 22  ? -7.485  -10.960 1.611   1.00 34.35 ? 23  VAL A CG2   1 
ATOM   30   N N     . VAL A 1 23  ? -7.201  -6.582  3.524   1.00 35.69 ? 24  VAL A N     1 
ATOM   31   C CA    . VAL A 1 23  ? -7.377  -5.138  3.572   1.00 35.48 ? 24  VAL A CA    1 
ATOM   32   C C     . VAL A 1 23  ? -6.288  -4.515  2.718   1.00 35.62 ? 24  VAL A C     1 
ATOM   33   O O     . VAL A 1 23  ? -5.132  -4.910  2.817   1.00 36.47 ? 24  VAL A O     1 
ATOM   34   C CB    . VAL A 1 23  ? -7.335  -4.620  5.026   1.00 35.59 ? 24  VAL A CB    1 
ATOM   35   C CG1   . VAL A 1 23  ? -7.177  -3.113  5.083   1.00 34.77 ? 24  VAL A CG1   1 
ATOM   36   C CG2   . VAL A 1 23  ? -8.627  -5.048  5.770   1.00 35.18 ? 24  VAL A CG2   1 
ATOM   37   N N     . VAL A 1 24  ? -6.670  -3.586  1.840   1.00 35.52 ? 25  VAL A N     1 
ATOM   38   C CA    . VAL A 1 24  ? -5.715  -2.829  1.012   1.00 35.23 ? 25  VAL A CA    1 
ATOM   39   C C     . VAL A 1 24  ? -5.661  -1.396  1.535   1.00 35.37 ? 25  VAL A C     1 
ATOM   40   O O     . VAL A 1 24  ? -6.670  -0.680  1.514   1.00 35.61 ? 25  VAL A O     1 
ATOM   41   C CB    . VAL A 1 24  ? -6.116  -2.848  -0.487  1.00 35.65 ? 25  VAL A CB    1 
ATOM   42   C CG1   . VAL A 1 24  ? -5.102  -2.077  -1.352  1.00 34.65 ? 25  VAL A CG1   1 
ATOM   43   C CG2   . VAL A 1 24  ? -6.296  -4.314  -0.976  1.00 34.43 ? 25  VAL A CG2   1 
ATOM   44   N N     . LEU A 1 25  ? -4.483  -0.994  2.005   1.00 35.01 ? 26  LEU A N     1 
ATOM   45   C CA    . LEU A 1 25  ? -4.299  0.283   2.695   1.00 35.09 ? 26  LEU A CA    1 
ATOM   46   C C     . LEU A 1 25  ? -3.590  1.211   1.744   1.00 34.79 ? 26  LEU A C     1 
ATOM   47   O O     . LEU A 1 25  ? -2.481  0.922   1.317   1.00 34.04 ? 26  LEU A O     1 
ATOM   48   C CB    . LEU A 1 25  ? -3.427  0.115   3.957   1.00 34.67 ? 26  LEU A CB    1 
ATOM   49   C CG    . LEU A 1 25  ? -3.426  1.058   5.189   1.00 35.81 ? 26  LEU A CG    1 
ATOM   50   C CD1   . LEU A 1 25  ? -2.000  1.313   5.651   1.00 33.53 ? 26  LEU A CD1   1 
ATOM   51   C CD2   . LEU A 1 25  ? -4.159  2.396   5.063   1.00 33.69 ? 26  LEU A CD2   1 
ATOM   52   N N     . SER A 1 26  ? -4.229  2.333   1.428   1.00 34.97 ? 27  SER A N     1 
ATOM   53   C CA    . SER A 1 26  ? -3.583  3.344   0.616   1.00 35.10 ? 27  SER A CA    1 
ATOM   54   C C     . SER A 1 26  ? -3.909  4.756   1.105   1.00 35.35 ? 27  SER A C     1 
ATOM   55   O O     . SER A 1 26  ? -4.515  4.920   2.169   1.00 35.73 ? 27  SER A O     1 
ATOM   56   C CB    . SER A 1 26  ? -3.956  3.155   -0.850  1.00 35.12 ? 27  SER A CB    1 
ATOM   57   O OG    . SER A 1 26  ? -3.058  3.893   -1.638  1.00 35.16 ? 27  SER A OG    1 
ATOM   58   N N     . GLY A 1 27  ? -3.494  5.770   0.346   1.00 35.19 ? 28  GLY A N     1 
ATOM   59   C CA    . GLY A 1 27  ? -3.632  7.158   0.771   1.00 35.84 ? 28  GLY A CA    1 
ATOM   60   C C     . GLY A 1 27  ? -2.760  8.068   -0.067  1.00 36.34 ? 28  GLY A C     1 
ATOM   61   O O     . GLY A 1 27  ? -2.165  7.605   -1.029  1.00 36.02 ? 28  GLY A O     1 
ATOM   62   N N     . PRO A 1 28  ? -2.687  9.368   0.285   1.00 37.16 ? 29  PRO A N     1 
ATOM   63   C CA    . PRO A 1 28  ? -1.831  10.327  -0.400  1.00 37.97 ? 29  PRO A CA    1 
ATOM   64   C C     . PRO A 1 28  ? -0.357  9.929   -0.422  1.00 38.77 ? 29  PRO A C     1 
ATOM   65   O O     . PRO A 1 28  ? 0.126   9.343   0.524   1.00 37.86 ? 29  PRO A O     1 
ATOM   66   C CB    . PRO A 1 28  ? -2.031  11.616  0.413   1.00 37.80 ? 29  PRO A CB    1 
ATOM   67   C CG    . PRO A 1 28  ? -3.374  11.487  0.983   1.00 37.30 ? 29  PRO A CG    1 
ATOM   68   C CD    . PRO A 1 28  ? -3.465  10.027  1.350   1.00 37.62 ? 29  PRO A CD    1 
ATOM   69   N N     . SER A 1 29  ? 0.327   10.273  -1.514  1.00 41.08 ? 30  SER A N     1 
ATOM   70   C CA    . SER A 1 29  ? 1.739   9.925   -1.777  1.00 43.17 ? 30  SER A CA    1 
ATOM   71   C C     . SER A 1 29  ? 2.654   10.133  -0.570  1.00 44.81 ? 30  SER A C     1 
ATOM   72   O O     . SER A 1 29  ? 3.776   9.603   -0.567  1.00 45.33 ? 30  SER A O     1 
ATOM   73   C CB    . SER A 1 29  ? 2.312   10.759  -2.937  1.00 43.30 ? 30  SER A CB    1 
ATOM   74   O OG    . SER A 1 29  ? 1.548   10.685  -4.120  1.00 42.01 ? 30  SER A OG    1 
ATOM   75   N N     . ALA A 1 30  ? 2.182   10.920  0.416   1.00 46.11 ? 31  ALA A N     1 
ATOM   76   C CA    . ALA A 1 30  ? 2.876   11.158  1.705   1.00 46.96 ? 31  ALA A CA    1 
ATOM   77   C C     . ALA A 1 30  ? 1.965   11.661  2.881   1.00 47.59 ? 31  ALA A C     1 
ATOM   78   O O     . ALA A 1 30  ? 2.205   12.718  3.464   1.00 48.06 ? 31  ALA A O     1 
ATOM   79   C CB    . ALA A 1 30  ? 4.101   12.104  1.496   1.00 46.53 ? 31  ALA A CB    1 
ATOM   80   N N     . VAL A 1 31  ? 0.923   10.915  3.228   1.00 48.26 ? 32  VAL A N     1 
ATOM   81   C CA    . VAL A 1 31  ? 0.201   11.180  4.483   1.00 48.84 ? 32  VAL A CA    1 
ATOM   82   C C     . VAL A 1 31  ? 0.822   10.337  5.632   1.00 50.10 ? 32  VAL A C     1 
ATOM   83   O O     . VAL A 1 31  ? 0.381   10.425  6.808   1.00 50.36 ? 32  VAL A O     1 
ATOM   84   C CB    . VAL A 1 31  ? -1.389  11.042  4.363   1.00 49.09 ? 32  VAL A CB    1 
ATOM   85   C CG1   . VAL A 1 31  ? -1.920  9.616   4.737   1.00 45.68 ? 32  VAL A CG1   1 
ATOM   86   C CG2   . VAL A 1 31  ? -2.095  12.140  5.195   1.00 46.73 ? 32  VAL A CG2   1 
ATOM   87   N N     . GLY A 1 32  ? 1.863   9.553   5.289   1.00 51.10 ? 33  GLY A N     1 
ATOM   88   C CA    . GLY A 1 32  ? 2.634   8.740   6.256   1.00 51.63 ? 33  GLY A CA    1 
ATOM   89   C C     . GLY A 1 32  ? 1.930   7.459   6.656   1.00 51.64 ? 33  GLY A C     1 
ATOM   90   O O     . GLY A 1 32  ? 0.989   7.484   7.468   1.00 51.54 ? 33  GLY A O     1 
ATOM   91   N N     . LYS A 1 33  ? 2.404   6.337   6.110   1.00 51.63 ? 34  LYS A N     1 
ATOM   92   C CA    . LYS A 1 33  ? 1.730   5.042   6.300   1.00 51.01 ? 34  LYS A CA    1 
ATOM   93   C C     . LYS A 1 33  ? 2.574   3.964   6.992   1.00 50.74 ? 34  LYS A C     1 
ATOM   94   O O     . LYS A 1 33  ? 2.028   3.021   7.553   1.00 51.11 ? 34  LYS A O     1 
ATOM   95   C CB    . LYS A 1 33  ? 1.201   4.530   4.966   1.00 51.01 ? 34  LYS A CB    1 
ATOM   96   C CG    . LYS A 1 33  ? -0.277  4.812   4.740   1.00 51.19 ? 34  LYS A CG    1 
ATOM   97   C CD    . LYS A 1 33  ? -0.592  4.995   3.271   1.00 50.19 ? 34  LYS A CD    1 
ATOM   98   C CE    . LYS A 1 33  ? -0.696  6.490   2.961   1.00 51.01 ? 34  LYS A CE    1 
ATOM   99   N NZ    . LYS A 1 33  ? 0.150   6.885   1.797   1.00 49.23 ? 34  LYS A NZ    1 
ATOM   100  N N     . SER A 1 34  ? 3.895   4.122   6.963   1.00 50.13 ? 35  SER A N     1 
ATOM   101  C CA    . SER A 1 34  ? 4.844   3.166   7.546   1.00 49.30 ? 35  SER A CA    1 
ATOM   102  C C     . SER A 1 34  ? 4.793   2.964   9.096   1.00 48.62 ? 35  SER A C     1 
ATOM   103  O O     . SER A 1 34  ? 5.057   1.854   9.582   1.00 48.42 ? 35  SER A O     1 
ATOM   104  C CB    . SER A 1 34  ? 6.264   3.508   7.050   1.00 49.52 ? 35  SER A CB    1 
ATOM   105  O OG    . SER A 1 34  ? 7.243   3.474   8.080   1.00 49.92 ? 35  SER A OG    1 
ATOM   106  N N     . THR A 1 35  ? 4.483   4.012   9.866   1.00 47.47 ? 36  THR A N     1 
ATOM   107  C CA    . THR A 1 35  ? 4.275   3.856   11.319  1.00 46.44 ? 36  THR A CA    1 
ATOM   108  C C     . THR A 1 35  ? 2.906   3.232   11.644  1.00 45.25 ? 36  THR A C     1 
ATOM   109  O O     . THR A 1 35  ? 2.728   2.616   12.685  1.00 45.41 ? 36  THR A O     1 
ATOM   110  C CB    . THR A 1 35  ? 4.394   5.189   12.095  1.00 46.68 ? 36  THR A CB    1 
ATOM   111  O OG1   . THR A 1 35  ? 3.505   6.155   11.522  1.00 46.47 ? 36  THR A OG1   1 
ATOM   112  C CG2   . THR A 1 35  ? 5.851   5.721   12.082  1.00 47.88 ? 36  THR A CG2   1 
ATOM   113  N N     . VAL A 1 36  ? 1.938   3.434   10.762  1.00 43.97 ? 37  VAL A N     1 
ATOM   114  C CA    . VAL A 1 36  ? 0.608   2.848   10.909  1.00 42.97 ? 37  VAL A CA    1 
ATOM   115  C C     . VAL A 1 36  ? 0.715   1.329   10.665  1.00 42.25 ? 37  VAL A C     1 
ATOM   116  O O     . VAL A 1 36  ? 0.248   0.525   11.476  1.00 41.45 ? 37  VAL A O     1 
ATOM   117  C CB    . VAL A 1 36  ? -0.436  3.579   9.984   1.00 42.75 ? 37  VAL A CB    1 
ATOM   118  C CG1   . VAL A 1 36  ? -1.647  2.700   9.646   1.00 42.01 ? 37  VAL A CG1   1 
ATOM   119  C CG2   . VAL A 1 36  ? -0.872  4.892   10.624  1.00 41.73 ? 37  VAL A CG2   1 
ATOM   120  N N     . VAL A 1 37  ? 1.384   0.971   9.568   1.00 41.69 ? 38  VAL A N     1 
ATOM   121  C CA    . VAL A 1 37  ? 1.719   -0.405  9.234   1.00 40.97 ? 38  VAL A CA    1 
ATOM   122  C C     . VAL A 1 37  ? 2.492   -1.096  10.352  1.00 41.02 ? 38  VAL A C     1 
ATOM   123  O O     . VAL A 1 37  ? 2.178   -2.240  10.710  1.00 40.58 ? 38  VAL A O     1 
ATOM   124  C CB    . VAL A 1 37  ? 2.459   -0.504  7.865   1.00 41.07 ? 38  VAL A CB    1 
ATOM   125  C CG1   . VAL A 1 37  ? 3.060   -1.900  7.662   1.00 39.90 ? 38  VAL A CG1   1 
ATOM   126  C CG2   . VAL A 1 37  ? 1.489   -0.170  6.714   1.00 39.63 ? 38  VAL A CG2   1 
ATOM   127  N N     . ARG A 1 38  ? 3.472   -0.401  10.922  1.00 41.07 ? 39  ARG A N     1 
ATOM   128  C CA    . ARG A 1 38  ? 4.258   -0.977  12.004  1.00 41.39 ? 39  ARG A CA    1 
ATOM   129  C C     . ARG A 1 38  ? 3.385   -1.253  13.252  1.00 40.67 ? 39  ARG A C     1 
ATOM   130  O O     . ARG A 1 38  ? 3.504   -2.323  13.867  1.00 40.58 ? 39  ARG A O     1 
ATOM   131  C CB    . ARG A 1 38  ? 5.524   -0.140  12.296  1.00 41.90 ? 39  ARG A CB    1 
ATOM   132  C CG    . ARG A 1 38  ? 5.572   0.639   13.619  1.00 45.52 ? 39  ARG A CG    1 
ATOM   133  C CD    . ARG A 1 38  ? 6.878   1.463   13.730  1.00 51.64 ? 39  ARG A CD    1 
ATOM   134  N NE    . ARG A 1 38  ? 7.258   1.813   15.107  1.00 53.54 ? 39  ARG A NE    1 
ATOM   135  C CZ    . ARG A 1 38  ? 8.350   1.361   15.733  1.00 55.85 ? 39  ARG A CZ    1 
ATOM   136  N NH1   . ARG A 1 38  ? 9.192   0.530   15.119  1.00 55.99 ? 39  ARG A NH1   1 
ATOM   137  N NH2   . ARG A 1 38  ? 8.611   1.741   16.985  1.00 56.28 ? 39  ARG A NH2   1 
ATOM   138  N N     . CYS A 1 39  ? 2.504   -0.309  13.595  1.00 39.44 ? 40  CYS A N     1 
ATOM   139  C CA    . CYS A 1 39  ? 1.553   -0.488  14.697  1.00 39.12 ? 40  CYS A CA    1 
ATOM   140  C C     . CYS A 1 39  ? 0.696   -1.744  14.510  1.00 37.51 ? 40  CYS A C     1 
ATOM   141  O O     . CYS A 1 39  ? 0.505   -2.511  15.451  1.00 36.04 ? 40  CYS A O     1 
ATOM   142  C CB    . CYS A 1 39  ? 0.619   0.728   14.840  1.00 39.42 ? 40  CYS A CB    1 
ATOM   143  S SG    . CYS A 1 39  ? -0.641  0.528   16.185  1.00 43.46 ? 40  CYS A SG    1 
ATOM   144  N N     . LEU A 1 40  ? 0.200   -1.927  13.284  1.00 36.54 ? 41  LEU A N     1 
ATOM   145  C CA    . LEU A 1 40  ? -0.700  -3.027  12.922  1.00 36.39 ? 41  LEU A CA    1 
ATOM   146  C C     . LEU A 1 40  ? -0.040  -4.383  13.072  1.00 36.79 ? 41  LEU A C     1 
ATOM   147  O O     . LEU A 1 40  ? -0.659  -5.322  13.557  1.00 37.20 ? 41  LEU A O     1 
ATOM   148  C CB    . LEU A 1 40  ? -1.223  -2.862  11.487  1.00 35.91 ? 41  LEU A CB    1 
ATOM   149  C CG    . LEU A 1 40  ? -2.238  -1.726  11.262  1.00 36.51 ? 41  LEU A CG    1 
ATOM   150  C CD1   . LEU A 1 40  ? -2.736  -1.679  9.817   1.00 34.30 ? 41  LEU A CD1   1 
ATOM   151  C CD2   . LEU A 1 40  ? -3.421  -1.842  12.252  1.00 36.70 ? 41  LEU A CD2   1 
ATOM   152  N N     . ARG A 1 41  ? 1.221   -4.481  12.666  1.00 36.88 ? 42  ARG A N     1 
ATOM   153  C CA    . ARG A 1 41  ? 1.940   -5.747  12.691  1.00 37.11 ? 42  ARG A CA    1 
ATOM   154  C C     . ARG A 1 41  ? 2.322   -6.076  14.125  1.00 37.00 ? 42  ARG A C     1 
ATOM   155  O O     . ARG A 1 41  ? 2.521   -7.231  14.481  1.00 37.14 ? 42  ARG A O     1 
ATOM   156  C CB    . ARG A 1 41  ? 3.174   -5.673  11.779  1.00 37.15 ? 42  ARG A CB    1 
ATOM   157  C CG    . ARG A 1 41  ? 2.799   -5.400  10.312  1.00 39.01 ? 42  ARG A CG    1 
ATOM   158  C CD    . ARG A 1 41  ? 4.005   -5.441  9.387   1.00 40.77 ? 42  ARG A CD    1 
ATOM   159  N NE    . ARG A 1 41  ? 4.596   -6.779  9.364   1.00 44.02 ? 42  ARG A NE    1 
ATOM   160  C CZ    . ARG A 1 41  ? 5.742   -7.098  8.753   1.00 44.96 ? 42  ARG A CZ    1 
ATOM   161  N NH1   . ARG A 1 41  ? 6.431   -6.183  8.072   1.00 44.42 ? 42  ARG A NH1   1 
ATOM   162  N NH2   . ARG A 1 41  ? 6.180   -8.350  8.803   1.00 42.63 ? 42  ARG A NH2   1 
ATOM   163  N N     . GLU A 1 42  ? 2.400   -5.039  14.948  1.00 36.85 ? 43  GLU A N     1 
ATOM   164  C CA    . GLU A 1 42  ? 2.640   -5.180  16.375  1.00 37.13 ? 43  GLU A CA    1 
ATOM   165  C C     . GLU A 1 42  ? 1.357   -5.624  17.102  1.00 35.93 ? 43  GLU A C     1 
ATOM   166  O O     . GLU A 1 42  ? 1.406   -6.439  18.008  1.00 35.26 ? 43  GLU A O     1 
ATOM   167  C CB    . GLU A 1 42  ? 3.183   -3.847  16.917  1.00 37.57 ? 43  GLU A CB    1 
ATOM   168  C CG    . GLU A 1 42  ? 3.208   -3.688  18.420  1.00 42.04 ? 43  GLU A CG    1 
ATOM   169  C CD    . GLU A 1 42  ? 4.452   -4.294  19.032  1.00 48.58 ? 43  GLU A CD    1 
ATOM   170  O OE1   . GLU A 1 42  ? 4.586   -4.265  20.287  1.00 48.79 ? 43  GLU A OE1   1 
ATOM   171  O OE2   . GLU A 1 42  ? 5.299   -4.792  18.240  1.00 51.49 ? 43  GLU A OE2   1 
ATOM   172  N N     . ARG A 1 43  ? 0.216   -5.089  16.682  1.00 35.06 ? 44  ARG A N     1 
ATOM   173  C CA    . ARG A 1 43  ? -1.050  -5.346  17.367  1.00 34.97 ? 44  ARG A CA    1 
ATOM   174  C C     . ARG A 1 43  ? -1.715  -6.682  16.964  1.00 34.41 ? 44  ARG A C     1 
ATOM   175  O O     . ARG A 1 43  ? -2.382  -7.327  17.782  1.00 34.35 ? 44  ARG A O     1 
ATOM   176  C CB    . ARG A 1 43  ? -1.976  -4.110  17.266  1.00 34.57 ? 44  ARG A CB    1 
ATOM   177  C CG    . ARG A 1 43  ? -1.694  -3.107  18.406  1.00 37.38 ? 44  ARG A CG    1 
ATOM   178  C CD    . ARG A 1 43  ? -1.487  -1.647  17.964  1.00 42.54 ? 44  ARG A CD    1 
ATOM   179  N NE    . ARG A 1 43  ? -2.651  -0.756  18.135  1.00 45.39 ? 44  ARG A NE    1 
ATOM   180  C CZ    . ARG A 1 43  ? -2.660  0.394   18.829  1.00 45.27 ? 44  ARG A CZ    1 
ATOM   181  N NH1   . ARG A 1 43  ? -1.549  0.834   19.437  1.00 43.97 ? 44  ARG A NH1   1 
ATOM   182  N NH2   . ARG A 1 43  ? -3.786  1.115   18.911  1.00 41.42 ? 44  ARG A NH2   1 
ATOM   183  N N     . ILE A 1 44  ? -1.494  -7.116  15.726  1.00 33.98 ? 45  ILE A N     1 
ATOM   184  C CA    . ILE A 1 44  ? -2.008  -8.405  15.237  1.00 33.13 ? 45  ILE A CA    1 
ATOM   185  C C     . ILE A 1 44  ? -0.837  -9.372  15.002  1.00 33.09 ? 45  ILE A C     1 
ATOM   186  O O     . ILE A 1 44  ? -0.163  -9.280  13.974  1.00 32.47 ? 45  ILE A O     1 
ATOM   187  C CB    . ILE A 1 44  ? -2.880  -8.257  13.957  1.00 33.27 ? 45  ILE A CB    1 
ATOM   188  C CG1   . ILE A 1 44  ? -3.933  -7.154  14.139  1.00 31.38 ? 45  ILE A CG1   1 
ATOM   189  C CG2   . ILE A 1 44  ? -3.529  -9.623  13.576  1.00 31.98 ? 45  ILE A CG2   1 
ATOM   190  C CD1   . ILE A 1 44  ? -4.399  -6.517  12.836  1.00 30.60 ? 45  ILE A CD1   1 
ATOM   191  N N     . PRO A 1 45  ? -0.598  -10.291 15.974  1.00 33.28 ? 46  PRO A N     1 
ATOM   192  C CA    . PRO A 1 45  ? 0.541   -11.222 16.084  1.00 33.70 ? 46  PRO A CA    1 
ATOM   193  C C     . PRO A 1 45  ? 0.850   -12.047 14.827  1.00 33.84 ? 46  PRO A C     1 
ATOM   194  O O     . PRO A 1 45  ? 2.011   -12.341 14.561  1.00 33.72 ? 46  PRO A O     1 
ATOM   195  C CB    . PRO A 1 45  ? 0.106   -12.162 17.230  1.00 33.66 ? 46  PRO A CB    1 
ATOM   196  C CG    . PRO A 1 45  ? -0.777  -11.291 18.084  1.00 33.69 ? 46  PRO A CG    1 
ATOM   197  C CD    . PRO A 1 45  ? -1.531  -10.453 17.111  1.00 33.13 ? 46  PRO A CD    1 
ATOM   198  N N     . ASN A 1 46  ? -0.189  -12.410 14.078  1.00 34.08 ? 47  ASN A N     1 
ATOM   199  C CA    . ASN A 1 46  ? -0.049  -13.300 12.943  1.00 34.47 ? 47  ASN A CA    1 
ATOM   200  C C     . ASN A 1 46  ? -0.506  -12.650 11.635  1.00 34.30 ? 47  ASN A C     1 
ATOM   201  O O     . ASN A 1 46  ? -0.817  -13.348 10.663  1.00 34.29 ? 47  ASN A O     1 
ATOM   202  C CB    . ASN A 1 46  ? -0.831  -14.582 13.212  1.00 35.24 ? 47  ASN A CB    1 
ATOM   203  C CG    . ASN A 1 46  ? -2.315  -14.392 13.063  1.00 37.41 ? 47  ASN A CG    1 
ATOM   204  O OD1   . ASN A 1 46  ? -2.853  -13.347 13.420  1.00 42.82 ? 47  ASN A OD1   1 
ATOM   205  N ND2   . ASN A 1 46  ? -2.995  -15.403 12.522  1.00 39.49 ? 47  ASN A ND2   1 
ATOM   206  N N     . LEU A 1 47  ? -0.527  -11.315 11.621  1.00 33.43 ? 48  LEU A N     1 
ATOM   207  C CA    . LEU A 1 47  ? -0.866  -10.531 10.434  1.00 33.12 ? 48  LEU A CA    1 
ATOM   208  C C     . LEU A 1 47  ? 0.059   -10.863 9.268   1.00 33.13 ? 48  LEU A C     1 
ATOM   209  O O     . LEU A 1 47  ? 1.280   -10.828 9.423   1.00 33.23 ? 48  LEU A O     1 
ATOM   210  C CB    . LEU A 1 47  ? -0.771  -9.026  10.740  1.00 32.44 ? 48  LEU A CB    1 
ATOM   211  C CG    . LEU A 1 47  ? -1.128  -8.082  9.583   1.00 32.60 ? 48  LEU A CG    1 
ATOM   212  C CD1   . LEU A 1 47  ? -2.543  -8.352  9.070   1.00 27.89 ? 48  LEU A CD1   1 
ATOM   213  C CD2   . LEU A 1 47  ? -0.924  -6.595  9.958   1.00 32.22 ? 48  LEU A CD2   1 
ATOM   214  N N     . HIS A 1 48  ? -0.507  -11.180 8.106   1.00 32.19 ? 49  HIS A N     1 
ATOM   215  C CA    . HIS A 1 48  ? 0.340   -11.382 6.959   1.00 32.21 ? 49  HIS A CA    1 
ATOM   216  C C     . HIS A 1 48  ? 0.468   -10.097 6.138   1.00 32.60 ? 49  HIS A C     1 
ATOM   217  O O     . HIS A 1 48  ? -0.471  -9.656  5.484   1.00 31.99 ? 49  HIS A O     1 
ATOM   218  C CB    . HIS A 1 48  ? -0.079  -12.583 6.081   1.00 32.02 ? 49  HIS A CB    1 
ATOM   219  C CG    . HIS A 1 48  ? 0.761   -12.731 4.843   1.00 31.03 ? 49  HIS A CG    1 
ATOM   220  N ND1   . HIS A 1 48  ? 2.083   -13.138 4.879   1.00 29.14 ? 49  HIS A ND1   1 
ATOM   221  C CD2   . HIS A 1 48  ? 0.484   -12.470 3.542   1.00 31.04 ? 49  HIS A CD2   1 
ATOM   222  C CE1   . HIS A 1 48  ? 2.561   -13.167 3.648   1.00 28.15 ? 49  HIS A CE1   1 
ATOM   223  N NE2   . HIS A 1 48  ? 1.616   -12.755 2.820   1.00 28.51 ? 49  HIS A NE2   1 
ATOM   224  N N     . PHE A 1 49  ? 1.665   -9.511  6.179   1.00 33.38 ? 50  PHE A N     1 
ATOM   225  C CA    . PHE A 1 49  ? 1.942   -8.347  5.384   1.00 33.41 ? 50  PHE A CA    1 
ATOM   226  C C     . PHE A 1 49  ? 2.393   -8.822  4.008   1.00 33.18 ? 50  PHE A C     1 
ATOM   227  O O     . PHE A 1 49  ? 3.396   -9.505  3.868   1.00 32.55 ? 50  PHE A O     1 
ATOM   228  C CB    . PHE A 1 49  ? 2.966   -7.425  6.078   1.00 33.78 ? 50  PHE A CB    1 
ATOM   229  C CG    . PHE A 1 49  ? 3.138   -6.091  5.389   1.00 35.08 ? 50  PHE A CG    1 
ATOM   230  C CD1   . PHE A 1 49  ? 2.037   -5.262  5.155   1.00 35.51 ? 50  PHE A CD1   1 
ATOM   231  C CD2   . PHE A 1 49  ? 4.395   -5.674  4.943   1.00 37.08 ? 50  PHE A CD2   1 
ATOM   232  C CE1   . PHE A 1 49  ? 2.177   -4.025  4.493   1.00 35.56 ? 50  PHE A CE1   1 
ATOM   233  C CE2   . PHE A 1 49  ? 4.548   -4.420  4.290   1.00 37.41 ? 50  PHE A CE2   1 
ATOM   234  C CZ    . PHE A 1 49  ? 3.430   -3.600  4.073   1.00 35.02 ? 50  PHE A CZ    1 
ATOM   235  N N     . SER A 1 50  ? 1.614   -8.476  2.997   1.00 33.62 ? 51  SER A N     1 
ATOM   236  C CA    . SER A 1 50  ? 1.877   -8.895  1.622   1.00 34.18 ? 51  SER A CA    1 
ATOM   237  C C     . SER A 1 50  ? 3.340   -8.623  1.216   1.00 34.18 ? 51  SER A C     1 
ATOM   238  O O     . SER A 1 50  ? 3.838   -7.515  1.406   1.00 34.09 ? 51  SER A O     1 
ATOM   239  C CB    . SER A 1 50  ? 0.917   -8.148  0.700   1.00 34.14 ? 51  SER A CB    1 
ATOM   240  O OG    . SER A 1 50  ? 1.037   -8.601  -0.616  1.00 36.45 ? 51  SER A OG    1 
ATOM   241  N N     . VAL A 1 51  ? 4.012   -9.654  0.686   1.00 34.26 ? 52  VAL A N     1 
ATOM   242  C CA    . VAL A 1 51  ? 5.398   -9.584  0.238   1.00 34.09 ? 52  VAL A CA    1 
ATOM   243  C C     . VAL A 1 51  ? 5.397   -9.508  -1.293  1.00 35.18 ? 52  VAL A C     1 
ATOM   244  O O     . VAL A 1 51  ? 5.001   -10.455 -1.979  1.00 35.33 ? 52  VAL A O     1 
ATOM   245  C CB    . VAL A 1 51  ? 6.194   -10.821 0.684   1.00 33.83 ? 52  VAL A CB    1 
ATOM   246  C CG1   . VAL A 1 51  ? 7.625   -10.748 0.171   1.00 33.56 ? 52  VAL A CG1   1 
ATOM   247  C CG2   . VAL A 1 51  ? 6.161   -10.989 2.212   1.00 32.79 ? 52  VAL A CG2   1 
ATOM   248  N N     . SER A 1 52  ? 5.836   -8.373  -1.824  1.00 35.36 ? 53  SER A N     1 
ATOM   249  C CA    . SER A 1 52  ? 5.717   -8.095  -3.251  1.00 35.36 ? 53  SER A CA    1 
ATOM   250  C C     . SER A 1 52  ? 6.754   -8.840  -4.072  1.00 35.62 ? 53  SER A C     1 
ATOM   251  O O     . SER A 1 52  ? 7.861   -9.104  -3.594  1.00 35.58 ? 53  SER A O     1 
ATOM   252  C CB    . SER A 1 52  ? 5.890   -6.595  -3.490  1.00 35.46 ? 53  SER A CB    1 
ATOM   253  O OG    . SER A 1 52  ? 4.881   -5.875  -2.814  1.00 34.87 ? 53  SER A OG    1 
ATOM   254  N N     . ALA A 1 53  ? 6.401   -9.173  -5.312  1.00 35.48 ? 54  ALA A N     1 
ATOM   255  C CA    . ALA A 1 53  ? 7.381   -9.665  -6.268  1.00 35.50 ? 54  ALA A CA    1 
ATOM   256  C C     . ALA A 1 53  ? 8.086   -8.438  -6.862  1.00 35.47 ? 54  ALA A C     1 
ATOM   257  O O     . ALA A 1 53  ? 7.493   -7.364  -6.941  1.00 36.84 ? 54  ALA A O     1 
ATOM   258  C CB    . ALA A 1 53  ? 6.707   -10.500 -7.357  1.00 35.26 ? 54  ALA A CB    1 
ATOM   259  N N     . THR A 1 54  ? 9.349   -8.574  -7.242  1.00 34.62 ? 55  THR A N     1 
ATOM   260  C CA    . THR A 1 54  ? 10.065  -7.473  -7.877  1.00 33.79 ? 55  THR A CA    1 
ATOM   261  C C     . THR A 1 54  ? 11.120  -8.067  -8.789  1.00 33.43 ? 55  THR A C     1 
ATOM   262  O O     . THR A 1 54  ? 11.558  -9.186  -8.564  1.00 32.52 ? 55  THR A O     1 
ATOM   263  C CB    . THR A 1 54  ? 10.755  -6.522  -6.849  1.00 34.02 ? 55  THR A CB    1 
ATOM   264  O OG1   . THR A 1 54  ? 11.300  -5.392  -7.537  1.00 33.22 ? 55  THR A OG1   1 
ATOM   265  C CG2   . THR A 1 54  ? 11.884  -7.234  -6.075  1.00 33.15 ? 55  THR A CG2   1 
ATOM   266  N N     . THR A 1 55  ? 11.523  -7.317  -9.813  1.00 33.15 ? 56  THR A N     1 
ATOM   267  C CA    . THR A 1 55  ? 12.625  -7.745  -10.649 1.00 33.06 ? 56  THR A CA    1 
ATOM   268  C C     . THR A 1 55  ? 13.937  -7.008  -10.386 1.00 33.10 ? 56  THR A C     1 
ATOM   269  O O     . THR A 1 55  ? 14.875  -7.158  -11.148 1.00 33.70 ? 56  THR A O     1 
ATOM   270  C CB    . THR A 1 55  ? 12.287  -7.652  -12.126 1.00 33.09 ? 56  THR A CB    1 
ATOM   271  O OG1   . THR A 1 55  ? 12.075  -6.274  -12.470 1.00 34.00 ? 56  THR A OG1   1 
ATOM   272  C CG2   . THR A 1 55  ? 11.048  -8.458  -12.425 1.00 32.19 ? 56  THR A CG2   1 
ATOM   273  N N     . ARG A 1 56  ? 14.027  -6.220  -9.324  1.00 32.90 ? 57  ARG A N     1 
ATOM   274  C CA    . ARG A 1 56  ? 15.329  -5.670  -8.981  1.00 33.09 ? 57  ARG A CA    1 
ATOM   275  C C     . ARG A 1 56  ? 16.101  -6.705  -8.188  1.00 33.41 ? 57  ARG A C     1 
ATOM   276  O O     . ARG A 1 56  ? 15.524  -7.717  -7.763  1.00 33.56 ? 57  ARG A O     1 
ATOM   277  C CB    . ARG A 1 56  ? 15.225  -4.338  -8.222  1.00 32.95 ? 57  ARG A CB    1 
ATOM   278  C CG    . ARG A 1 56  ? 14.693  -4.402  -6.800  1.00 32.44 ? 57  ARG A CG    1 
ATOM   279  C CD    . ARG A 1 56  ? 15.146  -3.130  -6.069  1.00 32.23 ? 57  ARG A CD    1 
ATOM   280  N NE    . ARG A 1 56  ? 14.562  -2.993  -4.736  1.00 31.41 ? 57  ARG A NE    1 
ATOM   281  C CZ    . ARG A 1 56  ? 14.994  -3.624  -3.646  1.00 31.16 ? 57  ARG A CZ    1 
ATOM   282  N NH1   . ARG A 1 56  ? 16.004  -4.472  -3.711  1.00 30.69 ? 57  ARG A NH1   1 
ATOM   283  N NH2   . ARG A 1 56  ? 14.405  -3.412  -2.480  1.00 32.72 ? 57  ARG A NH2   1 
ATOM   284  N N     . ALA A 1 57  ? 17.398  -6.448  -7.990  1.00 33.45 ? 58  ALA A N     1 
ATOM   285  C CA    . ALA A 1 57  ? 18.260  -7.320  -7.194  1.00 33.26 ? 58  ALA A CA    1 
ATOM   286  C C     . ALA A 1 57  ? 18.072  -7.074  -5.695  1.00 33.28 ? 58  ALA A C     1 
ATOM   287  O O     . ALA A 1 57  ? 17.759  -5.955  -5.287  1.00 32.89 ? 58  ALA A O     1 
ATOM   288  C CB    . ALA A 1 57  ? 19.738  -7.123  -7.599  1.00 32.99 ? 58  ALA A CB    1 
ATOM   289  N N     . PRO A 1 58  ? 18.244  -8.121  -4.864  1.00 33.82 ? 59  PRO A N     1 
ATOM   290  C CA    . PRO A 1 58  ? 18.346  -7.902  -3.410  1.00 34.25 ? 59  PRO A CA    1 
ATOM   291  C C     . PRO A 1 58  ? 19.431  -6.907  -2.979  1.00 34.72 ? 59  PRO A C     1 
ATOM   292  O O     . PRO A 1 58  ? 20.511  -6.848  -3.574  1.00 35.24 ? 59  PRO A O     1 
ATOM   293  C CB    . PRO A 1 58  ? 18.686  -9.289  -2.840  1.00 34.15 ? 59  PRO A CB    1 
ATOM   294  C CG    . PRO A 1 58  ? 18.678  -10.243 -3.957  1.00 33.89 ? 59  PRO A CG    1 
ATOM   295  C CD    . PRO A 1 58  ? 18.259  -9.550  -5.224  1.00 33.96 ? 59  PRO A CD    1 
ATOM   296  N N     . ARG A 1 59  ? 19.131  -6.124  -1.947  1.00 35.32 ? 60  ARG A N     1 
ATOM   297  C CA    . ARG A 1 59  ? 20.165  -5.392  -1.213  1.00 35.15 ? 60  ARG A CA    1 
ATOM   298  C C     . ARG A 1 59  ? 20.567  -6.356  -0.096  1.00 35.36 ? 60  ARG A C     1 
ATOM   299  O O     . ARG A 1 59  ? 19.768  -7.204  0.278   1.00 35.50 ? 60  ARG A O     1 
ATOM   300  C CB    . ARG A 1 59  ? 19.609  -4.080  -0.645  1.00 34.85 ? 60  ARG A CB    1 
ATOM   301  C CG    . ARG A 1 59  ? 19.075  -3.108  -1.712  1.00 34.07 ? 60  ARG A CG    1 
ATOM   302  C CD    . ARG A 1 59  ? 18.142  -2.075  -1.096  1.00 33.71 ? 60  ARG A CD    1 
ATOM   303  N NE    . ARG A 1 59  ? 17.504  -1.209  -2.086  1.00 31.66 ? 60  ARG A NE    1 
ATOM   304  C CZ    . ARG A 1 59  ? 16.361  -0.547  -1.895  1.00 31.71 ? 60  ARG A CZ    1 
ATOM   305  N NH1   . ARG A 1 59  ? 15.708  -0.641  -0.740  1.00 30.86 ? 60  ARG A NH1   1 
ATOM   306  N NH2   . ARG A 1 59  ? 15.860  0.214   -2.869  1.00 30.24 ? 60  ARG A NH2   1 
ATOM   307  N N     . PRO A 1 60  ? 21.820  -6.291  0.373   1.00 35.73 ? 61  PRO A N     1 
ATOM   308  C CA    . PRO A 1 60  ? 22.274  -7.000  1.575   1.00 36.18 ? 61  PRO A CA    1 
ATOM   309  C C     . PRO A 1 60  ? 21.352  -6.879  2.806   1.00 36.79 ? 61  PRO A C     1 
ATOM   310  O O     . PRO A 1 60  ? 20.913  -5.785  3.174   1.00 37.19 ? 61  PRO A O     1 
ATOM   311  C CB    . PRO A 1 60  ? 23.638  -6.383  1.829   1.00 36.01 ? 61  PRO A CB    1 
ATOM   312  C CG    . PRO A 1 60  ? 24.149  -6.150  0.436   1.00 35.86 ? 61  PRO A CG    1 
ATOM   313  C CD    . PRO A 1 60  ? 22.945  -5.604  -0.296  1.00 35.82 ? 61  PRO A CD    1 
ATOM   314  N N     . GLY A 1 61  ? 21.045  -8.014  3.417   1.00 36.61 ? 62  GLY A N     1 
ATOM   315  C CA    . GLY A 1 61  ? 20.073  -8.033  4.500   1.00 37.31 ? 62  GLY A CA    1 
ATOM   316  C C     . GLY A 1 61  ? 18.632  -8.214  4.043   1.00 37.25 ? 62  GLY A C     1 
ATOM   317  O O     . GLY A 1 61  ? 17.760  -8.410  4.872   1.00 38.42 ? 62  GLY A O     1 
ATOM   318  N N     . GLU A 1 62  ? 18.363  -8.135  2.743   1.00 36.96 ? 63  GLU A N     1 
ATOM   319  C CA    . GLU A 1 62  ? 17.018  -8.460  2.238   1.00 36.59 ? 63  GLU A CA    1 
ATOM   320  C C     . GLU A 1 62  ? 16.931  -9.965  2.052   1.00 36.35 ? 63  GLU A C     1 
ATOM   321  O O     . GLU A 1 62  ? 17.879  -10.598 1.583   1.00 36.43 ? 63  GLU A O     1 
ATOM   322  C CB    . GLU A 1 62  ? 16.655  -7.713  0.942   1.00 35.87 ? 63  GLU A CB    1 
ATOM   323  C CG    . GLU A 1 62  ? 16.396  -6.229  1.155   1.00 36.77 ? 63  GLU A CG    1 
ATOM   324  C CD    . GLU A 1 62  ? 15.885  -5.482  -0.096  1.00 39.91 ? 63  GLU A CD    1 
ATOM   325  O OE1   . GLU A 1 62  ? 16.368  -5.718  -1.237  1.00 40.29 ? 63  GLU A OE1   1 
ATOM   326  O OE2   . GLU A 1 62  ? 15.003  -4.616  0.075   1.00 40.48 ? 63  GLU A OE2   1 
ATOM   327  N N     . VAL A 1 63  ? 15.799  -10.534 2.457   1.00 36.12 ? 64  VAL A N     1 
ATOM   328  C CA    . VAL A 1 63  ? 15.611  -11.975 2.437   1.00 35.43 ? 64  VAL A CA    1 
ATOM   329  C C     . VAL A 1 63  ? 14.501  -12.299 1.440   1.00 35.62 ? 64  VAL A C     1 
ATOM   330  O O     . VAL A 1 63  ? 13.401  -11.732 1.526   1.00 35.34 ? 64  VAL A O     1 
ATOM   331  C CB    . VAL A 1 63  ? 15.334  -12.511 3.874   1.00 35.37 ? 64  VAL A CB    1 
ATOM   332  C CG1   . VAL A 1 63  ? 15.122  -14.012 3.883   1.00 35.31 ? 64  VAL A CG1   1 
ATOM   333  C CG2   . VAL A 1 63  ? 16.493  -12.138 4.804   1.00 33.95 ? 64  VAL A CG2   1 
ATOM   334  N N     . ASP A 1 64  ? 14.812  -13.159 0.462   1.00 35.65 ? 65  ASP A N     1 
ATOM   335  C CA    . ASP A 1 64  ? 13.801  -13.641 -0.494  1.00 35.46 ? 65  ASP A CA    1 
ATOM   336  C C     . ASP A 1 64  ? 12.675  -14.355 0.269   1.00 35.36 ? 65  ASP A C     1 
ATOM   337  O O     . ASP A 1 64  ? 12.938  -15.270 1.061   1.00 35.60 ? 65  ASP A O     1 
ATOM   338  C CB    . ASP A 1 64  ? 14.428  -14.582 -1.528  1.00 35.72 ? 65  ASP A CB    1 
ATOM   339  C CG    . ASP A 1 64  ? 13.547  -14.797 -2.777  1.00 36.86 ? 65  ASP A CG    1 
ATOM   340  O OD1   . ASP A 1 64  ? 12.587  -14.047 -3.043  1.00 36.97 ? 65  ASP A OD1   1 
ATOM   341  O OD2   . ASP A 1 64  ? 13.837  -15.740 -3.532  1.00 41.59 ? 65  ASP A OD2   1 
ATOM   342  N N     . GLY A 1 65  ? 11.435  -13.916 0.041   1.00 34.16 ? 66  GLY A N     1 
ATOM   343  C CA    . GLY A 1 65  ? 10.293  -14.468 0.729   1.00 33.71 ? 66  GLY A CA    1 
ATOM   344  C C     . GLY A 1 65  ? 9.815   -13.620 1.894   1.00 33.12 ? 66  GLY A C     1 
ATOM   345  O O     . GLY A 1 65  ? 8.697   -13.792 2.364   1.00 32.40 ? 66  GLY A O     1 
ATOM   346  N N     . VAL A 1 66  ? 10.674  -12.720 2.367   1.00 33.31 ? 67  VAL A N     1 
ATOM   347  C CA    . VAL A 1 66  ? 10.347  -11.812 3.479   1.00 33.32 ? 67  VAL A CA    1 
ATOM   348  C C     . VAL A 1 66  ? 10.259  -10.366 2.994   1.00 33.91 ? 67  VAL A C     1 
ATOM   349  O O     . VAL A 1 66  ? 9.212   -9.730  3.133   1.00 34.24 ? 67  VAL A O     1 
ATOM   350  C CB    . VAL A 1 66  ? 11.351  -11.918 4.652   1.00 32.95 ? 67  VAL A CB    1 
ATOM   351  C CG1   . VAL A 1 66  ? 11.029  -10.888 5.745   1.00 31.71 ? 67  VAL A CG1   1 
ATOM   352  C CG2   . VAL A 1 66  ? 11.340  -13.314 5.228   1.00 33.25 ? 67  VAL A CG2   1 
ATOM   353  N N     . ASP A 1 67  ? 11.349  -9.843  2.430   1.00 34.18 ? 68  ASP A N     1 
ATOM   354  C CA    . ASP A 1 67  ? 11.344  -8.458  1.968   1.00 34.44 ? 68  ASP A CA    1 
ATOM   355  C C     . ASP A 1 67  ? 10.677  -8.319  0.621   1.00 34.80 ? 68  ASP A C     1 
ATOM   356  O O     . ASP A 1 67  ? 9.923   -7.387  0.409   1.00 35.13 ? 68  ASP A O     1 
ATOM   357  C CB    . ASP A 1 67  ? 12.748  -7.873  1.966   1.00 34.35 ? 68  ASP A CB    1 
ATOM   358  C CG    . ASP A 1 67  ? 13.272  -7.665  3.366   1.00 36.22 ? 68  ASP A CG    1 
ATOM   359  O OD1   . ASP A 1 67  ? 13.153  -6.520  3.856   1.00 37.91 ? 68  ASP A OD1   1 
ATOM   360  O OD2   . ASP A 1 67  ? 13.753  -8.644  3.989   1.00 35.68 ? 68  ASP A OD2   1 
ATOM   361  N N     . TYR A 1 68  ? 10.950  -9.265  -0.275  1.00 35.30 ? 69  TYR A N     1 
ATOM   362  C CA    . TYR A 1 68  ? 10.365  -9.327  -1.611  1.00 35.69 ? 69  TYR A CA    1 
ATOM   363  C C     . TYR A 1 68  ? 10.447  -10.777 -2.059  1.00 35.78 ? 69  TYR A C     1 
ATOM   364  O O     . TYR A 1 68  ? 11.213  -11.555 -1.504  1.00 35.58 ? 69  TYR A O     1 
ATOM   365  C CB    . TYR A 1 68  ? 11.173  -8.476  -2.624  1.00 36.03 ? 69  TYR A CB    1 
ATOM   366  C CG    . TYR A 1 68  ? 10.858  -6.996  -2.617  1.00 36.55 ? 69  TYR A CG    1 
ATOM   367  C CD1   . TYR A 1 68  ? 9.834   -6.486  -3.412  1.00 35.72 ? 69  TYR A CD1   1 
ATOM   368  C CD2   . TYR A 1 68  ? 11.583  -6.108  -1.820  1.00 36.24 ? 69  TYR A CD2   1 
ATOM   369  C CE1   . TYR A 1 68  ? 9.527   -5.149  -3.403  1.00 36.99 ? 69  TYR A CE1   1 
ATOM   370  C CE2   . TYR A 1 68  ? 11.274  -4.753  -1.799  1.00 38.08 ? 69  TYR A CE2   1 
ATOM   371  C CZ    . TYR A 1 68  ? 10.248  -4.289  -2.596  1.00 39.05 ? 69  TYR A CZ    1 
ATOM   372  O OH    . TYR A 1 68  ? 9.936   -2.955  -2.623  1.00 41.85 ? 69  TYR A OH    1 
ATOM   373  N N     . HIS A 1 69  ? 9.673   -11.134 -3.080  1.00 36.04 ? 70  HIS A N     1 
ATOM   374  C CA    . HIS A 1 69  ? 9.968   -12.336 -3.842  1.00 35.67 ? 70  HIS A CA    1 
ATOM   375  C C     . HIS A 1 69  ? 10.815  -11.902 -5.035  1.00 36.08 ? 70  HIS A C     1 
ATOM   376  O O     . HIS A 1 69  ? 10.303  -11.257 -5.946  1.00 36.53 ? 70  HIS A O     1 
ATOM   377  C CB    . HIS A 1 69  ? 8.680   -13.032 -4.293  1.00 35.23 ? 70  HIS A CB    1 
ATOM   378  C CG    . HIS A 1 69  ? 7.889   -13.622 -3.168  1.00 32.75 ? 70  HIS A CG    1 
ATOM   379  N ND1   . HIS A 1 69  ? 8.237   -14.806 -2.550  1.00 32.78 ? 70  HIS A ND1   1 
ATOM   380  C CD2   . HIS A 1 69  ? 6.764   -13.194 -2.551  1.00 32.93 ? 70  HIS A CD2   1 
ATOM   381  C CE1   . HIS A 1 69  ? 7.359   -15.080 -1.602  1.00 32.49 ? 70  HIS A CE1   1 
ATOM   382  N NE2   . HIS A 1 69  ? 6.457   -14.115 -1.577  1.00 32.69 ? 70  HIS A NE2   1 
ATOM   383  N N     . PHE A 1 70  ? 12.110  -12.228 -5.022  1.00 36.20 ? 71  PHE A N     1 
ATOM   384  C CA    . PHE A 1 70  ? 13.012  -11.770 -6.081  1.00 36.76 ? 71  PHE A CA    1 
ATOM   385  C C     . PHE A 1 70  ? 12.925  -12.676 -7.290  1.00 37.55 ? 71  PHE A C     1 
ATOM   386  O O     . PHE A 1 70  ? 13.303  -13.853 -7.228  1.00 37.59 ? 71  PHE A O     1 
ATOM   387  C CB    . PHE A 1 70  ? 14.454  -11.599 -5.572  1.00 36.17 ? 71  PHE A CB    1 
ATOM   388  C CG    . PHE A 1 70  ? 14.574  -10.548 -4.504  1.00 35.11 ? 71  PHE A CG    1 
ATOM   389  C CD1   . PHE A 1 70  ? 14.579  -9.196  -4.835  1.00 33.91 ? 71  PHE A CD1   1 
ATOM   390  C CD2   . PHE A 1 70  ? 14.637  -10.904 -3.161  1.00 33.08 ? 71  PHE A CD2   1 
ATOM   391  C CE1   . PHE A 1 70  ? 14.660  -8.215  -3.836  1.00 32.87 ? 71  PHE A CE1   1 
ATOM   392  C CE2   . PHE A 1 70  ? 14.715  -9.933  -2.164  1.00 31.66 ? 71  PHE A CE2   1 
ATOM   393  C CZ    . PHE A 1 70  ? 14.728  -8.590  -2.502  1.00 31.01 ? 71  PHE A CZ    1 
ATOM   394  N N     . ILE A 1 71  ? 12.393  -12.129 -8.383  1.00 37.88 ? 72  ILE A N     1 
ATOM   395  C CA    . ILE A 1 71  ? 12.249  -12.904 -9.614  1.00 39.01 ? 72  ILE A CA    1 
ATOM   396  C C     . ILE A 1 71  ? 12.944  -12.208 -10.799 1.00 38.99 ? 72  ILE A C     1 
ATOM   397  O O     . ILE A 1 71  ? 13.381  -11.061 -10.698 1.00 38.81 ? 72  ILE A O     1 
ATOM   398  C CB    . ILE A 1 71  ? 10.747  -13.279 -9.904  1.00 39.31 ? 72  ILE A CB    1 
ATOM   399  C CG1   . ILE A 1 71  ? 9.910   -12.047 -10.233 1.00 40.46 ? 72  ILE A CG1   1 
ATOM   400  C CG2   . ILE A 1 71  ? 10.099  -14.008 -8.701  1.00 39.24 ? 72  ILE A CG2   1 
ATOM   401  C CD1   . ILE A 1 71  ? 8.471   -12.391 -10.556 1.00 42.55 ? 72  ILE A CD1   1 
ATOM   402  N N     . ASP A 1 72  ? 13.075  -12.905 -11.912 1.00 39.29 ? 73  ASP A N     1 
ATOM   403  C CA    . ASP A 1 72  ? 13.749  -12.304 -13.054 1.00 39.64 ? 73  ASP A CA    1 
ATOM   404  C C     . ASP A 1 72  ? 12.723  -11.719 -14.035 1.00 39.41 ? 73  ASP A C     1 
ATOM   405  O O     . ASP A 1 72  ? 11.552  -12.125 -13.996 1.00 39.45 ? 73  ASP A O     1 
ATOM   406  C CB    . ASP A 1 72  ? 14.771  -13.269 -13.684 1.00 39.79 ? 73  ASP A CB    1 
ATOM   407  C CG    . ASP A 1 72  ? 14.137  -14.393 -14.488 1.00 40.74 ? 73  ASP A CG    1 
ATOM   408  O OD1   . ASP A 1 72  ? 13.077  -14.186 -15.094 1.00 41.28 ? 73  ASP A OD1   1 
ATOM   409  O OD2   . ASP A 1 72  ? 14.737  -15.493 -14.547 1.00 42.81 ? 73  ASP A OD2   1 
ATOM   410  N N     . PRO A 1 73  ? 13.132  -10.726 -14.861 1.00 39.02 ? 74  PRO A N     1 
ATOM   411  C CA    . PRO A 1 73  ? 12.203  -10.090 -15.808 1.00 39.00 ? 74  PRO A CA    1 
ATOM   412  C C     . PRO A 1 73  ? 11.328  -11.066 -16.601 1.00 39.03 ? 74  PRO A C     1 
ATOM   413  O O     . PRO A 1 73  ? 10.152  -10.798 -16.786 1.00 39.29 ? 74  PRO A O     1 
ATOM   414  C CB    . PRO A 1 73  ? 13.136  -9.310  -16.742 1.00 38.91 ? 74  PRO A CB    1 
ATOM   415  C CG    . PRO A 1 73  ? 14.282  -8.942  -15.872 1.00 38.42 ? 74  PRO A CG    1 
ATOM   416  C CD    . PRO A 1 73  ? 14.472  -10.106 -14.923 1.00 38.86 ? 74  PRO A CD    1 
ATOM   417  N N     . THR A 1 74  ? 11.902  -12.178 -17.057 1.00 39.30 ? 75  THR A N     1 
ATOM   418  C CA    . THR A 1 74  ? 11.170  -13.208 -17.806 1.00 39.28 ? 75  THR A CA    1 
ATOM   419  C C     . THR A 1 74  ? 10.032  -13.850 -16.992 1.00 39.37 ? 75  THR A C     1 
ATOM   420  O O     . THR A 1 74  ? 8.903   -13.938 -17.476 1.00 39.78 ? 75  THR A O     1 
ATOM   421  C CB    . THR A 1 74  ? 12.129  -14.290 -18.348 1.00 39.30 ? 75  THR A CB    1 
ATOM   422  O OG1   . THR A 1 74  ? 13.142  -13.668 -19.147 1.00 38.85 ? 75  THR A OG1   1 
ATOM   423  C CG2   . THR A 1 74  ? 11.377  -15.314 -19.194 1.00 39.33 ? 75  THR A CG2   1 
ATOM   424  N N     . ARG A 1 75  ? 10.328  -14.293 -15.767 1.00 39.24 ? 76  ARG A N     1 
ATOM   425  C CA    . ARG A 1 75  ? 9.313   -14.837 -14.862 1.00 39.02 ? 76  ARG A CA    1 
ATOM   426  C C     . ARG A 1 75  ? 8.226   -13.818 -14.625 1.00 38.16 ? 76  ARG A C     1 
ATOM   427  O O     . ARG A 1 75  ? 7.052   -14.144 -14.732 1.00 38.14 ? 76  ARG A O     1 
ATOM   428  C CB    . ARG A 1 75  ? 9.911   -15.242 -13.516 1.00 39.44 ? 76  ARG A CB    1 
ATOM   429  C CG    . ARG A 1 75  ? 10.377  -16.679 -13.420 1.00 42.63 ? 76  ARG A CG    1 
ATOM   430  C CD    . ARG A 1 75  ? 9.217   -17.671 -13.288 1.00 47.35 ? 76  ARG A CD    1 
ATOM   431  N NE    . ARG A 1 75  ? 8.197   -17.257 -12.318 1.00 50.01 ? 76  ARG A NE    1 
ATOM   432  C CZ    . ARG A 1 75  ? 8.308   -17.348 -10.988 1.00 51.94 ? 76  ARG A CZ    1 
ATOM   433  N NH1   . ARG A 1 75  ? 9.413   -17.819 -10.406 1.00 52.55 ? 76  ARG A NH1   1 
ATOM   434  N NH2   . ARG A 1 75  ? 7.302   -16.950 -10.228 1.00 51.90 ? 76  ARG A NH2   1 
ATOM   435  N N     . PHE A 1 76  ? 8.622   -12.583 -14.307 1.00 37.32 ? 77  PHE A N     1 
ATOM   436  C CA    . PHE A 1 76  ? 7.659   -11.526 -14.035 1.00 36.40 ? 77  PHE A CA    1 
ATOM   437  C C     . PHE A 1 76  ? 6.654   -11.354 -15.164 1.00 35.87 ? 77  PHE A C     1 
ATOM   438  O O     . PHE A 1 76  ? 5.457   -11.246 -14.911 1.00 35.52 ? 77  PHE A O     1 
ATOM   439  C CB    . PHE A 1 76  ? 8.328   -10.182 -13.690 1.00 36.11 ? 77  PHE A CB    1 
ATOM   440  C CG    . PHE A 1 76  ? 7.452   -9.296  -12.829 1.00 35.91 ? 77  PHE A CG    1 
ATOM   441  C CD1   . PHE A 1 76  ? 7.547   -9.338  -11.435 1.00 33.94 ? 77  PHE A CD1   1 
ATOM   442  C CD2   . PHE A 1 76  ? 6.484   -8.466  -13.406 1.00 34.67 ? 77  PHE A CD2   1 
ATOM   443  C CE1   . PHE A 1 76  ? 6.698   -8.550  -10.635 1.00 33.19 ? 77  PHE A CE1   1 
ATOM   444  C CE2   . PHE A 1 76  ? 5.646   -7.668  -12.613 1.00 34.45 ? 77  PHE A CE2   1 
ATOM   445  C CZ    . PHE A 1 76  ? 5.756   -7.716  -11.225 1.00 33.66 ? 77  PHE A CZ    1 
ATOM   446  N N     . GLN A 1 77  ? 7.148   -11.341 -16.400 1.00 36.04 ? 78  GLN A N     1 
ATOM   447  C CA    . GLN A 1 77  ? 6.289   -11.284 -17.590 1.00 36.16 ? 78  GLN A CA    1 
ATOM   448  C C     . GLN A 1 77  ? 5.372   -12.514 -17.692 1.00 36.13 ? 78  GLN A C     1 
ATOM   449  O O     . GLN A 1 77  ? 4.183   -12.355 -17.968 1.00 36.93 ? 78  GLN A O     1 
ATOM   450  C CB    . GLN A 1 77  ? 7.105   -11.066 -18.876 1.00 35.96 ? 78  GLN A CB    1 
ATOM   451  C CG    . GLN A 1 77  ? 6.253   -10.805 -20.146 1.00 36.37 ? 78  GLN A CG    1 
ATOM   452  C CD    . GLN A 1 77  ? 5.407   -9.527  -20.068 1.00 37.19 ? 78  GLN A CD    1 
ATOM   453  O OE1   . GLN A 1 77  ? 5.937   -8.426  -19.932 1.00 37.86 ? 78  GLN A OE1   1 
ATOM   454  N NE2   . GLN A 1 77  ? 4.089   -9.677  -20.166 1.00 36.81 ? 78  GLN A NE2   1 
ATOM   455  N N     . GLN A 1 78  ? 5.900   -13.712 -17.424 1.00 35.47 ? 79  GLN A N     1 
ATOM   456  C CA    . GLN A 1 78  ? 5.066   -14.927 -17.342 1.00 35.48 ? 79  GLN A CA    1 
ATOM   457  C C     . GLN A 1 78  ? 3.876   -14.761 -16.389 1.00 35.22 ? 79  GLN A C     1 
ATOM   458  O O     . GLN A 1 78  ? 2.740   -14.985 -16.777 1.00 35.33 ? 79  GLN A O     1 
ATOM   459  C CB    . GLN A 1 78  ? 5.897   -16.162 -16.952 1.00 35.50 ? 79  GLN A CB    1 
ATOM   460  C CG    . GLN A 1 78  ? 6.868   -16.628 -18.039 1.00 36.42 ? 79  GLN A CG    1 
ATOM   461  C CD    . GLN A 1 78  ? 7.634   -17.903 -17.684 1.00 37.59 ? 79  GLN A CD    1 
ATOM   462  O OE1   . GLN A 1 78  ? 7.911   -18.191 -16.509 1.00 37.56 ? 79  GLN A OE1   1 
ATOM   463  N NE2   . GLN A 1 78  ? 7.990   -18.670 -18.713 1.00 37.45 ? 79  GLN A NE2   1 
ATOM   464  N N     . LEU A 1 79  ? 4.157   -14.359 -15.151 1.00 35.21 ? 80  LEU A N     1 
ATOM   465  C CA    . LEU A 1 79  ? 3.131   -14.061 -14.127 1.00 35.37 ? 80  LEU A CA    1 
ATOM   466  C C     . LEU A 1 79  ? 2.104   -13.001 -14.543 1.00 35.34 ? 80  LEU A C     1 
ATOM   467  O O     . LEU A 1 79  ? 0.908   -13.174 -14.286 1.00 35.31 ? 80  LEU A O     1 
ATOM   468  C CB    . LEU A 1 79  ? 3.785   -13.660 -12.795 1.00 34.56 ? 80  LEU A CB    1 
ATOM   469  C CG    . LEU A 1 79  ? 4.606   -14.759 -12.121 1.00 35.00 ? 80  LEU A CG    1 
ATOM   470  C CD1   . LEU A 1 79  ? 5.449   -14.208 -10.970 1.00 36.58 ? 80  LEU A CD1   1 
ATOM   471  C CD2   . LEU A 1 79  ? 3.713   -15.901 -11.648 1.00 35.87 ? 80  LEU A CD2   1 
ATOM   472  N N     . ILE A 1 80  ? 2.570   -11.908 -15.159 1.00 35.07 ? 81  ILE A N     1 
ATOM   473  C CA    . ILE A 1 80  ? 1.663   -10.928 -15.776 1.00 34.53 ? 81  ILE A CA    1 
ATOM   474  C C     . ILE A 1 80  ? 0.700   -11.646 -16.747 1.00 34.48 ? 81  ILE A C     1 
ATOM   475  O O     . ILE A 1 80  ? -0.522  -11.475 -16.671 1.00 34.77 ? 81  ILE A O     1 
ATOM   476  C CB    . ILE A 1 80  ? 2.431   -9.778  -16.530 1.00 34.59 ? 81  ILE A CB    1 
ATOM   477  C CG1   . ILE A 1 80  ? 3.220   -8.891  -15.547 1.00 32.94 ? 81  ILE A CG1   1 
ATOM   478  C CG2   . ILE A 1 80  ? 1.466   -8.922  -17.351 1.00 33.41 ? 81  ILE A CG2   1 
ATOM   479  C CD1   . ILE A 1 80  ? 4.374   -8.085  -16.188 1.00 31.37 ? 81  ILE A CD1   1 
ATOM   480  N N     . ASP A 1 81  ? 1.257   -12.457 -17.638 1.00 33.93 ? 82  ASP A N     1 
ATOM   481  C CA    . ASP A 1 81  ? 0.484   -13.090 -18.711 1.00 33.77 ? 82  ASP A CA    1 
ATOM   482  C C     . ASP A 1 81  ? -0.582  -14.075 -18.227 1.00 33.43 ? 82  ASP A C     1 
ATOM   483  O O     . ASP A 1 81  ? -1.644  -14.189 -18.827 1.00 32.75 ? 82  ASP A O     1 
ATOM   484  C CB    . ASP A 1 81  ? 1.434   -13.775 -19.690 1.00 33.67 ? 82  ASP A CB    1 
ATOM   485  C CG    . ASP A 1 81  ? 2.178   -12.783 -20.568 1.00 34.26 ? 82  ASP A CG    1 
ATOM   486  O OD1   . ASP A 1 81  ? 1.811   -11.556 -20.505 1.00 33.08 ? 82  ASP A OD1   1 
ATOM   487  O OD2   . ASP A 1 81  ? 3.112   -13.239 -21.329 1.00 34.02 ? 82  ASP A OD2   1 
ATOM   488  N N     . GLN A 1 82  ? -0.287  -14.755 -17.121 1.00 33.67 ? 83  GLN A N     1 
ATOM   489  C CA    . GLN A 1 82  ? -1.151  -15.783 -16.546 1.00 33.82 ? 83  GLN A CA    1 
ATOM   490  C C     . GLN A 1 82  ? -2.145  -15.253 -15.498 1.00 33.38 ? 83  GLN A C     1 
ATOM   491  O O     . GLN A 1 82  ? -2.902  -16.024 -14.910 1.00 32.92 ? 83  GLN A O     1 
ATOM   492  C CB    . GLN A 1 82  ? -0.282  -16.893 -15.945 1.00 33.97 ? 83  GLN A CB    1 
ATOM   493  C CG    . GLN A 1 82  ? 0.452   -17.733 -16.991 1.00 35.56 ? 83  GLN A CG    1 
ATOM   494  C CD    . GLN A 1 82  ? 1.584   -18.581 -16.410 1.00 37.41 ? 83  GLN A CD    1 
ATOM   495  O OE1   . GLN A 1 82  ? 1.755   -18.683 -15.183 1.00 39.39 ? 83  GLN A OE1   1 
ATOM   496  N NE2   . GLN A 1 82  ? 2.373   -19.179 -17.298 1.00 36.25 ? 83  GLN A NE2   1 
ATOM   497  N N     . GLY A 1 83  ? -2.143  -13.944 -15.273 1.00 33.48 ? 84  GLY A N     1 
ATOM   498  C CA    . GLY A 1 83  ? -3.032  -13.323 -14.281 1.00 34.17 ? 84  GLY A CA    1 
ATOM   499  C C     . GLY A 1 83  ? -2.701  -13.689 -12.836 1.00 34.41 ? 84  GLY A C     1 
ATOM   500  O O     . GLY A 1 83  ? -3.591  -13.941 -12.021 1.00 34.19 ? 84  GLY A O     1 
ATOM   501  N N     . GLU A 1 84  ? -1.415  -13.727 -12.519 1.00 34.68 ? 85  GLU A N     1 
ATOM   502  C CA    . GLU A 1 84  ? -0.989  -14.131 -11.192 1.00 35.22 ? 85  GLU A CA    1 
ATOM   503  C C     . GLU A 1 84  ? -0.647  -12.920 -10.305 1.00 34.85 ? 85  GLU A C     1 
ATOM   504  O O     . GLU A 1 84  ? -0.330  -13.075 -9.122  1.00 34.70 ? 85  GLU A O     1 
ATOM   505  C CB    . GLU A 1 84  ? 0.183   -15.104 -11.292 1.00 35.28 ? 85  GLU A CB    1 
ATOM   506  C CG    . GLU A 1 84  ? -0.170  -16.464 -11.897 1.00 37.55 ? 85  GLU A CG    1 
ATOM   507  C CD    . GLU A 1 84  ? -0.795  -17.443 -10.903 1.00 41.66 ? 85  GLU A CD    1 
ATOM   508  O OE1   . GLU A 1 84  ? -1.357  -17.016 -9.863  1.00 43.68 ? 85  GLU A OE1   1 
ATOM   509  O OE2   . GLU A 1 84  ? -0.741  -18.664 -11.176 1.00 43.73 ? 85  GLU A OE2   1 
ATOM   510  N N     . LEU A 1 85  ? -0.716  -11.724 -10.891 1.00 34.43 ? 86  LEU A N     1 
ATOM   511  C CA    . LEU A 1 85  ? -0.511  -10.470 -10.159 1.00 34.69 ? 86  LEU A CA    1 
ATOM   512  C C     . LEU A 1 85  ? -1.844  -9.760  -9.912  1.00 34.55 ? 86  LEU A C     1 
ATOM   513  O O     . LEU A 1 85  ? -2.632  -9.568  -10.844 1.00 34.72 ? 86  LEU A O     1 
ATOM   514  C CB    . LEU A 1 85  ? 0.428   -9.523  -10.938 1.00 34.70 ? 86  LEU A CB    1 
ATOM   515  C CG    . LEU A 1 85  ? 1.962   -9.572  -10.856 1.00 34.68 ? 86  LEU A CG    1 
ATOM   516  C CD1   . LEU A 1 85  ? 2.463   -9.752  -9.435  1.00 37.04 ? 86  LEU A CD1   1 
ATOM   517  C CD2   . LEU A 1 85  ? 2.532   -10.637 -11.725 1.00 34.69 ? 86  LEU A CD2   1 
ATOM   518  N N     . LEU A 1 86  ? -2.103  -9.354  -8.675  1.00 34.56 ? 87  LEU A N     1 
ATOM   519  C CA    . LEU A 1 86  ? -3.307  -8.537  -8.393  1.00 34.30 ? 87  LEU A CA    1 
ATOM   520  C C     . LEU A 1 86  ? -3.126  -7.129  -8.975  1.00 34.63 ? 87  LEU A C     1 
ATOM   521  O O     . LEU A 1 86  ? -4.088  -6.494  -9.429  1.00 34.14 ? 87  LEU A O     1 
ATOM   522  C CB    . LEU A 1 86  ? -3.603  -8.482  -6.893  1.00 33.82 ? 87  LEU A CB    1 
ATOM   523  C CG    . LEU A 1 86  ? -3.990  -9.787  -6.185  1.00 33.24 ? 87  LEU A CG    1 
ATOM   524  C CD1   . LEU A 1 86  ? -4.130  -9.568  -4.708  1.00 31.96 ? 87  LEU A CD1   1 
ATOM   525  C CD2   . LEU A 1 86  ? -5.290  -10.367 -6.732  1.00 30.77 ? 87  LEU A CD2   1 
ATOM   526  N N     . GLU A 1 87  ? -1.872  -6.670  -8.974  1.00 34.41 ? 88  GLU A N     1 
ATOM   527  C CA    . GLU A 1 87  ? -1.490  -5.393  -9.561  1.00 34.72 ? 88  GLU A CA    1 
ATOM   528  C C     . GLU A 1 87  ? -0.006  -5.440  -9.795  1.00 34.50 ? 88  GLU A C     1 
ATOM   529  O O     . GLU A 1 87  ? 0.686   -6.186  -9.129  1.00 35.19 ? 88  GLU A O     1 
ATOM   530  C CB    . GLU A 1 87  ? -1.859  -4.215  -8.634  1.00 35.12 ? 88  GLU A CB    1 
ATOM   531  C CG    . GLU A 1 87  ? -1.231  -4.198  -7.226  1.00 35.73 ? 88  GLU A CG    1 
ATOM   532  C CD    . GLU A 1 87  ? 0.206   -3.679  -7.185  1.00 38.20 ? 88  GLU A CD    1 
ATOM   533  O OE1   . GLU A 1 87  ? 0.977   -4.177  -6.337  1.00 37.65 ? 88  GLU A OE1   1 
ATOM   534  O OE2   . GLU A 1 87  ? 0.560   -2.773  -7.989  1.00 38.83 ? 88  GLU A OE2   1 
ATOM   535  N N     . TRP A 1 88  ? 0.489   -4.663  -10.744 1.00 34.32 ? 89  TRP A N     1 
ATOM   536  C CA    . TRP A 1 88  ? 1.951   -4.470  -10.913 1.00 34.01 ? 89  TRP A CA    1 
ATOM   537  C C     . TRP A 1 88  ? 2.241   -3.095  -11.517 1.00 33.89 ? 89  TRP A C     1 
ATOM   538  O O     . TRP A 1 88  ? 1.365   -2.504  -12.155 1.00 34.08 ? 89  TRP A O     1 
ATOM   539  C CB    . TRP A 1 88  ? 2.565   -5.566  -11.794 1.00 34.18 ? 89  TRP A CB    1 
ATOM   540  C CG    . TRP A 1 88  ? 1.987   -5.620  -13.177 1.00 34.72 ? 89  TRP A CG    1 
ATOM   541  C CD1   . TRP A 1 88  ? 0.818   -6.242  -13.560 1.00 36.19 ? 89  TRP A CD1   1 
ATOM   542  C CD2   . TRP A 1 88  ? 2.543   -5.048  -14.368 1.00 36.03 ? 89  TRP A CD2   1 
ATOM   543  N NE1   . TRP A 1 88  ? 0.610   -6.073  -14.905 1.00 36.01 ? 89  TRP A NE1   1 
ATOM   544  C CE2   . TRP A 1 88  ? 1.656   -5.350  -15.431 1.00 35.69 ? 89  TRP A CE2   1 
ATOM   545  C CE3   . TRP A 1 88  ? 3.709   -4.309  -14.645 1.00 35.96 ? 89  TRP A CE3   1 
ATOM   546  C CZ2   . TRP A 1 88  ? 1.894   -4.939  -16.745 1.00 35.63 ? 89  TRP A CZ2   1 
ATOM   547  C CZ3   . TRP A 1 88  ? 3.938   -3.894  -15.951 1.00 35.71 ? 89  TRP A CZ3   1 
ATOM   548  C CH2   . TRP A 1 88  ? 3.035   -4.217  -16.986 1.00 36.14 ? 89  TRP A CH2   1 
ATOM   549  N N     . ALA A 1 89  ? 3.455   -2.582  -11.333 1.00 33.24 ? 90  ALA A N     1 
ATOM   550  C CA    . ALA A 1 89  ? 3.822   -1.343  -11.994 1.00 33.22 ? 90  ALA A CA    1 
ATOM   551  C C     . ALA A 1 89  ? 5.266   -1.393  -12.449 1.00 33.21 ? 90  ALA A C     1 
ATOM   552  O O     . ALA A 1 89  ? 6.059   -2.165  -11.904 1.00 33.61 ? 90  ALA A O     1 
ATOM   553  C CB    . ALA A 1 89  ? 3.569   -0.118  -11.058 1.00 32.90 ? 90  ALA A CB    1 
ATOM   554  N N     . GLU A 1 90  ? 5.585   -0.585  -13.461 1.00 32.80 ? 91  GLU A N     1 
ATOM   555  C CA    . GLU A 1 90  ? 6.964   -0.250  -13.808 1.00 33.00 ? 91  GLU A CA    1 
ATOM   556  C C     . GLU A 1 90  ? 7.513   0.682   -12.742 1.00 32.25 ? 91  GLU A C     1 
ATOM   557  O O     . GLU A 1 90  ? 6.876   1.683   -12.391 1.00 31.70 ? 91  GLU A O     1 
ATOM   558  C CB    . GLU A 1 90  ? 7.060   0.502   -15.156 1.00 33.04 ? 91  GLU A CB    1 
ATOM   559  C CG    . GLU A 1 90  ? 6.332   -0.127  -16.338 1.00 36.58 ? 91  GLU A CG    1 
ATOM   560  C CD    . GLU A 1 90  ? 7.036   -1.347  -16.916 1.00 40.94 ? 91  GLU A CD    1 
ATOM   561  O OE1   . GLU A 1 90  ? 8.210   -1.606  -16.547 1.00 43.37 ? 91  GLU A OE1   1 
ATOM   562  O OE2   . GLU A 1 90  ? 6.408   -2.045  -17.751 1.00 42.93 ? 91  GLU A OE2   1 
ATOM   563  N N     . ILE A 1 91  ? 8.714   0.377   -12.262 1.00 31.65 ? 92  ILE A N     1 
ATOM   564  C CA    . ILE A 1 91  ? 9.336   1.195   -11.246 1.00 31.68 ? 92  ILE A CA    1 
ATOM   565  C C     . ILE A 1 91  ? 10.479  2.025   -11.844 1.00 32.38 ? 92  ILE A C     1 
ATOM   566  O O     . ILE A 1 91  ? 11.274  1.512   -12.623 1.00 32.52 ? 92  ILE A O     1 
ATOM   567  C CB    . ILE A 1 91  ? 9.793   0.342   -10.033 1.00 31.43 ? 92  ILE A CB    1 
ATOM   568  C CG1   . ILE A 1 91  ? 8.719   -0.705  -9.653  1.00 30.94 ? 92  ILE A CG1   1 
ATOM   569  C CG2   . ILE A 1 91  ? 10.124  1.245   -8.826  1.00 30.57 ? 92  ILE A CG2   1 
ATOM   570  C CD1   . ILE A 1 91  ? 7.383   -0.101  -9.087  1.00 28.96 ? 92  ILE A CD1   1 
ATOM   571  N N     . HIS A 1 92  ? 10.531  3.308   -11.465 1.00 32.93 ? 93  HIS A N     1 
ATOM   572  C CA    . HIS A 1 92  ? 11.483  4.306   -11.984 1.00 33.95 ? 93  HIS A CA    1 
ATOM   573  C C     . HIS A 1 92  ? 11.522  4.393   -13.500 1.00 34.27 ? 93  HIS A C     1 
ATOM   574  O O     . HIS A 1 92  ? 12.605  4.411   -14.106 1.00 35.02 ? 93  HIS A O     1 
ATOM   575  C CB    . HIS A 1 92  ? 12.891  4.133   -11.409 1.00 34.09 ? 93  HIS A CB    1 
ATOM   576  C CG    . HIS A 1 92  ? 12.909  3.975   -9.926  1.00 36.61 ? 93  HIS A CG    1 
ATOM   577  N ND1   . HIS A 1 92  ? 13.686  3.035   -9.287  1.00 38.20 ? 93  HIS A ND1   1 
ATOM   578  C CD2   . HIS A 1 92  ? 12.199  4.600   -8.956  1.00 38.09 ? 93  HIS A CD2   1 
ATOM   579  C CE1   . HIS A 1 92  ? 13.466  3.098   -7.987  1.00 39.18 ? 93  HIS A CE1   1 
ATOM   580  N NE2   . HIS A 1 92  ? 12.565  4.037   -7.761  1.00 39.07 ? 93  HIS A NE2   1 
ATOM   581  N N     . GLY A 1 93  ? 10.335  4.473   -14.099 1.00 34.34 ? 94  GLY A N     1 
ATOM   582  C CA    . GLY A 1 93  ? 10.199  4.592   -15.548 1.00 34.02 ? 94  GLY A CA    1 
ATOM   583  C C     . GLY A 1 93  ? 10.642  3.310   -16.223 1.00 33.87 ? 94  GLY A C     1 
ATOM   584  O O     . GLY A 1 93  ? 11.095  3.341   -17.351 1.00 34.41 ? 94  GLY A O     1 
ATOM   585  N N     . GLY A 1 94  ? 10.540  2.186   -15.514 1.00 33.51 ? 95  GLY A N     1 
ATOM   586  C CA    . GLY A 1 94  ? 10.829  0.886   -16.094 1.00 33.04 ? 95  GLY A CA    1 
ATOM   587  C C     . GLY A 1 94  ? 12.242  0.348   -15.903 1.00 32.96 ? 95  GLY A C     1 
ATOM   588  O O     . GLY A 1 94  ? 12.672  -0.518  -16.668 1.00 33.00 ? 95  GLY A O     1 
ATOM   589  N N     . LEU A 1 95  ? 12.970  0.848   -14.899 1.00 32.33 ? 96  LEU A N     1 
ATOM   590  C CA    . LEU A 1 95  ? 14.192  0.179   -14.446 1.00 31.84 ? 96  LEU A CA    1 
ATOM   591  C C     . LEU A 1 95  ? 13.893  -1.284  -14.066 1.00 31.94 ? 96  LEU A C     1 
ATOM   592  O O     . LEU A 1 95  ? 14.701  -2.198  -14.315 1.00 32.08 ? 96  LEU A O     1 
ATOM   593  C CB    . LEU A 1 95  ? 14.818  0.901   -13.246 1.00 31.79 ? 96  LEU A CB    1 
ATOM   594  C CG    . LEU A 1 95  ? 16.130  0.259   -12.756 1.00 31.11 ? 96  LEU A CG    1 
ATOM   595  C CD1   . LEU A 1 95  ? 17.274  0.472   -13.774 1.00 31.19 ? 96  LEU A CD1   1 
ATOM   596  C CD2   . LEU A 1 95  ? 16.528  0.720   -11.355 1.00 30.95 ? 96  LEU A CD2   1 
ATOM   597  N N     . HIS A 1 96  ? 12.723  -1.495  -13.470 1.00 31.34 ? 97  HIS A N     1 
ATOM   598  C CA    . HIS A 1 96  ? 12.313  -2.810  -13.038 1.00 30.98 ? 97  HIS A CA    1 
ATOM   599  C C     . HIS A 1 96  ? 10.821  -2.783  -12.734 1.00 31.15 ? 97  HIS A C     1 
ATOM   600  O O     . HIS A 1 96  ? 10.157  -1.769  -12.950 1.00 30.99 ? 97  HIS A O     1 
ATOM   601  C CB    . HIS A 1 96  ? 13.168  -3.299  -11.837 1.00 30.80 ? 97  HIS A CB    1 
ATOM   602  C CG    . HIS A 1 96  ? 12.990  -2.499  -10.574 1.00 30.51 ? 97  HIS A CG    1 
ATOM   603  N ND1   . HIS A 1 96  ? 12.048  -2.814  -9.617  1.00 30.66 ? 97  HIS A ND1   1 
ATOM   604  C CD2   . HIS A 1 96  ? 13.649  -1.412  -10.101 1.00 30.57 ? 97  HIS A CD2   1 
ATOM   605  C CE1   . HIS A 1 96  ? 12.126  -1.954  -8.617  1.00 30.94 ? 97  HIS A CE1   1 
ATOM   606  N NE2   . HIS A 1 96  ? 13.085  -1.089  -8.889  1.00 30.44 ? 97  HIS A NE2   1 
ATOM   607  N N     . ARG A 1 97  ? 10.299  -3.902  -12.241 1.00 31.70 ? 98  ARG A N     1 
ATOM   608  C CA    . ARG A 1 97  ? 8.867   -4.058  -11.993 1.00 32.21 ? 98  ARG A CA    1 
ATOM   609  C C     . ARG A 1 97  ? 8.624   -4.620  -10.613 1.00 32.32 ? 98  ARG A C     1 
ATOM   610  O O     . ARG A 1 97  ? 9.439   -5.391  -10.102 1.00 32.72 ? 98  ARG A O     1 
ATOM   611  C CB    . ARG A 1 97  ? 8.245   -4.982  -13.032 1.00 32.31 ? 98  ARG A CB    1 
ATOM   612  C CG    . ARG A 1 97  ? 8.109   -4.360  -14.401 1.00 32.98 ? 98  ARG A CG    1 
ATOM   613  C CD    . ARG A 1 97  ? 7.923   -5.438  -15.426 1.00 34.50 ? 98  ARG A CD    1 
ATOM   614  N NE    . ARG A 1 97  ? 7.315   -4.923  -16.640 1.00 36.56 ? 98  ARG A NE    1 
ATOM   615  C CZ    . ARG A 1 97  ? 7.030   -5.660  -17.716 1.00 39.29 ? 98  ARG A CZ    1 
ATOM   616  N NH1   . ARG A 1 97  ? 7.308   -6.968  -17.747 1.00 38.13 ? 98  ARG A NH1   1 
ATOM   617  N NH2   . ARG A 1 97  ? 6.471   -5.079  -18.776 1.00 38.50 ? 98  ARG A NH2   1 
ATOM   618  N N     . SER A 1 98  ? 7.515   -4.197  -10.003 1.00 32.88 ? 99  SER A N     1 
ATOM   619  C CA    . SER A 1 98  ? 7.067   -4.709  -8.707  1.00 32.49 ? 99  SER A CA    1 
ATOM   620  C C     . SER A 1 98  ? 5.569   -4.892  -8.782  1.00 32.86 ? 99  SER A C     1 
ATOM   621  O O     . SER A 1 98  ? 4.917   -4.246  -9.583  1.00 32.39 ? 99  SER A O     1 
ATOM   622  C CB    . SER A 1 98  ? 7.410   -3.752  -7.570  1.00 32.59 ? 99  SER A CB    1 
ATOM   623  O OG    . SER A 1 98  ? 8.813   -3.649  -7.372  1.00 32.32 ? 99  SER A OG    1 
ATOM   624  N N     . GLY A 1 99  ? 5.041   -5.786  -7.947  1.00 33.20 ? 100 GLY A N     1 
ATOM   625  C CA    . GLY A 1 99  ? 3.628   -5.995  -7.836  1.00 33.36 ? 100 GLY A CA    1 
ATOM   626  C C     . GLY A 1 99  ? 3.268   -7.010  -6.776  1.00 34.41 ? 100 GLY A C     1 
ATOM   627  O O     . GLY A 1 99  ? 4.132   -7.642  -6.171  1.00 35.30 ? 100 GLY A O     1 
ATOM   628  N N     . THR A 1 100 ? 1.965   -7.167  -6.587  1.00 34.53 ? 101 THR A N     1 
ATOM   629  C CA    . THR A 1 100 ? 1.360   -8.018  -5.578  1.00 34.25 ? 101 THR A CA    1 
ATOM   630  C C     . THR A 1 100 ? 0.918   -9.308  -6.222  1.00 33.94 ? 101 THR A C     1 
ATOM   631  O O     . THR A 1 100 ? 0.128   -9.296  -7.164  1.00 34.09 ? 101 THR A O     1 
ATOM   632  C CB    . THR A 1 100 ? 0.119   -7.325  -4.978  1.00 34.31 ? 101 THR A CB    1 
ATOM   633  O OG1   . THR A 1 100 ? 0.509   -6.035  -4.467  1.00 35.89 ? 101 THR A OG1   1 
ATOM   634  C CG2   . THR A 1 100 ? -0.508  -8.181  -3.848  1.00 33.39 ? 101 THR A CG2   1 
ATOM   635  N N     . LEU A 1 101 ? 1.447   -10.417 -5.721  1.00 33.56 ? 102 LEU A N     1 
ATOM   636  C CA    . LEU A 1 101 ? 1.112   -11.749 -6.208  1.00 33.22 ? 102 LEU A CA    1 
ATOM   637  C C     . LEU A 1 101 ? -0.222  -12.202 -5.603  1.00 33.22 ? 102 LEU A C     1 
ATOM   638  O O     . LEU A 1 101 ? -0.462  -12.038 -4.406  1.00 33.52 ? 102 LEU A O     1 
ATOM   639  C CB    . LEU A 1 101 ? 2.222   -12.740 -5.834  1.00 32.75 ? 102 LEU A CB    1 
ATOM   640  C CG    . LEU A 1 101 ? 3.587   -12.577 -6.485  1.00 33.03 ? 102 LEU A CG    1 
ATOM   641  C CD1   . LEU A 1 101 ? 4.619   -13.268 -5.624  1.00 34.11 ? 102 LEU A CD1   1 
ATOM   642  C CD2   . LEU A 1 101 ? 3.612   -13.128 -7.917  1.00 31.57 ? 102 LEU A CD2   1 
ATOM   643  N N     . ALA A 1 102 ? -1.085  -12.757 -6.437  1.00 33.19 ? 103 ALA A N     1 
ATOM   644  C CA    . ALA A 1 102 ? -2.412  -13.203 -6.017  1.00 33.75 ? 103 ALA A CA    1 
ATOM   645  C C     . ALA A 1 102 ? -2.399  -14.413 -5.080  1.00 33.95 ? 103 ALA A C     1 
ATOM   646  O O     . ALA A 1 102 ? -3.143  -14.446 -4.098  1.00 34.66 ? 103 ALA A O     1 
ATOM   647  C CB    . ALA A 1 102 ? -3.285  -13.498 -7.248  1.00 32.56 ? 103 ALA A CB    1 
ATOM   648  N N     . GLN A 1 103 ? -1.568  -15.399 -5.394  1.00 34.69 ? 104 GLN A N     1 
ATOM   649  C CA    . GLN A 1 103 ? -1.630  -16.707 -4.739  1.00 35.90 ? 104 GLN A CA    1 
ATOM   650  C C     . GLN A 1 103 ? -1.355  -16.687 -3.225  1.00 35.34 ? 104 GLN A C     1 
ATOM   651  O O     . GLN A 1 103 ? -2.132  -17.284 -2.472  1.00 36.19 ? 104 GLN A O     1 
ATOM   652  C CB    . GLN A 1 103 ? -0.732  -17.727 -5.464  1.00 36.15 ? 104 GLN A CB    1 
ATOM   653  C CG    . GLN A 1 103 ? -1.480  -18.754 -6.312  1.00 41.16 ? 104 GLN A CG    1 
ATOM   654  C CD    . GLN A 1 103 ? -2.076  -19.895 -5.466  1.00 47.59 ? 104 GLN A CD    1 
ATOM   655  O OE1   . GLN A 1 103 ? -3.145  -19.751 -4.846  1.00 51.00 ? 104 GLN A OE1   1 
ATOM   656  N NE2   . GLN A 1 103 ? -1.381  -21.031 -5.437  1.00 47.93 ? 104 GLN A NE2   1 
ATOM   657  N N     . PRO A 1 104 ? -0.267  -16.000 -2.770  1.00 34.79 ? 105 PRO A N     1 
ATOM   658  C CA    . PRO A 1 104 ? 0.023   -15.938 -1.329  1.00 33.97 ? 105 PRO A CA    1 
ATOM   659  C C     . PRO A 1 104 ? -1.085  -15.262 -0.559  1.00 33.31 ? 105 PRO A C     1 
ATOM   660  O O     . PRO A 1 104 ? -1.382  -15.635 0.580   1.00 33.30 ? 105 PRO A O     1 
ATOM   661  C CB    . PRO A 1 104 ? 1.290   -15.064 -1.255  1.00 34.00 ? 105 PRO A CB    1 
ATOM   662  C CG    . PRO A 1 104 ? 1.882   -15.112 -2.588  1.00 34.18 ? 105 PRO A CG    1 
ATOM   663  C CD    . PRO A 1 104 ? 0.752   -15.265 -3.551  1.00 34.04 ? 105 PRO A CD    1 
ATOM   664  N N     . VAL A 1 105 ? -1.675  -14.248 -1.173  1.00 33.12 ? 106 VAL A N     1 
ATOM   665  C CA    . VAL A 1 105 ? -2.750  -13.506 -0.561  1.00 32.92 ? 106 VAL A CA    1 
ATOM   666  C C     . VAL A 1 105 ? -3.947  -14.433 -0.362  1.00 33.36 ? 106 VAL A C     1 
ATOM   667  O O     . VAL A 1 105 ? -4.521  -14.474 0.724   1.00 33.92 ? 106 VAL A O     1 
ATOM   668  C CB    . VAL A 1 105 ? -3.149  -12.268 -1.422  1.00 33.25 ? 106 VAL A CB    1 
ATOM   669  C CG1   . VAL A 1 105 ? -4.496  -11.662 -0.949  1.00 31.65 ? 106 VAL A CG1   1 
ATOM   670  C CG2   . VAL A 1 105 ? -2.054  -11.228 -1.392  1.00 32.91 ? 106 VAL A CG2   1 
ATOM   671  N N     . ARG A 1 106 ? -4.315  -15.180 -1.408  1.00 33.33 ? 107 ARG A N     1 
ATOM   672  C CA    . ARG A 1 106 ? -5.478  -16.078 -1.328  1.00 33.21 ? 107 ARG A CA    1 
ATOM   673  C C     . ARG A 1 106 ? -5.224  -17.271 -0.422  1.00 32.27 ? 107 ARG A C     1 
ATOM   674  O O     . ARG A 1 106 ? -6.131  -17.712 0.254   1.00 32.43 ? 107 ARG A O     1 
ATOM   675  C CB    . ARG A 1 106 ? -5.934  -16.546 -2.720  1.00 33.34 ? 107 ARG A CB    1 
ATOM   676  C CG    . ARG A 1 106 ? -6.419  -15.395 -3.619  1.00 35.56 ? 107 ARG A CG    1 
ATOM   677  C CD    . ARG A 1 106 ? -7.027  -15.888 -4.934  1.00 39.06 ? 107 ARG A CD    1 
ATOM   678  N NE    . ARG A 1 106 ? -7.241  -14.773 -5.859  1.00 41.47 ? 107 ARG A NE    1 
ATOM   679  C CZ    . ARG A 1 106 ? -8.347  -14.030 -5.909  1.00 42.95 ? 107 ARG A CZ    1 
ATOM   680  N NH1   . ARG A 1 106 ? -9.366  -14.282 -5.085  1.00 43.00 ? 107 ARG A NH1   1 
ATOM   681  N NH2   . ARG A 1 106 ? -8.436  -13.035 -6.789  1.00 42.65 ? 107 ARG A NH2   1 
ATOM   682  N N     . ALA A 1 107 ? -3.991  -17.781 -0.408  1.00 31.68 ? 108 ALA A N     1 
ATOM   683  C CA    . ALA A 1 107 ? -3.644  -18.942 0.427   1.00 30.87 ? 108 ALA A CA    1 
ATOM   684  C C     . ALA A 1 107 ? -3.637  -18.598 1.914   1.00 30.45 ? 108 ALA A C     1 
ATOM   685  O O     . ALA A 1 107 ? -4.093  -19.400 2.739   1.00 30.21 ? 108 ALA A O     1 
ATOM   686  C CB    . ALA A 1 107 ? -2.306  -19.527 0.015   1.00 30.82 ? 108 ALA A CB    1 
ATOM   687  N N     . ALA A 1 108 ? -3.116  -17.410 2.239   1.00 29.86 ? 109 ALA A N     1 
ATOM   688  C CA    . ALA A 1 108 ? -3.139  -16.866 3.603   1.00 29.78 ? 109 ALA A CA    1 
ATOM   689  C C     . ALA A 1 108 ? -4.554  -16.637 4.117   1.00 29.94 ? 109 ALA A C     1 
ATOM   690  O O     . ALA A 1 108 ? -4.885  -17.089 5.197   1.00 30.85 ? 109 ALA A O     1 
ATOM   691  C CB    . ALA A 1 108 ? -2.340  -15.579 3.691   1.00 29.10 ? 109 ALA A CB    1 
ATOM   692  N N     . ALA A 1 109 ? -5.382  -15.922 3.362   1.00 30.40 ? 110 ALA A N     1 
ATOM   693  C CA    . ALA A 1 109 ? -6.829  -15.781 3.698   1.00 30.58 ? 110 ALA A CA    1 
ATOM   694  C C     . ALA A 1 109 ? -7.582  -17.118 3.902   1.00 30.19 ? 110 ALA A C     1 
ATOM   695  O O     . ALA A 1 109 ? -8.364  -17.233 4.839   1.00 30.26 ? 110 ALA A O     1 
ATOM   696  C CB    . ALA A 1 109 ? -7.549  -14.896 2.655   1.00 30.27 ? 110 ALA A CB    1 
ATOM   697  N N     . ALA A 1 110 ? -7.326  -18.122 3.049   1.00 30.49 ? 111 ALA A N     1 
ATOM   698  C CA    . ALA A 1 110 ? -7.956  -19.466 3.159   1.00 30.80 ? 111 ALA A CA    1 
ATOM   699  C C     . ALA A 1 110 ? -7.488  -20.249 4.385   1.00 31.14 ? 111 ALA A C     1 
ATOM   700  O O     . ALA A 1 110 ? -8.171  -21.165 4.861   1.00 30.68 ? 111 ALA A O     1 
ATOM   701  C CB    . ALA A 1 110 ? -7.682  -20.311 1.884   1.00 30.80 ? 111 ALA A CB    1 
ATOM   702  N N     . THR A 1 111 ? -6.295  -19.906 4.864   1.00 31.82 ? 112 THR A N     1 
ATOM   703  C CA    . THR A 1 111 ? -5.724  -20.503 6.069   1.00 32.16 ? 112 THR A CA    1 
ATOM   704  C C     . THR A 1 111 ? -6.306  -19.790 7.287   1.00 32.51 ? 112 THR A C     1 
ATOM   705  O O     . THR A 1 111 ? -6.181  -20.258 8.424   1.00 32.65 ? 112 THR A O     1 
ATOM   706  C CB    . THR A 1 111 ? -4.175  -20.374 6.054   1.00 32.31 ? 112 THR A CB    1 
ATOM   707  O OG1   . THR A 1 111 ? -3.667  -20.894 4.816   1.00 31.56 ? 112 THR A OG1   1 
ATOM   708  C CG2   . THR A 1 111 ? -3.549  -21.122 7.220   1.00 31.72 ? 112 THR A CG2   1 
ATOM   709  N N     . GLY A 1 112 ? -6.935  -18.646 7.056   1.00 32.61 ? 113 GLY A N     1 
ATOM   710  C CA    . GLY A 1 112 ? -7.557  -17.910 8.153   1.00 33.36 ? 113 GLY A CA    1 
ATOM   711  C C     . GLY A 1 112 ? -6.683  -16.776 8.667   1.00 33.88 ? 113 GLY A C     1 
ATOM   712  O O     . GLY A 1 112 ? -7.032  -16.108 9.621   1.00 33.87 ? 113 GLY A O     1 
ATOM   713  N N     . VAL A 1 113 ? -5.541  -16.540 8.045   1.00 34.48 ? 114 VAL A N     1 
ATOM   714  C CA    . VAL A 1 113 ? -4.720  -15.408 8.484   1.00 35.60 ? 114 VAL A CA    1 
ATOM   715  C C     . VAL A 1 113 ? -5.158  -14.091 7.824   1.00 35.63 ? 114 VAL A C     1 
ATOM   716  O O     . VAL A 1 113 ? -5.467  -14.060 6.636   1.00 36.53 ? 114 VAL A O     1 
ATOM   717  C CB    . VAL A 1 113 ? -3.136  -15.712 8.470   1.00 35.94 ? 114 VAL A CB    1 
ATOM   718  C CG1   . VAL A 1 113 ? -2.810  -17.109 7.926   1.00 36.17 ? 114 VAL A CG1   1 
ATOM   719  C CG2   . VAL A 1 113 ? -2.304  -14.602 7.832   1.00 34.83 ? 114 VAL A CG2   1 
ATOM   720  N N     . PRO A 1 114 ? -5.212  -13.004 8.606   1.00 35.63 ? 115 PRO A N     1 
ATOM   721  C CA    . PRO A 1 114 ? -5.583  -11.721 8.008   1.00 35.03 ? 115 PRO A CA    1 
ATOM   722  C C     . PRO A 1 114 ? -4.421  -11.185 7.156   1.00 34.69 ? 115 PRO A C     1 
ATOM   723  O O     . PRO A 1 114 ? -3.280  -11.510 7.431   1.00 34.03 ? 115 PRO A O     1 
ATOM   724  C CB    . PRO A 1 114 ? -5.881  -10.843 9.217   1.00 35.37 ? 115 PRO A CB    1 
ATOM   725  C CG    . PRO A 1 114 ? -5.106  -11.458 10.354  1.00 34.92 ? 115 PRO A CG    1 
ATOM   726  C CD    . PRO A 1 114 ? -4.912  -12.903 10.051  1.00 35.56 ? 115 PRO A CD    1 
ATOM   727  N N     . VAL A 1 115 ? -4.723  -10.431 6.096   1.00 34.46 ? 116 VAL A N     1 
ATOM   728  C CA    . VAL A 1 115 ? -3.692  -9.976  5.132   1.00 34.38 ? 116 VAL A CA    1 
ATOM   729  C C     . VAL A 1 115 ? -3.770  -8.461  4.977   1.00 34.35 ? 116 VAL A C     1 
ATOM   730  O O     . VAL A 1 115 ? -4.844  -7.915  4.793   1.00 34.95 ? 116 VAL A O     1 
ATOM   731  C CB    . VAL A 1 115 ? -3.837  -10.681 3.699   1.00 34.61 ? 116 VAL A CB    1 
ATOM   732  C CG1   . VAL A 1 115 ? -2.811  -10.175 2.686   1.00 32.95 ? 116 VAL A CG1   1 
ATOM   733  C CG2   . VAL A 1 115 ? -3.731  -12.200 3.799   1.00 34.07 ? 116 VAL A CG2   1 
ATOM   734  N N     . LEU A 1 116 ? -2.631  -7.792  5.054   1.00 34.26 ? 117 LEU A N     1 
ATOM   735  C CA    . LEU A 1 116 ? -2.549  -6.371  4.754   1.00 34.23 ? 117 LEU A CA    1 
ATOM   736  C C     . LEU A 1 116 ? -1.695  -6.138  3.505   1.00 34.59 ? 117 LEU A C     1 
ATOM   737  O O     . LEU A 1 116 ? -0.531  -6.560  3.423   1.00 34.42 ? 117 LEU A O     1 
ATOM   738  C CB    . LEU A 1 116 ? -1.930  -5.608  5.937   1.00 34.00 ? 117 LEU A CB    1 
ATOM   739  C CG    . LEU A 1 116 ? -1.721  -4.091  5.876   1.00 32.08 ? 117 LEU A CG    1 
ATOM   740  C CD1   . LEU A 1 116 ? -3.046  -3.360  5.788   1.00 29.96 ? 117 LEU A CD1   1 
ATOM   741  C CD2   . LEU A 1 116 ? -0.986  -3.683  7.133   1.00 31.97 ? 117 LEU A CD2   1 
ATOM   742  N N     . ILE A 1 117 ? -2.289  -5.454  2.538   1.00 35.04 ? 118 ILE A N     1 
ATOM   743  C CA    . ILE A 1 117 ? -1.568  -4.997  1.369   1.00 34.89 ? 118 ILE A CA    1 
ATOM   744  C C     . ILE A 1 117 ? -1.484  -3.475  1.465   1.00 35.75 ? 118 ILE A C     1 
ATOM   745  O O     . ILE A 1 117 ? -2.504  -2.797  1.606   1.00 36.63 ? 118 ILE A O     1 
ATOM   746  C CB    . ILE A 1 117 ? -2.281  -5.410  0.058   1.00 34.48 ? 118 ILE A CB    1 
ATOM   747  C CG1   . ILE A 1 117 ? -2.506  -6.937  -0.002  1.00 33.07 ? 118 ILE A CG1   1 
ATOM   748  C CG2   . ILE A 1 117 ? -1.477  -4.916  -1.162  1.00 33.45 ? 118 ILE A CG2   1 
ATOM   749  C CD1   . ILE A 1 117 ? -3.559  -7.393  -1.068  1.00 33.25 ? 118 ILE A CD1   1 
ATOM   750  N N     . GLU A 1 118 ? -0.272  -2.952  1.404   1.00 35.63 ? 119 GLU A N     1 
ATOM   751  C CA    . GLU A 1 118 ? -0.059  -1.522  1.407   1.00 36.23 ? 119 GLU A CA    1 
ATOM   752  C C     . GLU A 1 118 ? 0.462   -1.145  0.029   1.00 34.72 ? 119 GLU A C     1 
ATOM   753  O O     . GLU A 1 118 ? 1.514   -1.623  -0.368  1.00 34.19 ? 119 GLU A O     1 
ATOM   754  C CB    . GLU A 1 118 ? 0.981   -1.169  2.489   1.00 36.50 ? 119 GLU A CB    1 
ATOM   755  C CG    . GLU A 1 118 ? 1.193   0.304   2.735   1.00 41.87 ? 119 GLU A CG    1 
ATOM   756  C CD    . GLU A 1 118 ? 2.648   0.627   2.968   1.00 50.57 ? 119 GLU A CD    1 
ATOM   757  O OE1   . GLU A 1 118 ? 3.488   0.171   2.158   1.00 55.59 ? 119 GLU A OE1   1 
ATOM   758  O OE2   . GLU A 1 118 ? 2.970   1.333   3.953   1.00 53.70 ? 119 GLU A OE2   1 
ATOM   759  N N     . VAL A 1 119 ? -0.270  -0.294  -0.689  1.00 34.00 ? 120 VAL A N     1 
ATOM   760  C CA    . VAL A 1 119 ? 0.099   0.099   -2.058  1.00 33.63 ? 120 VAL A CA    1 
ATOM   761  C C     . VAL A 1 119 ? -0.277  1.532   -2.330  1.00 33.45 ? 120 VAL A C     1 
ATOM   762  O O     . VAL A 1 119 ? -1.109  2.077   -1.624  1.00 33.78 ? 120 VAL A O     1 
ATOM   763  C CB    . VAL A 1 119 ? -0.599  -0.776  -3.185  1.00 33.84 ? 120 VAL A CB    1 
ATOM   764  C CG1   . VAL A 1 119 ? 0.265   -1.920  -3.591  1.00 34.21 ? 120 VAL A CG1   1 
ATOM   765  C CG2   . VAL A 1 119 ? -1.983  -1.237  -2.780  1.00 32.57 ? 120 VAL A CG2   1 
ATOM   766  N N     . ASP A 1 120 ? 0.328   2.128   -3.366  1.00 32.97 ? 121 ASP A N     1 
ATOM   767  C CA    . ASP A 1 120 ? -0.100  3.421   -3.885  1.00 32.91 ? 121 ASP A CA    1 
ATOM   768  C C     . ASP A 1 120 ? -1.508  3.338   -4.489  1.00 32.76 ? 121 ASP A C     1 
ATOM   769  O O     . ASP A 1 120 ? -2.045  2.252   -4.721  1.00 32.67 ? 121 ASP A O     1 
ATOM   770  C CB    . ASP A 1 120 ? 0.926   4.048   -4.865  1.00 32.57 ? 121 ASP A CB    1 
ATOM   771  C CG    . ASP A 1 120 ? 1.121   3.244   -6.167  1.00 33.50 ? 121 ASP A CG    1 
ATOM   772  O OD1   . ASP A 1 120 ? 0.325   2.330   -6.483  1.00 32.37 ? 121 ASP A OD1   1 
ATOM   773  O OD2   . ASP A 1 120 ? 2.100   3.550   -6.900  1.00 33.93 ? 121 ASP A OD2   1 
ATOM   774  N N     . LEU A 1 121 ? -2.111  4.500   -4.704  1.00 32.56 ? 122 LEU A N     1 
ATOM   775  C CA    . LEU A 1 121 ? -3.492  4.595   -5.135  1.00 31.72 ? 122 LEU A CA    1 
ATOM   776  C C     . LEU A 1 121 ? -3.775  3.860   -6.444  1.00 31.17 ? 122 LEU A C     1 
ATOM   777  O O     . LEU A 1 121 ? -4.830  3.282   -6.591  1.00 31.85 ? 122 LEU A O     1 
ATOM   778  C CB    . LEU A 1 121 ? -3.904  6.064   -5.207  1.00 31.83 ? 122 LEU A CB    1 
ATOM   779  C CG    . LEU A 1 121 ? -3.912  6.766   -3.833  1.00 31.87 ? 122 LEU A CG    1 
ATOM   780  C CD1   . LEU A 1 121 ? -3.741  8.248   -4.008  1.00 31.76 ? 122 LEU A CD1   1 
ATOM   781  C CD2   . LEU A 1 121 ? -5.173  6.484   -3.026  1.00 30.88 ? 122 LEU A CD2   1 
ATOM   782  N N     . ALA A 1 122 ? -2.836  3.850   -7.374  1.00 30.41 ? 123 ALA A N     1 
ATOM   783  C CA    . ALA A 1 122 ? -3.024  3.127   -8.638  1.00 30.53 ? 123 ALA A CA    1 
ATOM   784  C C     . ALA A 1 122 ? -3.058  1.610   -8.440  1.00 30.56 ? 123 ALA A C     1 
ATOM   785  O O     . ALA A 1 122 ? -3.813  0.907   -9.100  1.00 30.45 ? 123 ALA A O     1 
ATOM   786  C CB    . ALA A 1 122 ? -1.932  3.537   -9.676  1.00 30.81 ? 123 ALA A CB    1 
ATOM   787  N N     . GLY A 1 123 ? -2.230  1.116   -7.525  1.00 31.24 ? 124 GLY A N     1 
ATOM   788  C CA    . GLY A 1 123 ? -2.218  -0.285  -7.110  1.00 31.82 ? 124 GLY A CA    1 
ATOM   789  C C     . GLY A 1 123 ? -3.452  -0.712  -6.337  1.00 32.68 ? 124 GLY A C     1 
ATOM   790  O O     . GLY A 1 123 ? -3.930  -1.818  -6.520  1.00 33.56 ? 124 GLY A O     1 
ATOM   791  N N     . ALA A 1 124 ? -3.961  0.145   -5.457  1.00 33.25 ? 125 ALA A N     1 
ATOM   792  C CA    . ALA A 1 124 ? -5.255  -0.084  -4.781  1.00 33.92 ? 125 ALA A CA    1 
ATOM   793  C C     . ALA A 1 124 ? -6.428  -0.199  -5.769  1.00 34.34 ? 125 ALA A C     1 
ATOM   794  O O     . ALA A 1 124 ? -7.236  -1.122  -5.676  1.00 34.67 ? 125 ALA A O     1 
ATOM   795  C CB    . ALA A 1 124 ? -5.535  1.038   -3.766  1.00 33.44 ? 125 ALA A CB    1 
ATOM   796  N N     . ARG A 1 125 ? -6.504  0.749   -6.705  1.00 34.65 ? 126 ARG A N     1 
ATOM   797  C CA    . ARG A 1 125 ? -7.463  0.716   -7.808  1.00 35.09 ? 126 ARG A CA    1 
ATOM   798  C C     . ARG A 1 125 ? -7.386  -0.551  -8.672  1.00 35.03 ? 126 ARG A C     1 
ATOM   799  O O     . ARG A 1 125 ? -8.424  -1.105  -9.056  1.00 36.25 ? 126 ARG A O     1 
ATOM   800  C CB    . ARG A 1 125 ? -7.301  1.948   -8.693  1.00 35.20 ? 126 ARG A CB    1 
ATOM   801  C CG    . ARG A 1 125 ? -8.233  3.065   -8.324  1.00 37.87 ? 126 ARG A CG    1 
ATOM   802  C CD    . ARG A 1 125 ? -8.179  4.222   -9.336  1.00 40.64 ? 126 ARG A CD    1 
ATOM   803  N NE    . ARG A 1 125 ? -7.356  5.305   -8.804  1.00 43.82 ? 126 ARG A NE    1 
ATOM   804  C CZ    . ARG A 1 125 ? -7.768  6.187   -7.892  1.00 44.43 ? 126 ARG A CZ    1 
ATOM   805  N NH1   . ARG A 1 125 ? -9.014  6.146   -7.425  1.00 44.85 ? 126 ARG A NH1   1 
ATOM   806  N NH2   . ARG A 1 125 ? -6.939  7.122   -7.454  1.00 43.38 ? 126 ARG A NH2   1 
ATOM   807  N N     . ALA A 1 126 ? -6.178  -0.996  -9.001  1.00 34.30 ? 127 ALA A N     1 
ATOM   808  C CA    . ALA A 1 126 ? -6.009  -2.247  -9.759  1.00 33.72 ? 127 ALA A CA    1 
ATOM   809  C C     . ALA A 1 126 ? -6.466  -3.483  -8.978  1.00 33.69 ? 127 ALA A C     1 
ATOM   810  O O     . ALA A 1 126 ? -7.125  -4.340  -9.548  1.00 32.49 ? 127 ALA A O     1 
ATOM   811  C CB    . ALA A 1 126 ? -4.563  -2.411  -10.248 1.00 32.71 ? 127 ALA A CB    1 
ATOM   812  N N     . ILE A 1 127 ? -6.113  -3.559  -7.683  1.00 34.52 ? 128 ILE A N     1 
ATOM   813  C CA    . ILE A 1 127 ? -6.469  -4.705  -6.829  1.00 35.54 ? 128 ILE A CA    1 
ATOM   814  C C     . ILE A 1 127 ? -7.987  -4.883  -6.618  1.00 37.19 ? 128 ILE A C     1 
ATOM   815  O O     . ILE A 1 127 ? -8.462  -6.013  -6.413  1.00 37.37 ? 128 ILE A O     1 
ATOM   816  C CB    . ILE A 1 127 ? -5.778  -4.655  -5.448  1.00 35.45 ? 128 ILE A CB    1 
ATOM   817  C CG1   . ILE A 1 127 ? -4.285  -4.942  -5.582  1.00 33.78 ? 128 ILE A CG1   1 
ATOM   818  C CG2   . ILE A 1 127 ? -6.428  -5.660  -4.457  1.00 34.14 ? 128 ILE A CG2   1 
ATOM   819  C CD1   . ILE A 1 127 ? -3.489  -4.607  -4.351  1.00 33.22 ? 128 ILE A CD1   1 
ATOM   820  N N     . LYS A 1 128 ? -8.741  -3.786  -6.686  1.00 38.15 ? 129 LYS A N     1 
ATOM   821  C CA    . LYS A 1 128 ? -10.180 -3.875  -6.507  1.00 39.37 ? 129 LYS A CA    1 
ATOM   822  C C     . LYS A 1 128 ? -10.850 -4.539  -7.700  1.00 39.39 ? 129 LYS A C     1 
ATOM   823  O O     . LYS A 1 128 ? -11.928 -5.118  -7.559  1.00 40.03 ? 129 LYS A O     1 
ATOM   824  C CB    . LYS A 1 128 ? -10.808 -2.509  -6.200  1.00 39.84 ? 129 LYS A CB    1 
ATOM   825  C CG    . LYS A 1 128 ? -12.272 -2.587  -5.678  1.00 42.25 ? 129 LYS A CG    1 
ATOM   826  C CD    . LYS A 1 128 ? -12.368 -3.247  -4.266  1.00 44.54 ? 129 LYS A CD    1 
ATOM   827  C CE    . LYS A 1 128 ? -13.832 -3.366  -3.793  1.00 44.26 ? 129 LYS A CE    1 
ATOM   828  N NZ    . LYS A 1 128 ? -14.006 -4.142  -2.513  1.00 42.98 ? 129 LYS A NZ    1 
ATOM   829  N N     . LYS A 1 129 ? -10.216 -4.448  -8.869  1.00 39.10 ? 130 LYS A N     1 
ATOM   830  C CA    . LYS A 1 129 ? -10.702 -5.120  -10.066 1.00 38.70 ? 130 LYS A CA    1 
ATOM   831  C C     . LYS A 1 129 ? -10.363 -6.623  -10.036 1.00 38.42 ? 130 LYS A C     1 
ATOM   832  O O     . LYS A 1 129 ? -11.207 -7.460  -10.333 1.00 38.51 ? 130 LYS A O     1 
ATOM   833  C CB    . LYS A 1 129 ? -10.128 -4.465  -11.332 1.00 38.79 ? 130 LYS A CB    1 
ATOM   834  C CG    . LYS A 1 129 ? -10.806 -3.178  -11.794 1.00 40.11 ? 130 LYS A CG    1 
ATOM   835  C CD    . LYS A 1 129 ? -9.847  -2.361  -12.672 1.00 42.66 ? 130 LYS A CD    1 
ATOM   836  C CE    . LYS A 1 129 ? -10.444 -1.946  -14.021 1.00 45.25 ? 130 LYS A CE    1 
ATOM   837  N NZ    . LYS A 1 129 ? -11.486 -0.860  -13.964 1.00 46.45 ? 130 LYS A NZ    1 
ATOM   838  N N     . THR A 1 130 ? -9.126  -6.964  -9.677  1.00 38.21 ? 131 THR A N     1 
ATOM   839  C CA    . THR A 1 130 ? -8.668  -8.362  -9.665  1.00 37.65 ? 131 THR A CA    1 
ATOM   840  C C     . THR A 1 130 ? -9.069  -9.142  -8.415  1.00 37.37 ? 131 THR A C     1 
ATOM   841  O O     . THR A 1 130 ? -9.155  -10.371 -8.458  1.00 37.04 ? 131 THR A O     1 
ATOM   842  C CB    . THR A 1 130 ? -7.149  -8.466  -9.828  1.00 37.71 ? 131 THR A CB    1 
ATOM   843  O OG1   . THR A 1 130 ? -6.516  -7.638  -8.839  1.00 38.25 ? 131 THR A OG1   1 
ATOM   844  C CG2   . THR A 1 130 ? -6.735  -8.028  -11.250 1.00 37.33 ? 131 THR A CG2   1 
ATOM   845  N N     . MET A 1 131 ? -9.282  -8.448  -7.300  1.00 36.73 ? 132 MET A N     1 
ATOM   846  C CA    . MET A 1 131 ? -9.814  -9.102  -6.107  1.00 36.75 ? 132 MET A CA    1 
ATOM   847  C C     . MET A 1 131 ? -10.895 -8.245  -5.454  1.00 36.56 ? 132 MET A C     1 
ATOM   848  O O     . MET A 1 131 ? -10.598 -7.505  -4.520  1.00 36.65 ? 132 MET A O     1 
ATOM   849  C CB    . MET A 1 131 ? -8.682  -9.402  -5.114  1.00 37.15 ? 132 MET A CB    1 
ATOM   850  C CG    . MET A 1 131 ? -9.108  -10.156 -3.852  1.00 37.26 ? 132 MET A CG    1 
ATOM   851  S SD    . MET A 1 131 ? -7.670  -10.792 -2.961  1.00 39.75 ? 132 MET A SD    1 
ATOM   852  C CE    . MET A 1 131 ? -8.471  -12.066 -1.950  1.00 40.83 ? 132 MET A CE    1 
ATOM   853  N N     . PRO A 1 132 ? -12.151 -8.350  -5.926  1.00 36.53 ? 133 PRO A N     1 
ATOM   854  C CA    . PRO A 1 132 ? -13.186 -7.424  -5.428  1.00 37.02 ? 133 PRO A CA    1 
ATOM   855  C C     . PRO A 1 132 ? -13.527 -7.545  -3.934  1.00 37.42 ? 133 PRO A C     1 
ATOM   856  O O     . PRO A 1 132 ? -14.032 -6.592  -3.349  1.00 37.66 ? 133 PRO A O     1 
ATOM   857  C CB    . PRO A 1 132 ? -14.421 -7.756  -6.294  1.00 36.83 ? 133 PRO A CB    1 
ATOM   858  C CG    . PRO A 1 132 ? -13.899 -8.581  -7.441  1.00 36.44 ? 133 PRO A CG    1 
ATOM   859  C CD    . PRO A 1 132 ? -12.699 -9.306  -6.910  1.00 36.48 ? 133 PRO A CD    1 
ATOM   860  N N     . GLU A 1 133 ? -13.251 -8.696  -3.332  1.00 38.09 ? 134 GLU A N     1 
ATOM   861  C CA    . GLU A 1 133 ? -13.595 -8.951  -1.929  1.00 38.70 ? 134 GLU A CA    1 
ATOM   862  C C     . GLU A 1 133 ? -12.548 -8.386  -0.938  1.00 38.29 ? 134 GLU A C     1 
ATOM   863  O O     . GLU A 1 133 ? -12.749 -8.400  0.282   1.00 38.79 ? 134 GLU A O     1 
ATOM   864  C CB    . GLU A 1 133 ? -13.831 -10.454 -1.700  1.00 39.39 ? 134 GLU A CB    1 
ATOM   865  C CG    . GLU A 1 133 ? -12.540 -11.321 -1.688  1.00 41.22 ? 134 GLU A CG    1 
ATOM   866  C CD    . GLU A 1 133 ? -12.159 -11.922 -3.046  1.00 43.32 ? 134 GLU A CD    1 
ATOM   867  O OE1   . GLU A 1 133 ? -12.548 -11.384 -4.116  1.00 43.51 ? 134 GLU A OE1   1 
ATOM   868  O OE2   . GLU A 1 133 ? -11.446 -12.953 -3.037  1.00 45.17 ? 134 GLU A OE2   1 
ATOM   869  N N     . ALA A 1 134 ? -11.431 -7.897  -1.467  1.00 37.24 ? 135 ALA A N     1 
ATOM   870  C CA    . ALA A 1 134 ? -10.489 -7.114  -0.680  1.00 36.09 ? 135 ALA A CA    1 
ATOM   871  C C     . ALA A 1 134 ? -11.217 -5.851  -0.241  1.00 35.70 ? 135 ALA A C     1 
ATOM   872  O O     . ALA A 1 134 ? -11.971 -5.285  -1.020  1.00 35.87 ? 135 ALA A O     1 
ATOM   873  C CB    . ALA A 1 134 ? -9.256  -6.764  -1.515  1.00 35.04 ? 135 ALA A CB    1 
ATOM   874  N N     . VAL A 1 135 ? -11.018 -5.431  1.010   1.00 35.68 ? 136 VAL A N     1 
ATOM   875  C CA    . VAL A 1 135 ? -11.505 -4.137  1.483   1.00 35.11 ? 136 VAL A CA    1 
ATOM   876  C C     . VAL A 1 135 ? -10.428 -3.079  1.273   1.00 35.29 ? 136 VAL A C     1 
ATOM   877  O O     . VAL A 1 135 ? -9.318  -3.200  1.796   1.00 34.81 ? 136 VAL A O     1 
ATOM   878  C CB    . VAL A 1 135 ? -11.926 -4.154  2.971   1.00 35.62 ? 136 VAL A CB    1 
ATOM   879  C CG1   . VAL A 1 135 ? -12.558 -2.798  3.373   1.00 34.60 ? 136 VAL A CG1   1 
ATOM   880  C CG2   . VAL A 1 135 ? -12.910 -5.316  3.256   1.00 35.47 ? 136 VAL A CG2   1 
ATOM   881  N N     . THR A 1 136 ? -10.772 -2.052  0.499   1.00 35.06 ? 137 THR A N     1 
ATOM   882  C CA    . THR A 1 136 ? -9.891  -0.922  0.251   1.00 35.79 ? 137 THR A CA    1 
ATOM   883  C C     . THR A 1 136 ? -10.090 0.197   1.280   1.00 35.51 ? 137 THR A C     1 
ATOM   884  O O     . THR A 1 136 ? -11.218 0.647   1.540   1.00 35.70 ? 137 THR A O     1 
ATOM   885  C CB    . THR A 1 136 ? -10.077 -0.367  -1.181  1.00 35.68 ? 137 THR A CB    1 
ATOM   886  O OG1   . THR A 1 136 ? -11.476 -0.270  -1.452  1.00 38.19 ? 137 THR A OG1   1 
ATOM   887  C CG2   . THR A 1 136 ? -9.441  -1.311  -2.218  1.00 35.78 ? 137 THR A CG2   1 
ATOM   888  N N     . VAL A 1 137 ? -8.975  0.650   1.852   1.00 35.15 ? 138 VAL A N     1 
ATOM   889  C CA    . VAL A 1 137 ? -9.001  1.686   2.867   1.00 34.63 ? 138 VAL A CA    1 
ATOM   890  C C     . VAL A 1 137 ? -8.137  2.844   2.436   1.00 33.94 ? 138 VAL A C     1 
ATOM   891  O O     . VAL A 1 137 ? -6.981  2.660   2.079   1.00 34.45 ? 138 VAL A O     1 
ATOM   892  C CB    . VAL A 1 137 ? -8.506  1.154   4.232   1.00 34.78 ? 138 VAL A CB    1 
ATOM   893  C CG1   . VAL A 1 137 ? -8.580  2.251   5.296   1.00 34.94 ? 138 VAL A CG1   1 
ATOM   894  C CG2   . VAL A 1 137 ? -9.333  -0.052  4.661   1.00 34.18 ? 138 VAL A CG2   1 
ATOM   895  N N     . PHE A 1 138 ? -8.712  4.040   2.465   1.00 33.20 ? 139 PHE A N     1 
ATOM   896  C CA    . PHE A 1 138 ? -7.978  5.269   2.188   1.00 32.17 ? 139 PHE A CA    1 
ATOM   897  C C     . PHE A 1 138 ? -7.708  5.912   3.549   1.00 31.76 ? 139 PHE A C     1 
ATOM   898  O O     . PHE A 1 138 ? -8.636  6.165   4.330   1.00 30.95 ? 139 PHE A O     1 
ATOM   899  C CB    . PHE A 1 138 ? -8.826  6.177   1.285   1.00 32.16 ? 139 PHE A CB    1 
ATOM   900  C CG    . PHE A 1 138 ? -8.139  7.457   0.830   1.00 32.47 ? 139 PHE A CG    1 
ATOM   901  C CD1   . PHE A 1 138 ? -7.666  7.582   -0.466  1.00 30.26 ? 139 PHE A CD1   1 
ATOM   902  C CD2   . PHE A 1 138 ? -8.019  8.557   1.687   1.00 33.49 ? 139 PHE A CD2   1 
ATOM   903  C CE1   . PHE A 1 138 ? -7.077  8.756   -0.905  1.00 31.18 ? 139 PHE A CE1   1 
ATOM   904  C CE2   . PHE A 1 138 ? -7.418  9.735   1.248   1.00 32.68 ? 139 PHE A CE2   1 
ATOM   905  C CZ    . PHE A 1 138 ? -6.944  9.831   -0.047  1.00 31.40 ? 139 PHE A CZ    1 
ATOM   906  N N     . LEU A 1 139 ? -6.427  6.117   3.842   1.00 31.29 ? 140 LEU A N     1 
ATOM   907  C CA    . LEU A 1 139 ? -6.000  6.767   5.063   1.00 31.04 ? 140 LEU A CA    1 
ATOM   908  C C     . LEU A 1 139 ? -5.916  8.288   4.815   1.00 31.44 ? 140 LEU A C     1 
ATOM   909  O O     . LEU A 1 139 ? -5.009  8.772   4.124   1.00 32.14 ? 140 LEU A O     1 
ATOM   910  C CB    . LEU A 1 139 ? -4.661  6.175   5.542   1.00 30.46 ? 140 LEU A CB    1 
ATOM   911  C CG    . LEU A 1 139 ? -4.168  6.666   6.911   1.00 31.07 ? 140 LEU A CG    1 
ATOM   912  C CD1   . LEU A 1 139 ? -5.005  6.056   8.066   1.00 27.36 ? 140 LEU A CD1   1 
ATOM   913  C CD2   . LEU A 1 139 ? -2.688  6.391   7.079   1.00 32.10 ? 140 LEU A CD2   1 
ATOM   914  N N     . ALA A 1 140 ? -6.885  9.026   5.357   1.00 31.09 ? 141 ALA A N     1 
ATOM   915  C CA    . ALA A 1 140 ? -7.051  10.465  5.088   1.00 30.81 ? 141 ALA A CA    1 
ATOM   916  C C     . ALA A 1 140 ? -6.377  11.292  6.165   1.00 30.57 ? 141 ALA A C     1 
ATOM   917  O O     . ALA A 1 140 ? -6.250  10.845  7.294   1.00 31.04 ? 141 ALA A O     1 
ATOM   918  C CB    . ALA A 1 140 ? -8.550  10.837  4.998   1.00 29.99 ? 141 ALA A CB    1 
ATOM   919  N N     . PRO A 1 141 ? -5.940  12.512  5.822   1.00 30.92 ? 142 PRO A N     1 
ATOM   920  C CA    . PRO A 1 141 ? -5.422  13.384  6.882   1.00 30.50 ? 142 PRO A CA    1 
ATOM   921  C C     . PRO A 1 141 ? -6.597  13.960  7.684   1.00 30.83 ? 142 PRO A C     1 
ATOM   922  O O     . PRO A 1 141 ? -7.734  13.940  7.200   1.00 30.10 ? 142 PRO A O     1 
ATOM   923  C CB    . PRO A 1 141 ? -4.723  14.501  6.103   1.00 30.04 ? 142 PRO A CB    1 
ATOM   924  C CG    . PRO A 1 141 ? -5.503  14.592  4.809   1.00 30.77 ? 142 PRO A CG    1 
ATOM   925  C CD    . PRO A 1 141 ? -5.907  13.161  4.490   1.00 30.53 ? 142 PRO A CD    1 
ATOM   926  N N     . PRO A 1 142 ? -6.335  14.485  8.901   1.00 31.56 ? 143 PRO A N     1 
ATOM   927  C CA    . PRO A 1 142 ? -7.486  15.026  9.641   1.00 32.03 ? 143 PRO A CA    1 
ATOM   928  C C     . PRO A 1 142 ? -7.977  16.348  9.052   1.00 32.42 ? 143 PRO A C     1 
ATOM   929  O O     . PRO A 1 142 ? -9.123  16.742  9.275   1.00 32.25 ? 143 PRO A O     1 
ATOM   930  C CB    . PRO A 1 142 ? -6.956  15.186  11.066  1.00 32.03 ? 143 PRO A CB    1 
ATOM   931  C CG    . PRO A 1 142 ? -5.460  15.301  10.912  1.00 31.95 ? 143 PRO A CG    1 
ATOM   932  C CD    . PRO A 1 142 ? -5.071  14.583  9.657   1.00 31.38 ? 143 PRO A CD    1 
ATOM   933  N N     . SER A 1 143 ? -7.114  17.026  8.295   1.00 33.09 ? 144 SER A N     1 
ATOM   934  C CA    . SER A 1 143 ? -7.535  18.230  7.562   1.00 33.16 ? 144 SER A CA    1 
ATOM   935  C C     . SER A 1 143 ? -6.569  18.491  6.436   1.00 33.61 ? 144 SER A C     1 
ATOM   936  O O     . SER A 1 143 ? -5.466  17.925  6.418   1.00 33.62 ? 144 SER A O     1 
ATOM   937  C CB    . SER A 1 143 ? -7.642  19.459  8.479   1.00 32.56 ? 144 SER A CB    1 
ATOM   938  O OG    . SER A 1 143 ? -6.406  19.744  9.114   1.00 32.77 ? 144 SER A OG    1 
ATOM   939  N N     . TRP A 1 144 ? -6.994  19.340  5.499   1.00 33.71 ? 145 TRP A N     1 
ATOM   940  C CA    . TRP A 1 144 ? -6.113  19.855  4.484   1.00 33.93 ? 145 TRP A CA    1 
ATOM   941  C C     . TRP A 1 144 ? -4.901  20.580  5.102   1.00 34.02 ? 145 TRP A C     1 
ATOM   942  O O     . TRP A 1 144 ? -3.768  20.328  4.681   1.00 34.31 ? 145 TRP A O     1 
ATOM   943  C CB    . TRP A 1 144 ? -6.845  20.784  3.494   1.00 33.72 ? 145 TRP A CB    1 
ATOM   944  C CG    . TRP A 1 144 ? -5.829  21.510  2.643   1.00 34.49 ? 145 TRP A CG    1 
ATOM   945  C CD1   . TRP A 1 144 ? -5.468  22.826  2.730   1.00 34.20 ? 145 TRP A CD1   1 
ATOM   946  C CD2   . TRP A 1 144 ? -4.988  20.923  1.635   1.00 36.12 ? 145 TRP A CD2   1 
ATOM   947  N NE1   . TRP A 1 144 ? -4.460  23.099  1.817   1.00 36.37 ? 145 TRP A NE1   1 
ATOM   948  C CE2   . TRP A 1 144 ? -4.155  21.949  1.131   1.00 35.91 ? 145 TRP A CE2   1 
ATOM   949  C CE3   . TRP A 1 144 ? -4.873  19.624  1.093   1.00 36.91 ? 145 TRP A CE3   1 
ATOM   950  C CZ2   . TRP A 1 144 ? -3.214  21.722  0.108   1.00 37.60 ? 145 TRP A CZ2   1 
ATOM   951  C CZ3   . TRP A 1 144 ? -3.922  19.387  0.087   1.00 37.17 ? 145 TRP A CZ3   1 
ATOM   952  C CH2   . TRP A 1 144 ? -3.101  20.428  -0.390  1.00 38.73 ? 145 TRP A CH2   1 
ATOM   953  N N     . GLN A 1 145 ? -5.142  21.479  6.068   1.00 33.70 ? 146 GLN A N     1 
ATOM   954  C CA    . GLN A 1 145 ? -4.075  22.291  6.665   1.00 34.50 ? 146 GLN A CA    1 
ATOM   955  C C     . GLN A 1 145 ? -3.015  21.435  7.387   1.00 35.17 ? 146 GLN A C     1 
ATOM   956  O O     . GLN A 1 145 ? -1.815  21.706  7.287   1.00 35.26 ? 146 GLN A O     1 
ATOM   957  C CB    . GLN A 1 145 ? -4.651  23.370  7.603   1.00 34.72 ? 146 GLN A CB    1 
ATOM   958  C CG    . GLN A 1 145 ? -5.235  24.568  6.862   1.00 36.97 ? 146 GLN A CG    1 
ATOM   959  C CD    . GLN A 1 145 ? -5.865  25.587  7.789   1.00 40.11 ? 146 GLN A CD    1 
ATOM   960  O OE1   . GLN A 1 145 ? -5.731  25.485  9.003   1.00 44.01 ? 146 GLN A OE1   1 
ATOM   961  N NE2   . GLN A 1 145 ? -6.539  26.588  7.225   1.00 38.86 ? 146 GLN A NE2   1 
ATOM   962  N N     . ASP A 1 146 ? -3.474  20.403  8.095   1.00 35.37 ? 147 ASP A N     1 
ATOM   963  C CA    . ASP A 1 146 ? -2.612  19.364  8.640   1.00 36.52 ? 147 ASP A CA    1 
ATOM   964  C C     . ASP A 1 146 ? -1.656  18.776  7.572   1.00 36.32 ? 147 ASP A C     1 
ATOM   965  O O     . ASP A 1 146 ? -0.446  18.836  7.754   1.00 37.05 ? 147 ASP A O     1 
ATOM   966  C CB    . ASP A 1 146 ? -3.502  18.294  9.287   1.00 37.25 ? 147 ASP A CB    1 
ATOM   967  C CG    . ASP A 1 146 ? -2.732  17.251  10.064  1.00 39.85 ? 147 ASP A CG    1 
ATOM   968  O OD1   . ASP A 1 146 ? -2.632  17.403  11.313  1.00 43.03 ? 147 ASP A OD1   1 
ATOM   969  O OD2   . ASP A 1 146 ? -2.270  16.254  9.441   1.00 43.14 ? 147 ASP A OD2   1 
ATOM   970  N N     . LEU A 1 147 ? -2.190  18.237  6.470   1.00 35.97 ? 148 LEU A N     1 
ATOM   971  C CA    . LEU A 1 147 ? -1.378  17.709  5.357   1.00 35.80 ? 148 LEU A CA    1 
ATOM   972  C C     . LEU A 1 147 ? -0.463  18.769  4.730   1.00 36.09 ? 148 LEU A C     1 
ATOM   973  O O     . LEU A 1 147 ? 0.726   18.515  4.522   1.00 35.52 ? 148 LEU A O     1 
ATOM   974  C CB    . LEU A 1 147 ? -2.276  17.111  4.261   1.00 36.20 ? 148 LEU A CB    1 
ATOM   975  C CG    . LEU A 1 147 ? -1.691  16.467  2.980   1.00 36.47 ? 148 LEU A CG    1 
ATOM   976  C CD1   . LEU A 1 147 ? -0.561  15.464  3.282   1.00 35.82 ? 148 LEU A CD1   1 
ATOM   977  C CD2   . LEU A 1 147 ? -2.777  15.777  2.178   1.00 35.91 ? 148 LEU A CD2   1 
ATOM   978  N N     . GLN A 1 148 ? -1.021  19.947  4.425   1.00 35.16 ? 149 GLN A N     1 
ATOM   979  C CA    . GLN A 1 148 ? -0.214  21.029  3.884   1.00 35.21 ? 149 GLN A CA    1 
ATOM   980  C C     . GLN A 1 148 ? 0.991   21.388  4.785   1.00 35.50 ? 149 GLN A C     1 
ATOM   981  O O     . GLN A 1 148 ? 2.106   21.613  4.278   1.00 35.63 ? 149 GLN A O     1 
ATOM   982  C CB    . GLN A 1 148 ? -1.077  22.260  3.600   1.00 34.75 ? 149 GLN A CB    1 
ATOM   983  C CG    . GLN A 1 148 ? -0.315  23.431  3.030   1.00 33.22 ? 149 GLN A CG    1 
ATOM   984  C CD    . GLN A 1 148 ? -1.189  24.655  2.922   1.00 33.12 ? 149 GLN A CD    1 
ATOM   985  O OE1   . GLN A 1 148 ? -1.753  24.904  1.868   1.00 32.58 ? 149 GLN A OE1   1 
ATOM   986  N NE2   . GLN A 1 148 ? -1.355  25.402  4.032   1.00 33.01 ? 149 GLN A NE2   1 
ATOM   987  N N     . ALA A 1 149 ? 0.775   21.441  6.100   1.00 35.11 ? 150 ALA A N     1 
ATOM   988  C CA    . ALA A 1 149 ? 1.872   21.727  7.044   1.00 35.51 ? 150 ALA A CA    1 
ATOM   989  C C     . ALA A 1 149 ? 3.005   20.714  6.880   1.00 36.15 ? 150 ALA A C     1 
ATOM   990  O O     . ALA A 1 149 ? 4.173   21.074  6.815   1.00 36.19 ? 150 ALA A O     1 
ATOM   991  C CB    . ALA A 1 149 ? 1.359   21.738  8.486   1.00 34.81 ? 150 ALA A CB    1 
ATOM   992  N N     . ARG A 1 150 ? 2.636   19.436  6.795   1.00 37.33 ? 151 ARG A N     1 
ATOM   993  C CA    . ARG A 1 150 ? 3.588   18.348  6.630   1.00 37.72 ? 151 ARG A CA    1 
ATOM   994  C C     . ARG A 1 150 ? 4.347   18.384  5.294   1.00 37.85 ? 151 ARG A C     1 
ATOM   995  O O     . ARG A 1 150 ? 5.515   18.022  5.246   1.00 38.93 ? 151 ARG A O     1 
ATOM   996  C CB    . ARG A 1 150 ? 2.885   17.008  6.869   1.00 37.82 ? 151 ARG A CB    1 
ATOM   997  C CG    . ARG A 1 150 ? 2.839   16.661  8.371   1.00 39.79 ? 151 ARG A CG    1 
ATOM   998  C CD    . ARG A 1 150 ? 2.142   15.359  8.689   1.00 41.55 ? 151 ARG A CD    1 
ATOM   999  N NE    . ARG A 1 150 ? 0.716   15.433  8.374   1.00 44.37 ? 151 ARG A NE    1 
ATOM   1000 C CZ    . ARG A 1 150 ? 0.112   14.720  7.425   1.00 46.80 ? 151 ARG A CZ    1 
ATOM   1001 N NH1   . ARG A 1 150 ? 0.810   13.847  6.701   1.00 48.29 ? 151 ARG A NH1   1 
ATOM   1002 N NH2   . ARG A 1 150 ? -1.194  14.873  7.199   1.00 46.06 ? 151 ARG A NH2   1 
ATOM   1003 N N     . LEU A 1 151 ? 3.693   18.846  4.224   1.00 37.37 ? 152 LEU A N     1 
ATOM   1004 C CA    . LEU A 1 151 ? 4.311   18.927  2.891   1.00 36.06 ? 152 LEU A CA    1 
ATOM   1005 C C     . LEU A 1 151 ? 5.291   20.091  2.765   1.00 35.62 ? 152 LEU A C     1 
ATOM   1006 O O     . LEU A 1 151 ? 6.287   19.986  2.062   1.00 35.47 ? 152 LEU A O     1 
ATOM   1007 C CB    . LEU A 1 151 ? 3.239   19.013  1.790   1.00 35.52 ? 152 LEU A CB    1 
ATOM   1008 C CG    . LEU A 1 151 ? 2.384   17.754  1.609   1.00 35.50 ? 152 LEU A CG    1 
ATOM   1009 C CD1   . LEU A 1 151 ? 1.286   18.020  0.603   1.00 37.14 ? 152 LEU A CD1   1 
ATOM   1010 C CD2   . LEU A 1 151 ? 3.208   16.596  1.142   1.00 36.06 ? 152 LEU A CD2   1 
ATOM   1011 N N     . ILE A 1 152 ? 4.973   21.211  3.413   1.00 35.02 ? 153 ILE A N     1 
ATOM   1012 C CA    . ILE A 1 152 ? 5.883   22.343  3.523   1.00 34.73 ? 153 ILE A CA    1 
ATOM   1013 C C     . ILE A 1 152 ? 7.083   21.929  4.360   1.00 34.27 ? 153 ILE A C     1 
ATOM   1014 O O     . ILE A 1 152 ? 8.229   22.203  3.997   1.00 34.39 ? 153 ILE A O     1 
ATOM   1015 C CB    . ILE A 1 152 ? 5.161   23.582  4.106   1.00 35.28 ? 153 ILE A CB    1 
ATOM   1016 C CG1   . ILE A 1 152 ? 4.094   24.072  3.107   1.00 35.70 ? 153 ILE A CG1   1 
ATOM   1017 C CG2   . ILE A 1 152 ? 6.157   24.703  4.459   1.00 33.31 ? 153 ILE A CG2   1 
ATOM   1018 C CD1   . ILE A 1 152 ? 3.124   25.109  3.700   1.00 37.22 ? 153 ILE A CD1   1 
ATOM   1019 N N     . GLY A 1 153 ? 6.808   21.210  5.447   1.00 33.67 ? 154 GLY A N     1 
ATOM   1020 C CA    . GLY A 1 153 ? 7.856   20.617  6.277   1.00 31.94 ? 154 GLY A CA    1 
ATOM   1021 C C     . GLY A 1 153 ? 8.781   21.695  6.798   1.00 31.34 ? 154 GLY A C     1 
ATOM   1022 O O     . GLY A 1 153 ? 8.320   22.780  7.207   1.00 30.99 ? 154 GLY A O     1 
ATOM   1023 N N     . ARG A 1 154 ? 10.082  21.402  6.754   1.00 30.46 ? 155 ARG A N     1 
ATOM   1024 C CA    . ARG A 1 154 ? 11.117  22.333  7.193   1.00 29.98 ? 155 ARG A CA    1 
ATOM   1025 C C     . ARG A 1 154 ? 11.445  23.420  6.159   1.00 29.78 ? 155 ARG A C     1 
ATOM   1026 O O     . ARG A 1 154 ? 12.304  24.266  6.397   1.00 29.05 ? 155 ARG A O     1 
ATOM   1027 C CB    . ARG A 1 154 ? 12.377  21.566  7.622   1.00 30.10 ? 155 ARG A CB    1 
ATOM   1028 C CG    . ARG A 1 154 ? 12.133  20.539  8.751   1.00 29.91 ? 155 ARG A CG    1 
ATOM   1029 C CD    . ARG A 1 154 ? 12.006  21.228  10.092  1.00 28.81 ? 155 ARG A CD    1 
ATOM   1030 N NE    . ARG A 1 154 ? 13.156  22.092  10.275  1.00 30.35 ? 155 ARG A NE    1 
ATOM   1031 C CZ    . ARG A 1 154 ? 14.294  21.721  10.858  1.00 29.49 ? 155 ARG A CZ    1 
ATOM   1032 N NH1   . ARG A 1 154 ? 14.424  20.495  11.354  1.00 27.18 ? 155 ARG A NH1   1 
ATOM   1033 N NH2   . ARG A 1 154 ? 15.299  22.587  10.944  1.00 28.06 ? 155 ARG A NH2   1 
ATOM   1034 N N     . GLY A 1 155 ? 10.743  23.400  5.028   1.00 30.34 ? 156 GLY A N     1 
ATOM   1035 C CA    . GLY A 1 155 ? 10.855  24.438  4.009   1.00 31.68 ? 156 GLY A CA    1 
ATOM   1036 C C     . GLY A 1 155 ? 12.132  24.359  3.186   1.00 32.80 ? 156 GLY A C     1 
ATOM   1037 O O     . GLY A 1 155 ? 12.537  25.338  2.551   1.00 33.23 ? 156 GLY A O     1 
ATOM   1038 N N     . THR A 1 156 ? 12.750  23.182  3.175   1.00 33.29 ? 157 THR A N     1 
ATOM   1039 C CA    . THR A 1 156 ? 14.051  22.972  2.559   1.00 34.18 ? 157 THR A CA    1 
ATOM   1040 C C     . THR A 1 156 ? 13.958  22.650  1.054   1.00 34.82 ? 157 THR A C     1 
ATOM   1041 O O     . THR A 1 156 ? 14.972  22.473  0.391   1.00 34.72 ? 157 THR A O     1 
ATOM   1042 C CB    . THR A 1 156 ? 14.813  21.845  3.302   1.00 34.36 ? 157 THR A CB    1 
ATOM   1043 O OG1   . THR A 1 156 ? 13.988  20.672  3.362   1.00 34.61 ? 157 THR A OG1   1 
ATOM   1044 C CG2   . THR A 1 156 ? 15.175  22.286  4.739   1.00 34.20 ? 157 THR A CG2   1 
ATOM   1045 N N     . GLU A 1 157 ? 12.739  22.572  0.533   1.00 35.64 ? 158 GLU A N     1 
ATOM   1046 C CA    . GLU A 1 157 ? 12.495  22.365  -0.891  1.00 36.86 ? 158 GLU A CA    1 
ATOM   1047 C C     . GLU A 1 157 ? 12.110  23.696  -1.542  1.00 36.77 ? 158 GLU A C     1 
ATOM   1048 O O     . GLU A 1 157 ? 11.789  24.655  -0.842  1.00 37.31 ? 158 GLU A O     1 
ATOM   1049 C CB    . GLU A 1 157 ? 11.414  21.305  -1.090  1.00 36.55 ? 158 GLU A CB    1 
ATOM   1050 C CG    . GLU A 1 157 ? 11.956  19.898  -0.903  1.00 41.54 ? 158 GLU A CG    1 
ATOM   1051 C CD    . GLU A 1 157 ? 10.888  18.840  -0.610  1.00 47.60 ? 158 GLU A CD    1 
ATOM   1052 O OE1   . GLU A 1 157 ? 9.680   19.101  -0.811  1.00 50.42 ? 158 GLU A OE1   1 
ATOM   1053 O OE2   . GLU A 1 157 ? 11.267  17.727  -0.170  1.00 50.63 ? 158 GLU A OE2   1 
ATOM   1054 N N     . THR A 1 158 ? 12.170  23.769  -2.868  1.00 36.77 ? 159 THR A N     1 
ATOM   1055 C CA    . THR A 1 158 ? 11.799  24.994  -3.588  1.00 36.68 ? 159 THR A CA    1 
ATOM   1056 C C     . THR A 1 158 ? 10.278  25.137  -3.659  1.00 36.74 ? 159 THR A C     1 
ATOM   1057 O O     . THR A 1 158 ? 9.553   24.173  -3.432  1.00 37.01 ? 159 THR A O     1 
ATOM   1058 C CB    . THR A 1 158 ? 12.319  24.995  -5.022  1.00 36.79 ? 159 THR A CB    1 
ATOM   1059 O OG1   . THR A 1 158 ? 11.761  23.872  -5.719  1.00 36.74 ? 159 THR A OG1   1 
ATOM   1060 C CG2   . THR A 1 158 ? 13.871  24.963  -5.066  1.00 36.33 ? 159 THR A CG2   1 
ATOM   1061 N N     . ALA A 1 159 ? 9.822   26.347  -3.976  1.00 36.61 ? 160 ALA A N     1 
ATOM   1062 C CA    . ALA A 1 159 ? 8.416   26.668  -4.195  1.00 36.46 ? 160 ALA A CA    1 
ATOM   1063 C C     . ALA A 1 159 ? 7.738   25.796  -5.262  1.00 36.35 ? 160 ALA A C     1 
ATOM   1064 O O     . ALA A 1 159 ? 6.587   25.390  -5.079  1.00 36.35 ? 160 ALA A O     1 
ATOM   1065 C CB    . ALA A 1 159 ? 8.269   28.145  -4.563  1.00 36.09 ? 160 ALA A CB    1 
ATOM   1066 N N     . ASP A 1 160 ? 8.445   25.533  -6.363  1.00 36.33 ? 161 ASP A N     1 
ATOM   1067 C CA    . ASP A 1 160 ? 7.932   24.711  -7.462  1.00 36.53 ? 161 ASP A CA    1 
ATOM   1068 C C     . ASP A 1 160 ? 7.690   23.267  -7.040  1.00 35.91 ? 161 ASP A C     1 
ATOM   1069 O O     . ASP A 1 160 ? 6.663   22.680  -7.386  1.00 35.61 ? 161 ASP A O     1 
ATOM   1070 C CB    . ASP A 1 160 ? 8.866   24.763  -8.677  1.00 37.09 ? 161 ASP A CB    1 
ATOM   1071 C CG    . ASP A 1 160 ? 8.838   26.118  -9.376  1.00 40.02 ? 161 ASP A CG    1 
ATOM   1072 O OD1   . ASP A 1 160 ? 7.731   26.679  -9.561  1.00 42.51 ? 161 ASP A OD1   1 
ATOM   1073 O OD2   . ASP A 1 160 ? 9.922   26.629  -9.744  1.00 42.46 ? 161 ASP A OD2   1 
ATOM   1074 N N     . VAL A 1 161 ? 8.630   22.703  -6.287  1.00 35.23 ? 162 VAL A N     1 
ATOM   1075 C CA    . VAL A 1 161 ? 8.452   21.363  -5.733  1.00 34.67 ? 162 VAL A CA    1 
ATOM   1076 C C     . VAL A 1 161 ? 7.295   21.308  -4.738  1.00 34.60 ? 162 VAL A C     1 
ATOM   1077 O O     . VAL A 1 161 ? 6.423   20.452  -4.853  1.00 34.77 ? 162 VAL A O     1 
ATOM   1078 C CB    . VAL A 1 161 ? 9.756   20.812  -5.100  1.00 34.87 ? 162 VAL A CB    1 
ATOM   1079 C CG1   . VAL A 1 161 ? 9.496   19.495  -4.365  1.00 34.36 ? 162 VAL A CG1   1 
ATOM   1080 C CG2   . VAL A 1 161 ? 10.839  20.632  -6.170  1.00 34.10 ? 162 VAL A CG2   1 
ATOM   1081 N N     . ILE A 1 162 ? 7.298   22.214  -3.761  1.00 34.42 ? 163 ILE A N     1 
ATOM   1082 C CA    . ILE A 1 162 ? 6.211   22.317  -2.785  1.00 33.75 ? 163 ILE A CA    1 
ATOM   1083 C C     . ILE A 1 162 ? 4.856   22.487  -3.499  1.00 33.85 ? 163 ILE A C     1 
ATOM   1084 O O     . ILE A 1 162 ? 3.891   21.812  -3.154  1.00 34.88 ? 163 ILE A O     1 
ATOM   1085 C CB    . ILE A 1 162 ? 6.459   23.461  -1.729  1.00 33.81 ? 163 ILE A CB    1 
ATOM   1086 C CG1   . ILE A 1 162 ? 7.707   23.159  -0.891  1.00 33.21 ? 163 ILE A CG1   1 
ATOM   1087 C CG2   . ILE A 1 162 ? 5.222   23.662  -0.814  1.00 31.28 ? 163 ILE A CG2   1 
ATOM   1088 C CD1   . ILE A 1 162 ? 8.193   24.337  -0.060  1.00 33.83 ? 163 ILE A CD1   1 
ATOM   1089 N N     . GLN A 1 163 ? 4.785   23.369  -4.493  1.00 33.76 ? 164 GLN A N     1 
ATOM   1090 C CA    . GLN A 1 163 ? 3.543   23.593  -5.249  1.00 33.36 ? 164 GLN A CA    1 
ATOM   1091 C C     . GLN A 1 163 ? 3.044   22.336  -5.939  1.00 33.13 ? 164 GLN A C     1 
ATOM   1092 O O     . GLN A 1 163 ? 1.842   22.095  -5.970  1.00 33.07 ? 164 GLN A O     1 
ATOM   1093 C CB    . GLN A 1 163 ? 3.711   24.692  -6.308  1.00 33.44 ? 164 GLN A CB    1 
ATOM   1094 C CG    . GLN A 1 163 ? 2.404   25.003  -7.049  1.00 33.81 ? 164 GLN A CG    1 
ATOM   1095 C CD    . GLN A 1 163 ? 1.378   25.679  -6.146  1.00 36.17 ? 164 GLN A CD    1 
ATOM   1096 O OE1   . GLN A 1 163 ? 1.385   26.898  -6.021  1.00 36.64 ? 164 GLN A OE1   1 
ATOM   1097 N NE2   . GLN A 1 163 ? 0.487   24.888  -5.517  1.00 37.28 ? 164 GLN A NE2   1 
ATOM   1098 N N     . ARG A 1 164 ? 3.966   21.580  -6.537  1.00 33.11 ? 165 ARG A N     1 
ATOM   1099 C CA    . ARG A 1 164 ? 3.658   20.289  -7.162  1.00 33.46 ? 165 ARG A CA    1 
ATOM   1100 C C     . ARG A 1 164 ? 3.114   19.247  -6.164  1.00 33.73 ? 165 ARG A C     1 
ATOM   1101 O O     . ARG A 1 164 ? 2.173   18.520  -6.480  1.00 33.67 ? 165 ARG A O     1 
ATOM   1102 C CB    . ARG A 1 164 ? 4.885   19.713  -7.881  1.00 33.53 ? 165 ARG A CB    1 
ATOM   1103 C CG    . ARG A 1 164 ? 4.515   18.465  -8.674  1.00 34.87 ? 165 ARG A CG    1 
ATOM   1104 C CD    . ARG A 1 164 ? 5.672   17.801  -9.369  1.00 38.83 ? 165 ARG A CD    1 
ATOM   1105 N NE    . ARG A 1 164 ? 5.307   16.444  -9.781  1.00 40.96 ? 165 ARG A NE    1 
ATOM   1106 C CZ    . ARG A 1 164 ? 5.807   15.817  -10.836 1.00 42.34 ? 165 ARG A CZ    1 
ATOM   1107 N NH1   . ARG A 1 164 ? 6.693   16.425  -11.622 1.00 43.74 ? 165 ARG A NH1   1 
ATOM   1108 N NH2   . ARG A 1 164 ? 5.404   14.584  -11.119 1.00 42.62 ? 165 ARG A NH2   1 
ATOM   1109 N N     . ARG A 1 165 ? 3.737   19.155  -4.988  1.00 33.87 ? 166 ARG A N     1 
ATOM   1110 C CA    . ARG A 1 165 ? 3.263   18.291  -3.912  1.00 34.69 ? 166 ARG A CA    1 
ATOM   1111 C C     . ARG A 1 165 ? 1.840   18.633  -3.468  1.00 34.53 ? 166 ARG A C     1 
ATOM   1112 O O     . ARG A 1 165 ? 1.032   17.739  -3.283  1.00 35.00 ? 166 ARG A O     1 
ATOM   1113 C CB    . ARG A 1 165 ? 4.201   18.375  -2.700  1.00 35.22 ? 166 ARG A CB    1 
ATOM   1114 C CG    . ARG A 1 165 ? 5.461   17.595  -2.864  1.00 37.63 ? 166 ARG A CG    1 
ATOM   1115 C CD    . ARG A 1 165 ? 6.331   17.639  -1.612  1.00 45.01 ? 166 ARG A CD    1 
ATOM   1116 N NE    . ARG A 1 165 ? 7.748   17.496  -1.977  1.00 50.41 ? 166 ARG A NE    1 
ATOM   1117 C CZ    . ARG A 1 165 ? 8.337   16.352  -2.343  1.00 53.36 ? 166 ARG A CZ    1 
ATOM   1118 N NH1   . ARG A 1 165 ? 7.642   15.212  -2.377  1.00 55.65 ? 166 ARG A NH1   1 
ATOM   1119 N NH2   . ARG A 1 165 ? 9.627   16.339  -2.670  1.00 52.92 ? 166 ARG A NH2   1 
ATOM   1120 N N     . LEU A 1 166 ? 1.547   19.919  -3.281  1.00 34.71 ? 167 LEU A N     1 
ATOM   1121 C CA    . LEU A 1 166 ? 0.219   20.375  -2.875  1.00 34.93 ? 167 LEU A CA    1 
ATOM   1122 C C     . LEU A 1 166 ? -0.829  20.084  -3.943  1.00 35.29 ? 167 LEU A C     1 
ATOM   1123 O O     . LEU A 1 166 ? -1.919  19.624  -3.623  1.00 36.04 ? 167 LEU A O     1 
ATOM   1124 C CB    . LEU A 1 166 ? 0.236   21.866  -2.525  1.00 35.11 ? 167 LEU A CB    1 
ATOM   1125 C CG    . LEU A 1 166 ? 1.205   22.357  -1.429  1.00 36.11 ? 167 LEU A CG    1 
ATOM   1126 C CD1   . LEU A 1 166 ? 1.010   23.837  -1.189  1.00 35.76 ? 167 LEU A CD1   1 
ATOM   1127 C CD2   . LEU A 1 166 ? 1.052   21.605  -0.114  1.00 35.18 ? 167 LEU A CD2   1 
ATOM   1128 N N     . ASP A 1 167 ? -0.486  20.340  -5.206  1.00 35.14 ? 168 ASP A N     1 
ATOM   1129 C CA    . ASP A 1 167 ? -1.291  19.932  -6.350  1.00 35.10 ? 168 ASP A CA    1 
ATOM   1130 C C     . ASP A 1 167 ? -1.551  18.410  -6.424  1.00 34.76 ? 168 ASP A C     1 
ATOM   1131 O O     . ASP A 1 167 ? -2.671  17.973  -6.660  1.00 34.87 ? 168 ASP A O     1 
ATOM   1132 C CB    . ASP A 1 167 ? -0.630  20.399  -7.661  1.00 34.95 ? 168 ASP A CB    1 
ATOM   1133 C CG    . ASP A 1 167 ? -0.850  21.882  -7.950  1.00 35.10 ? 168 ASP A CG    1 
ATOM   1134 O OD1   . ASP A 1 167 ? -1.692  22.538  -7.295  1.00 35.49 ? 168 ASP A OD1   1 
ATOM   1135 O OD2   . ASP A 1 167 ? -0.179  22.393  -8.865  1.00 35.15 ? 168 ASP A OD2   1 
ATOM   1136 N N     . THR A 1 168 ? -0.510  17.612  -6.255  1.00 34.43 ? 169 THR A N     1 
ATOM   1137 C CA    . THR A 1 168 ? -0.639  16.164  -6.273  1.00 34.43 ? 169 THR A CA    1 
ATOM   1138 C C     . THR A 1 168 ? -1.609  15.750  -5.166  1.00 34.83 ? 169 THR A C     1 
ATOM   1139 O O     . THR A 1 168 ? -2.517  14.954  -5.410  1.00 34.19 ? 169 THR A O     1 
ATOM   1140 C CB    . THR A 1 168 ? 0.743   15.507  -6.076  1.00 34.98 ? 169 THR A CB    1 
ATOM   1141 O OG1   . THR A 1 168 ? 1.621   15.928  -7.138  1.00 34.59 ? 169 THR A OG1   1 
ATOM   1142 C CG2   . THR A 1 168 ? 0.665   13.959  -6.022  1.00 34.51 ? 169 THR A CG2   1 
ATOM   1143 N N     . ALA A 1 169 ? -1.438  16.343  -3.975  1.00 34.87 ? 170 ALA A N     1 
ATOM   1144 C CA    . ALA A 1 169 ? -2.204  15.983  -2.795  1.00 35.23 ? 170 ALA A CA    1 
ATOM   1145 C C     . ALA A 1 169 ? -3.687  16.233  -2.987  1.00 35.90 ? 170 ALA A C     1 
ATOM   1146 O O     . ALA A 1 169 ? -4.500  15.386  -2.615  1.00 37.00 ? 170 ALA A O     1 
ATOM   1147 C CB    . ALA A 1 169 ? -1.683  16.704  -1.558  1.00 34.70 ? 170 ALA A CB    1 
ATOM   1148 N N     . ARG A 1 170 ? -4.051  17.366  -3.584  1.00 35.80 ? 171 ARG A N     1 
ATOM   1149 C CA    . ARG A 1 170 ? -5.458  17.671  -3.831  1.00 35.75 ? 171 ARG A CA    1 
ATOM   1150 C C     . ARG A 1 170 ? -6.113  16.739  -4.850  1.00 35.12 ? 171 ARG A C     1 
ATOM   1151 O O     . ARG A 1 170 ? -7.299  16.425  -4.733  1.00 35.15 ? 171 ARG A O     1 
ATOM   1152 C CB    . ARG A 1 170 ? -5.640  19.116  -4.295  1.00 36.02 ? 171 ARG A CB    1 
ATOM   1153 C CG    . ARG A 1 170 ? -5.345  20.165  -3.260  1.00 38.28 ? 171 ARG A CG    1 
ATOM   1154 C CD    . ARG A 1 170 ? -5.886  21.510  -3.727  1.00 43.07 ? 171 ARG A CD    1 
ATOM   1155 N NE    . ARG A 1 170 ? -5.728  22.534  -2.698  1.00 46.06 ? 171 ARG A NE    1 
ATOM   1156 C CZ    . ARG A 1 170 ? -4.714  23.394  -2.649  1.00 47.49 ? 171 ARG A CZ    1 
ATOM   1157 N NH1   . ARG A 1 170 ? -3.759  23.371  -3.581  1.00 46.08 ? 171 ARG A NH1   1 
ATOM   1158 N NH2   . ARG A 1 170 ? -4.668  24.282  -1.664  1.00 48.15 ? 171 ARG A NH2   1 
ATOM   1159 N N     . ILE A 1 171 ? -5.362  16.337  -5.872  1.00 34.49 ? 172 ILE A N     1 
ATOM   1160 C CA    . ILE A 1 171 ? -5.862  15.365  -6.846  1.00 33.83 ? 172 ILE A CA    1 
ATOM   1161 C C     . ILE A 1 171 ? -6.160  14.014  -6.166  1.00 34.43 ? 172 ILE A C     1 
ATOM   1162 O O     . ILE A 1 171 ? -7.216  13.441  -6.359  1.00 34.85 ? 172 ILE A O     1 
ATOM   1163 C CB    . ILE A 1 171 ? -4.879  15.188  -8.019  1.00 33.44 ? 172 ILE A CB    1 
ATOM   1164 C CG1   . ILE A 1 171 ? -4.868  16.460  -8.873  1.00 33.15 ? 172 ILE A CG1   1 
ATOM   1165 C CG2   . ILE A 1 171 ? -5.254  13.949  -8.860  1.00 32.41 ? 172 ILE A CG2   1 
ATOM   1166 C CD1   . ILE A 1 171 ? -3.808  16.505  -9.942  1.00 30.46 ? 172 ILE A CD1   1 
ATOM   1167 N N     . GLU A 1 172 ? -5.225  13.533  -5.358  1.00 34.63 ? 173 GLU A N     1 
ATOM   1168 C CA    . GLU A 1 172 ? -5.352  12.268  -4.648  1.00 35.65 ? 173 GLU A CA    1 
ATOM   1169 C C     . GLU A 1 172 ? -6.487  12.292  -3.641  1.00 36.56 ? 173 GLU A C     1 
ATOM   1170 O O     . GLU A 1 172 ? -7.286  11.364  -3.585  1.00 36.95 ? 173 GLU A O     1 
ATOM   1171 C CB    . GLU A 1 172 ? -4.021  11.930  -3.966  1.00 35.55 ? 173 GLU A CB    1 
ATOM   1172 C CG    . GLU A 1 172 ? -2.879  11.739  -4.992  1.00 35.21 ? 173 GLU A CG    1 
ATOM   1173 C CD    . GLU A 1 172 ? -1.555  11.352  -4.368  1.00 35.38 ? 173 GLU A CD    1 
ATOM   1174 O OE1   . GLU A 1 172 ? -1.319  11.745  -3.207  1.00 32.50 ? 173 GLU A OE1   1 
ATOM   1175 O OE2   . GLU A 1 172 ? -0.747  10.668  -5.062  1.00 36.04 ? 173 GLU A OE2   1 
ATOM   1176 N N     . LEU A 1 173 ? -6.554  13.360  -2.848  1.00 37.72 ? 174 LEU A N     1 
ATOM   1177 C CA    . LEU A 1 173 ? -7.650  13.579  -1.907  1.00 38.76 ? 174 LEU A CA    1 
ATOM   1178 C C     . LEU A 1 173 ? -9.024  13.542  -2.575  1.00 39.55 ? 174 LEU A C     1 
ATOM   1179 O O     . LEU A 1 173 ? -9.948  12.952  -2.039  1.00 39.84 ? 174 LEU A O     1 
ATOM   1180 C CB    . LEU A 1 173 ? -7.462  14.915  -1.188  1.00 38.86 ? 174 LEU A CB    1 
ATOM   1181 C CG    . LEU A 1 173 ? -6.414  14.951  -0.076  1.00 38.54 ? 174 LEU A CG    1 
ATOM   1182 C CD1   . LEU A 1 173 ? -6.446  16.319  0.538   1.00 38.27 ? 174 LEU A CD1   1 
ATOM   1183 C CD2   . LEU A 1 173 ? -6.674  13.891  1.006   1.00 37.84 ? 174 LEU A CD2   1 
ATOM   1184 N N     . ALA A 1 174 ? -9.134  14.153  -3.758  1.00 40.61 ? 175 ALA A N     1 
ATOM   1185 C CA    . ALA A 1 174 ? -10.402 14.255  -4.510  1.00 41.30 ? 175 ALA A CA    1 
ATOM   1186 C C     . ALA A 1 174 ? -11.057 12.919  -4.838  1.00 41.94 ? 175 ALA A C     1 
ATOM   1187 O O     . ALA A 1 174 ? -12.267 12.864  -5.103  1.00 42.46 ? 175 ALA A O     1 
ATOM   1188 C CB    . ALA A 1 174 ? -10.200 15.056  -5.800  1.00 41.21 ? 175 ALA A CB    1 
ATOM   1189 N N     . ALA A 1 175 ? -10.275 11.847  -4.825  1.00 41.97 ? 176 ALA A N     1 
ATOM   1190 C CA    . ALA A 1 175 ? -10.800 10.570  -5.258  1.00 41.87 ? 176 ALA A CA    1 
ATOM   1191 C C     . ALA A 1 175 ? -10.680 9.465   -4.198  1.00 41.91 ? 176 ALA A C     1 
ATOM   1192 O O     . ALA A 1 175 ? -10.543 8.292   -4.530  1.00 42.25 ? 176 ALA A O     1 
ATOM   1193 C CB    . ALA A 1 175 ? -10.162 10.169  -6.587  1.00 42.56 ? 176 ALA A CB    1 
ATOM   1194 N N     . GLN A 1 176 ? -10.756 9.855   -2.923  1.00 41.38 ? 177 GLN A N     1 
ATOM   1195 C CA    . GLN A 1 176 ? -10.927 8.914   -1.812  1.00 40.63 ? 177 GLN A CA    1 
ATOM   1196 C C     . GLN A 1 176 ? -12.305 8.244   -1.799  1.00 40.18 ? 177 GLN A C     1 
ATOM   1197 O O     . GLN A 1 176 ? -12.535 7.283   -1.055  1.00 40.26 ? 177 GLN A O     1 
ATOM   1198 C CB    . GLN A 1 176 ? -10.685 9.625   -0.470  1.00 40.82 ? 177 GLN A CB    1 
ATOM   1199 C CG    . GLN A 1 176 ? -11.587 10.812  -0.197  1.00 40.07 ? 177 GLN A CG    1 
ATOM   1200 C CD    . GLN A 1 176 ? -11.185 11.578  1.056   1.00 41.64 ? 177 GLN A CD    1 
ATOM   1201 O OE1   . GLN A 1 176 ? -11.579 11.224  2.176   1.00 42.94 ? 177 GLN A OE1   1 
ATOM   1202 N NE2   . GLN A 1 176 ? -10.425 12.657  0.871   1.00 38.63 ? 177 GLN A NE2   1 
ATOM   1203 N N     . GLY A 1 177 ? -13.226 8.771   -2.598  1.00 39.67 ? 178 GLY A N     1 
ATOM   1204 C CA    . GLY A 1 177 ? -14.562 8.196   -2.735  1.00 39.30 ? 178 GLY A CA    1 
ATOM   1205 C C     . GLY A 1 177 ? -14.580 6.815   -3.363  1.00 39.10 ? 178 GLY A C     1 
ATOM   1206 O O     . GLY A 1 177 ? -15.473 6.015   -3.075  1.00 39.10 ? 178 GLY A O     1 
ATOM   1207 N N     . ASP A 1 178 ? -13.593 6.533   -4.212  1.00 39.01 ? 179 ASP A N     1 
ATOM   1208 C CA    . ASP A 1 178 ? -13.460 5.230   -4.891  1.00 39.30 ? 179 ASP A CA    1 
ATOM   1209 C C     . ASP A 1 178 ? -13.185 4.057   -3.948  1.00 38.45 ? 179 ASP A C     1 
ATOM   1210 O O     . ASP A 1 178 ? -13.266 2.895   -4.342  1.00 38.03 ? 179 ASP A O     1 
ATOM   1211 C CB    . ASP A 1 178 ? -12.346 5.293   -5.948  1.00 40.06 ? 179 ASP A CB    1 
ATOM   1212 C CG    . ASP A 1 178 ? -12.487 6.487   -6.882  1.00 42.64 ? 179 ASP A CG    1 
ATOM   1213 O OD1   . ASP A 1 178 ? -13.629 6.785   -7.306  1.00 46.22 ? 179 ASP A OD1   1 
ATOM   1214 O OD2   . ASP A 1 178 ? -11.459 7.126   -7.196  1.00 44.97 ? 179 ASP A OD2   1 
ATOM   1215 N N     . PHE A 1 179 ? -12.865 4.369   -2.700  1.00 38.03 ? 180 PHE A N     1 
ATOM   1216 C CA    . PHE A 1 179 ? -12.447 3.352   -1.735  1.00 37.82 ? 180 PHE A CA    1 
ATOM   1217 C C     . PHE A 1 179 ? -13.619 2.835   -0.915  1.00 37.73 ? 180 PHE A C     1 
ATOM   1218 O O     . PHE A 1 179 ? -14.604 3.541   -0.739  1.00 37.29 ? 180 PHE A O     1 
ATOM   1219 C CB    . PHE A 1 179 ? -11.314 3.909   -0.863  1.00 37.67 ? 180 PHE A CB    1 
ATOM   1220 C CG    . PHE A 1 179 ? -9.995  3.965   -1.577  1.00 37.43 ? 180 PHE A CG    1 
ATOM   1221 C CD1   . PHE A 1 179 ? -9.813  4.813   -2.663  1.00 36.46 ? 180 PHE A CD1   1 
ATOM   1222 C CD2   . PHE A 1 179 ? -8.938  3.153   -1.169  1.00 38.90 ? 180 PHE A CD2   1 
ATOM   1223 C CE1   . PHE A 1 179 ? -8.601  4.854   -3.358  1.00 39.38 ? 180 PHE A CE1   1 
ATOM   1224 C CE2   . PHE A 1 179 ? -7.709  3.183   -1.837  1.00 40.26 ? 180 PHE A CE2   1 
ATOM   1225 C CZ    . PHE A 1 179 ? -7.544  4.035   -2.958  1.00 39.96 ? 180 PHE A CZ    1 
ATOM   1226 N N     . ASP A 1 180 ? -13.517 1.599   -0.424  1.00 38.01 ? 181 ASP A N     1 
ATOM   1227 C CA    . ASP A 1 180 ? -14.574 1.037   0.437   1.00 37.96 ? 181 ASP A CA    1 
ATOM   1228 C C     . ASP A 1 180 ? -14.695 1.763   1.784   1.00 38.06 ? 181 ASP A C     1 
ATOM   1229 O O     . ASP A 1 180 ? -15.780 1.856   2.347   1.00 38.27 ? 181 ASP A O     1 
ATOM   1230 C CB    . ASP A 1 180 ? -14.359 -0.463  0.691   1.00 37.84 ? 181 ASP A CB    1 
ATOM   1231 C CG    . ASP A 1 180 ? -14.386 -1.312  -0.589  1.00 37.93 ? 181 ASP A CG    1 
ATOM   1232 O OD1   . ASP A 1 180 ? -15.218 -1.097  -1.512  1.00 38.52 ? 181 ASP A OD1   1 
ATOM   1233 O OD2   . ASP A 1 180 ? -13.572 -2.242  -0.651  1.00 38.99 ? 181 ASP A OD2   1 
ATOM   1234 N N     . LYS A 1 181 ? -13.577 2.265   2.300   1.00 37.97 ? 182 LYS A N     1 
ATOM   1235 C CA    . LYS A 1 181 ? -13.529 2.836   3.652   1.00 38.09 ? 182 LYS A CA    1 
ATOM   1236 C C     . LYS A 1 181 ? -12.543 4.016   3.718   1.00 37.41 ? 182 LYS A C     1 
ATOM   1237 O O     . LYS A 1 181 ? -11.490 4.003   3.062   1.00 37.09 ? 182 LYS A O     1 
ATOM   1238 C CB    . LYS A 1 181 ? -13.086 1.763   4.660   1.00 38.66 ? 182 LYS A CB    1 
ATOM   1239 C CG    . LYS A 1 181 ? -14.026 0.570   4.826   1.00 40.65 ? 182 LYS A CG    1 
ATOM   1240 C CD    . LYS A 1 181 ? -14.900 0.714   6.073   1.00 43.40 ? 182 LYS A CD    1 
ATOM   1241 C CE    . LYS A 1 181 ? -16.294 0.125   5.883   1.00 45.64 ? 182 LYS A CE    1 
ATOM   1242 N NZ    . LYS A 1 181 ? -16.272 -1.245  5.306   1.00 48.47 ? 182 LYS A NZ    1 
ATOM   1243 N N     . VAL A 1 182 ? -12.878 5.026   4.516   1.00 36.93 ? 183 VAL A N     1 
ATOM   1244 C CA    . VAL A 1 182 ? -11.929 6.107   4.819   1.00 35.88 ? 183 VAL A CA    1 
ATOM   1245 C C     . VAL A 1 182 ? -11.618 6.040   6.306   1.00 35.29 ? 183 VAL A C     1 
ATOM   1246 O O     . VAL A 1 182 ? -12.533 6.078   7.131   1.00 35.53 ? 183 VAL A O     1 
ATOM   1247 C CB    . VAL A 1 182 ? -12.459 7.509   4.393   1.00 35.95 ? 183 VAL A CB    1 
ATOM   1248 C CG1   . VAL A 1 182 ? -11.472 8.618   4.766   1.00 36.14 ? 183 VAL A CG1   1 
ATOM   1249 C CG2   . VAL A 1 182 ? -12.712 7.560   2.896   1.00 35.03 ? 183 VAL A CG2   1 
ATOM   1250 N N     . VAL A 1 183 ? -10.339 5.868   6.646   1.00 34.03 ? 184 VAL A N     1 
ATOM   1251 C CA    . VAL A 1 183 ? -9.879  6.009   8.028   1.00 31.84 ? 184 VAL A CA    1 
ATOM   1252 C C     . VAL A 1 183 ? -9.209  7.393   8.105   1.00 32.34 ? 184 VAL A C     1 
ATOM   1253 O O     . VAL A 1 183 ? -8.296  7.703   7.317   1.00 31.46 ? 184 VAL A O     1 
ATOM   1254 C CB    . VAL A 1 183 ? -8.928  4.854   8.466   1.00 31.73 ? 184 VAL A CB    1 
ATOM   1255 C CG1   . VAL A 1 183 ? -8.315  5.125   9.847   1.00 28.57 ? 184 VAL A CG1   1 
ATOM   1256 C CG2   . VAL A 1 183 ? -9.683  3.512   8.508   1.00 31.63 ? 184 VAL A CG2   1 
ATOM   1257 N N     . VAL A 1 184 ? -9.705  8.246   9.004   1.00 32.35 ? 185 VAL A N     1 
ATOM   1258 C CA    . VAL A 1 184 ? -9.127  9.569   9.181   1.00 32.95 ? 185 VAL A CA    1 
ATOM   1259 C C     . VAL A 1 184 ? -7.995  9.466   10.209  1.00 33.57 ? 185 VAL A C     1 
ATOM   1260 O O     . VAL A 1 184 ? -8.186  8.989   11.332  1.00 33.76 ? 185 VAL A O     1 
ATOM   1261 C CB    . VAL A 1 184 ? -10.188 10.615  9.567   1.00 33.19 ? 185 VAL A CB    1 
ATOM   1262 C CG1   . VAL A 1 184 ? -9.567  11.996  9.695   1.00 32.59 ? 185 VAL A CG1   1 
ATOM   1263 C CG2   . VAL A 1 184 ? -11.329 10.632  8.508   1.00 32.69 ? 185 VAL A CG2   1 
ATOM   1264 N N     . ASN A 1 185 ? -6.794  9.867   9.806   1.00 33.66 ? 186 ASN A N     1 
ATOM   1265 C CA    . ASN A 1 185 ? -5.650  9.706   10.685  1.00 33.84 ? 186 ASN A CA    1 
ATOM   1266 C C     . ASN A 1 185 ? -5.519  10.847  11.686  1.00 33.57 ? 186 ASN A C     1 
ATOM   1267 O O     . ASN A 1 185 ? -4.617  11.669  11.569  1.00 33.66 ? 186 ASN A O     1 
ATOM   1268 C CB    . ASN A 1 185 ? -4.378  9.561   9.864   1.00 34.29 ? 186 ASN A CB    1 
ATOM   1269 C CG    . ASN A 1 185 ? -3.227  9.044   10.674  1.00 35.24 ? 186 ASN A CG    1 
ATOM   1270 O OD1   . ASN A 1 185 ? -3.324  8.842   11.885  1.00 38.18 ? 186 ASN A OD1   1 
ATOM   1271 N ND2   . ASN A 1 185 ? -2.119  8.831   10.012  1.00 37.99 ? 186 ASN A ND2   1 
ATOM   1272 N N     . ARG A 1 186 ? -6.432  10.883  12.656  1.00 33.52 ? 187 ARG A N     1 
ATOM   1273 C CA    . ARG A 1 186 ? -6.473  11.930  13.675  1.00 34.08 ? 187 ARG A CA    1 
ATOM   1274 C C     . ARG A 1 186 ? -5.424  11.697  14.761  1.00 33.52 ? 187 ARG A C     1 
ATOM   1275 O O     . ARG A 1 186 ? -4.919  12.636  15.374  1.00 33.27 ? 187 ARG A O     1 
ATOM   1276 C CB    . ARG A 1 186 ? -7.867  12.006  14.322  1.00 34.87 ? 187 ARG A CB    1 
ATOM   1277 C CG    . ARG A 1 186 ? -8.957  12.628  13.439  1.00 37.19 ? 187 ARG A CG    1 
ATOM   1278 C CD    . ARG A 1 186 ? -10.327 12.626  14.159  1.00 41.51 ? 187 ARG A CD    1 
ATOM   1279 N NE    . ARG A 1 186 ? -11.444 12.990  13.270  1.00 42.58 ? 187 ARG A NE    1 
ATOM   1280 C CZ    . ARG A 1 186 ? -12.232 12.112  12.639  1.00 43.72 ? 187 ARG A CZ    1 
ATOM   1281 N NH1   . ARG A 1 186 ? -12.038 10.796  12.768  1.00 42.93 ? 187 ARG A NH1   1 
ATOM   1282 N NH2   . ARG A 1 186 ? -13.212 12.549  11.856  1.00 44.42 ? 187 ARG A NH2   1 
ATOM   1283 N N     . ARG A 1 187 ? -5.089  10.431  14.980  1.00 33.07 ? 188 ARG A N     1 
ATOM   1284 C CA    . ARG A 1 187 ? -4.179  10.047  16.037  1.00 32.41 ? 188 ARG A CA    1 
ATOM   1285 C C     . ARG A 1 187 ? -3.703  8.652   15.723  1.00 31.90 ? 188 ARG A C     1 
ATOM   1286 O O     . ARG A 1 187 ? -4.493  7.818   15.290  1.00 31.82 ? 188 ARG A O     1 
ATOM   1287 C CB    . ARG A 1 187 ? -4.926  10.086  17.370  1.00 32.51 ? 188 ARG A CB    1 
ATOM   1288 C CG    . ARG A 1 187 ? -4.199  9.459   18.479  1.00 32.82 ? 188 ARG A CG    1 
ATOM   1289 C CD    . ARG A 1 187 ? -4.327  10.266  19.685  1.00 33.41 ? 188 ARG A CD    1 
ATOM   1290 N NE    . ARG A 1 187 ? -3.575  9.627   20.737  1.00 34.75 ? 188 ARG A NE    1 
ATOM   1291 C CZ    . ARG A 1 187 ? -3.635  9.989   22.002  1.00 35.47 ? 188 ARG A CZ    1 
ATOM   1292 N NH1   . ARG A 1 187 ? -4.426  10.999  22.358  1.00 34.55 ? 188 ARG A NH1   1 
ATOM   1293 N NH2   . ARG A 1 187 ? -2.904  9.340   22.902  1.00 38.20 ? 188 ARG A NH2   1 
ATOM   1294 N N     . LEU A 1 188 ? -2.418  8.388   15.933  1.00 31.76 ? 189 LEU A N     1 
ATOM   1295 C CA    . LEU A 1 188 ? -1.865  7.059   15.616  1.00 31.90 ? 189 LEU A CA    1 
ATOM   1296 C C     . LEU A 1 188 ? -2.717  5.934   16.209  1.00 31.41 ? 189 LEU A C     1 
ATOM   1297 O O     . LEU A 1 188 ? -3.134  5.033   15.502  1.00 30.53 ? 189 LEU A O     1 
ATOM   1298 C CB    . LEU A 1 188 ? -0.391  6.907   16.068  1.00 32.00 ? 189 LEU A CB    1 
ATOM   1299 C CG    . LEU A 1 188 ? 0.232   5.539   15.693  1.00 33.06 ? 189 LEU A CG    1 
ATOM   1300 C CD1   . LEU A 1 188 ? 0.222   5.292   14.181  1.00 32.49 ? 189 LEU A CD1   1 
ATOM   1301 C CD2   . LEU A 1 188 ? 1.633   5.314   16.280  1.00 33.31 ? 189 LEU A CD2   1 
ATOM   1302 N N     . GLU A 1 189 ? -2.987  6.014   17.504  1.00 31.21 ? 190 GLU A N     1 
ATOM   1303 C CA    . GLU A 1 189 ? -3.617  4.903   18.219  1.00 31.61 ? 190 GLU A CA    1 
ATOM   1304 C C     . GLU A 1 189 ? -5.039  4.567   17.727  1.00 31.39 ? 190 GLU A C     1 
ATOM   1305 O O     . GLU A 1 189 ? -5.369  3.390   17.557  1.00 31.30 ? 190 GLU A O     1 
ATOM   1306 C CB    . GLU A 1 189 ? -3.553  5.142   19.726  1.00 31.02 ? 190 GLU A CB    1 
ATOM   1307 C CG    . GLU A 1 189 ? -2.096  5.215   20.252  1.00 33.42 ? 190 GLU A CG    1 
ATOM   1308 C CD    . GLU A 1 189 ? -1.464  6.627   20.219  1.00 36.33 ? 190 GLU A CD    1 
ATOM   1309 O OE1   . GLU A 1 189 ? -1.865  7.491   19.397  1.00 37.89 ? 190 GLU A OE1   1 
ATOM   1310 O OE2   . GLU A 1 189 ? -0.555  6.879   21.037  1.00 38.14 ? 190 GLU A OE2   1 
ATOM   1311 N N     . SER A 1 190 ? -5.856  5.586   17.455  1.00 30.89 ? 191 SER A N     1 
ATOM   1312 C CA    . SER A 1 190 ? -7.219  5.340   16.974  1.00 31.45 ? 191 SER A CA    1 
ATOM   1313 C C     . SER A 1 190 ? -7.323  4.975   15.480  1.00 31.28 ? 191 SER A C     1 
ATOM   1314 O O     . SER A 1 190 ? -8.199  4.214   15.087  1.00 31.26 ? 191 SER A O     1 
ATOM   1315 C CB    . SER A 1 190 ? -8.162  6.497   17.349  1.00 31.84 ? 191 SER A CB    1 
ATOM   1316 O OG    . SER A 1 190 ? -7.739  7.719   16.796  1.00 32.50 ? 191 SER A OG    1 
ATOM   1317 N N     . ALA A 1 191 ? -6.433  5.514   14.650  1.00 31.22 ? 192 ALA A N     1 
ATOM   1318 C CA    . ALA A 1 191 ? -6.355  5.108   13.261  1.00 31.00 ? 192 ALA A CA    1 
ATOM   1319 C C     . ALA A 1 191 ? -5.912  3.642   13.219  1.00 30.99 ? 192 ALA A C     1 
ATOM   1320 O O     . ALA A 1 191 ? -6.507  2.822   12.523  1.00 30.45 ? 192 ALA A O     1 
ATOM   1321 C CB    . ALA A 1 191 ? -5.372  6.020   12.472  1.00 31.00 ? 192 ALA A CB    1 
ATOM   1322 N N     . CYS A 1 192 ? -4.879  3.312   13.984  1.00 31.38 ? 193 CYS A N     1 
ATOM   1323 C CA    . CYS A 1 192 ? -4.430  1.918   14.105  1.00 32.53 ? 193 CYS A CA    1 
ATOM   1324 C C     . CYS A 1 192 ? -5.554  1.005   14.667  1.00 31.50 ? 193 CYS A C     1 
ATOM   1325 O O     . CYS A 1 192 ? -5.801  -0.068  14.106  1.00 31.06 ? 193 CYS A O     1 
ATOM   1326 C CB    . CYS A 1 192 ? -3.125  1.824   14.914  1.00 32.61 ? 193 CYS A CB    1 
ATOM   1327 S SG    . CYS A 1 192 ? -2.439  0.106   15.241  1.00 41.49 ? 193 CYS A SG    1 
ATOM   1328 N N     . ALA A 1 193 ? -6.244  1.447   15.732  1.00 30.23 ? 194 ALA A N     1 
ATOM   1329 C CA    . ALA A 1 193 ? -7.393  0.706   16.284  1.00 29.85 ? 194 ALA A CA    1 
ATOM   1330 C C     . ALA A 1 193 ? -8.501  0.411   15.246  1.00 29.77 ? 194 ALA A C     1 
ATOM   1331 O O     . ALA A 1 193 ? -8.996  -0.713  15.176  1.00 28.43 ? 194 ALA A O     1 
ATOM   1332 C CB    . ALA A 1 193 ? -7.974  1.427   17.512  1.00 29.48 ? 194 ALA A CB    1 
ATOM   1333 N N     . GLU A 1 194 ? -8.866  1.421   14.443  1.00 30.37 ? 195 GLU A N     1 
ATOM   1334 C CA    . GLU A 1 194 ? -9.858  1.289   13.370  1.00 31.00 ? 195 GLU A CA    1 
ATOM   1335 C C     . GLU A 1 194 ? -9.472  0.224   12.339  1.00 31.24 ? 195 GLU A C     1 
ATOM   1336 O O     . GLU A 1 194 ? -10.304 -0.581  11.908  1.00 31.54 ? 195 GLU A O     1 
ATOM   1337 C CB    . GLU A 1 194 ? -10.023 2.613   12.637  1.00 31.52 ? 195 GLU A CB    1 
ATOM   1338 C CG    . GLU A 1 194 ? -10.971 3.624   13.252  1.00 34.02 ? 195 GLU A CG    1 
ATOM   1339 C CD    . GLU A 1 194 ? -11.572 4.551   12.178  1.00 38.51 ? 195 GLU A CD    1 
ATOM   1340 O OE1   . GLU A 1 194 ? -12.277 4.032   11.271  1.00 41.54 ? 195 GLU A OE1   1 
ATOM   1341 O OE2   . GLU A 1 194 ? -11.333 5.784   12.228  1.00 37.71 ? 195 GLU A OE2   1 
ATOM   1342 N N     . LEU A 1 195 ? -8.206  0.233   11.939  1.00 31.22 ? 196 LEU A N     1 
ATOM   1343 C CA    . LEU A 1 195 ? -7.661  -0.762  11.005  1.00 31.61 ? 196 LEU A CA    1 
ATOM   1344 C C     . LEU A 1 195 ? -7.615  -2.200  11.547  1.00 31.45 ? 196 LEU A C     1 
ATOM   1345 O O     . LEU A 1 195 ? -7.917  -3.128  10.811  1.00 31.27 ? 196 LEU A O     1 
ATOM   1346 C CB    . LEU A 1 195 ? -6.278  -0.319  10.491  1.00 31.63 ? 196 LEU A CB    1 
ATOM   1347 C CG    . LEU A 1 195 ? -6.400  0.768   9.408   1.00 32.03 ? 196 LEU A CG    1 
ATOM   1348 C CD1   . LEU A 1 195 ? -5.173  1.685   9.301   1.00 28.19 ? 196 LEU A CD1   1 
ATOM   1349 C CD2   . LEU A 1 195 ? -6.715  0.110   8.073   1.00 32.48 ? 196 LEU A CD2   1 
ATOM   1350 N N     . VAL A 1 196 ? -7.231  -2.365  12.818  1.00 31.57 ? 197 VAL A N     1 
ATOM   1351 C CA    . VAL A 1 196 ? -7.332  -3.647  13.533  1.00 31.25 ? 197 VAL A CA    1 
ATOM   1352 C C     . VAL A 1 196 ? -8.745  -4.177  13.494  1.00 32.52 ? 197 VAL A C     1 
ATOM   1353 O O     . VAL A 1 196 ? -8.946  -5.370  13.275  1.00 32.73 ? 197 VAL A O     1 
ATOM   1354 C CB    . VAL A 1 196 ? -6.905  -3.524  15.032  1.00 30.95 ? 197 VAL A CB    1 
ATOM   1355 C CG1   . VAL A 1 196 ? -7.279  -4.791  15.837  1.00 29.87 ? 197 VAL A CG1   1 
ATOM   1356 C CG2   . VAL A 1 196 ? -5.386  -3.221  15.161  1.00 29.74 ? 197 VAL A CG2   1 
ATOM   1357 N N     . SER A 1 197 ? -9.728  -3.303  13.739  1.00 33.65 ? 198 SER A N     1 
ATOM   1358 C CA    . SER A 1 197 ? -11.138 -3.715  13.730  1.00 34.84 ? 198 SER A CA    1 
ATOM   1359 C C     . SER A 1 197 ? -11.542 -4.222  12.351  1.00 35.58 ? 198 SER A C     1 
ATOM   1360 O O     . SER A 1 197 ? -12.283 -5.193  12.259  1.00 35.97 ? 198 SER A O     1 
ATOM   1361 C CB    . SER A 1 197 ? -12.073 -2.585  14.186  1.00 34.58 ? 198 SER A CB    1 
ATOM   1362 O OG    . SER A 1 197 ? -11.880 -2.290  15.563  1.00 35.97 ? 198 SER A OG    1 
ATOM   1363 N N     . LEU A 1 198 ? -11.049 -3.569  11.293  1.00 36.54 ? 199 LEU A N     1 
ATOM   1364 C CA    . LEU A 1 198 ? -11.270 -4.023  9.911   1.00 37.52 ? 199 LEU A CA    1 
ATOM   1365 C C     . LEU A 1 198 ? -10.577 -5.369  9.609   1.00 37.76 ? 199 LEU A C     1 
ATOM   1366 O O     . LEU A 1 198 ? -11.173 -6.241  8.971   1.00 38.09 ? 199 LEU A O     1 
ATOM   1367 C CB    . LEU A 1 198 ? -10.820 -2.963  8.892   1.00 37.15 ? 199 LEU A CB    1 
ATOM   1368 C CG    . LEU A 1 198 ? -11.694 -1.705  8.825   1.00 39.39 ? 199 LEU A CG    1 
ATOM   1369 C CD1   . LEU A 1 198 ? -11.020 -0.566  8.045   1.00 37.65 ? 199 LEU A CD1   1 
ATOM   1370 C CD2   . LEU A 1 198 ? -13.102 -2.021  8.263   1.00 40.83 ? 199 LEU A CD2   1 
ATOM   1371 N N     . LEU A 1 199 ? -9.333  -5.527  10.062  1.00 37.40 ? 200 LEU A N     1 
ATOM   1372 C CA    . LEU A 1 199 ? -8.551  -6.733  9.773   1.00 38.20 ? 200 LEU A CA    1 
ATOM   1373 C C     . LEU A 1 199 ? -8.995  -7.988  10.526  1.00 38.60 ? 200 LEU A C     1 
ATOM   1374 O O     . LEU A 1 199 ? -9.022  -9.086  9.963   1.00 39.63 ? 200 LEU A O     1 
ATOM   1375 C CB    . LEU A 1 199 ? -7.066  -6.491  10.016  1.00 37.85 ? 200 LEU A CB    1 
ATOM   1376 C CG    . LEU A 1 199 ? -6.344  -5.813  8.858   1.00 38.30 ? 200 LEU A CG    1 
ATOM   1377 C CD1   . LEU A 1 199 ? -5.138  -5.043  9.351   1.00 35.85 ? 200 LEU A CD1   1 
ATOM   1378 C CD2   . LEU A 1 199 ? -5.978  -6.843  7.771   1.00 38.92 ? 200 LEU A CD2   1 
ATOM   1379 N N     . VAL A 1 200 ? -9.324  -7.840  11.798  1.00 38.56 ? 201 VAL A N     1 
ATOM   1380 C CA    . VAL A 1 200 ? -9.790  -8.977  12.575  1.00 38.28 ? 201 VAL A CA    1 
ATOM   1381 C C     . VAL A 1 200 ? -11.188 -8.732  13.094  1.00 38.48 ? 201 VAL A C     1 
ATOM   1382 O O     . VAL A 1 200 ? -11.790 -9.642  13.635  1.00 39.22 ? 201 VAL A O     1 
ATOM   1383 C CB    . VAL A 1 200 ? -8.821  -9.354  13.748  1.00 38.54 ? 201 VAL A CB    1 
ATOM   1384 C CG1   . VAL A 1 200 ? -7.467  -9.840  13.199  1.00 37.29 ? 201 VAL A CG1   1 
ATOM   1385 C CG2   . VAL A 1 200 ? -8.653  -8.199  14.738  1.00 37.92 ? 201 VAL A CG2   1 
HETATM 1386 P P     . 5GP B 2 .   ? 12.184  -0.120  -3.147  1.00 61.01 ? 300 5GP A P     1 
HETATM 1387 O O1P   . 5GP B 2 .   ? 11.698  -1.154  -2.140  1.00 60.88 ? 300 5GP A O1P   1 
HETATM 1388 O O2P   . 5GP B 2 .   ? 12.503  -0.685  -4.524  1.00 57.90 ? 300 5GP A O2P   1 
HETATM 1389 O O3P   . 5GP B 2 .   ? 13.206  0.882   -2.609  1.00 60.24 ? 300 5GP A O3P   1 
HETATM 1390 O "O5'" . 5GP B 2 .   ? 10.913  0.871   -3.270  1.00 59.43 ? 300 5GP A "O5'" 1 
HETATM 1391 C "C5'" . 5GP B 2 .   ? 10.446  1.429   -4.506  1.00 55.76 ? 300 5GP A "C5'" 1 
HETATM 1392 C "C4'" . 5GP B 2 .   ? 8.982   1.049   -4.412  1.00 52.44 ? 300 5GP A "C4'" 1 
HETATM 1393 O "O4'" . 5GP B 2 .   ? 8.366   0.636   -5.629  1.00 47.47 ? 300 5GP A "O4'" 1 
HETATM 1394 C "C3'" . 5GP B 2 .   ? 8.076   2.098   -3.771  1.00 51.24 ? 300 5GP A "C3'" 1 
HETATM 1395 O "O3'" . 5GP B 2 .   ? 8.124   3.320   -4.505  1.00 51.55 ? 300 5GP A "O3'" 1 
HETATM 1396 C "C2'" . 5GP B 2 .   ? 6.744   1.447   -4.026  1.00 48.68 ? 300 5GP A "C2'" 1 
HETATM 1397 O "O2'" . 5GP B 2 .   ? 5.686   2.408   -4.099  1.00 48.74 ? 300 5GP A "O2'" 1 
HETATM 1398 C "C1'" . 5GP B 2 .   ? 6.966   0.648   -5.321  1.00 46.24 ? 300 5GP A "C1'" 1 
HETATM 1399 N N9    . 5GP B 2 .   ? 6.463   -0.695  -4.989  1.00 43.93 ? 300 5GP A N9    1 
HETATM 1400 C C8    . 5GP B 2 .   ? 6.974   -1.558  -4.080  1.00 44.23 ? 300 5GP A C8    1 
HETATM 1401 N N7    . 5GP B 2 .   ? 6.217   -2.675  -4.063  1.00 43.43 ? 300 5GP A N7    1 
HETATM 1402 C C5    . 5GP B 2 .   ? 5.215   -2.486  -4.952  1.00 42.63 ? 300 5GP A C5    1 
HETATM 1403 C C6    . 5GP B 2 .   ? 4.139   -3.257  -5.350  1.00 41.98 ? 300 5GP A C6    1 
HETATM 1404 O O6    . 5GP B 2 .   ? 3.981   -4.378  -4.828  1.00 41.55 ? 300 5GP A O6    1 
HETATM 1405 N N1    . 5GP B 2 .   ? 3.296   -2.793  -6.291  1.00 41.93 ? 300 5GP A N1    1 
HETATM 1406 C C2    . 5GP B 2 .   ? 3.473   -1.584  -6.843  1.00 41.44 ? 300 5GP A C2    1 
HETATM 1407 N N2    . 5GP B 2 .   ? 2.608   -1.127  -7.766  1.00 42.69 ? 300 5GP A N2    1 
HETATM 1408 N N3    . 5GP B 2 .   ? 4.506   -0.804  -6.486  1.00 41.39 ? 300 5GP A N3    1 
HETATM 1409 C C4    . 5GP B 2 .   ? 5.378   -1.238  -5.537  1.00 42.95 ? 300 5GP A C4    1 
HETATM 1410 O O     . HOH C 3 .   ? -1.847  25.632  -3.448  1.00 29.25 ? 301 HOH A O     1 
HETATM 1411 O O     . HOH C 3 .   ? 2.179   8.178   3.380   1.00 37.33 ? 302 HOH A O     1 
HETATM 1412 O O     . HOH C 3 .   ? -2.444  12.320  8.132   1.00 36.37 ? 303 HOH A O     1 
HETATM 1413 O O     . HOH C 3 .   ? 1.327   -11.353 -1.719  1.00 34.00 ? 304 HOH A O     1 
HETATM 1414 O O     . HOH C 3 .   ? 3.711   -12.956 7.837   1.00 41.16 ? 305 HOH A O     1 
HETATM 1415 O O     . HOH C 3 .   ? 3.641   14.683  -7.914  1.00 45.86 ? 306 HOH A O     1 
HETATM 1416 O O     . HOH C 3 .   ? -9.438  -11.909 9.522   1.00 40.44 ? 307 HOH A O     1 
HETATM 1417 O O     . HOH C 3 .   ? 2.427   -6.545  -2.172  1.00 34.86 ? 308 HOH A O     1 
HETATM 1418 O O     . HOH C 3 .   ? 2.538   -12.350 0.302   1.00 29.09 ? 309 HOH A O     1 
HETATM 1419 O O     . HOH C 3 .   ? -0.899  10.817  16.794  1.00 41.22 ? 310 HOH A O     1 
HETATM 1420 O O     . HOH C 3 .   ? 3.234   1.196   -14.763 1.00 37.99 ? 311 HOH A O     1 
HETATM 1421 O O     . HOH C 3 .   ? -0.123  -0.716  -9.733  1.00 36.01 ? 312 HOH A O     1 
HETATM 1422 O O     . HOH C 3 .   ? -3.990  22.092  -6.626  1.00 39.91 ? 313 HOH A O     1 
HETATM 1423 O O     . HOH C 3 .   ? -11.969 0.331   16.647  0.50 28.59 ? 314 HOH A O     1 
HETATM 1424 O O     . HOH C 3 .   ? 0.083   13.423  -1.592  1.00 41.33 ? 315 HOH A O     1 
HETATM 1425 O O     . HOH C 3 .   ? 15.332  -10.191 -8.874  1.00 40.01 ? 316 HOH A O     1 
HETATM 1426 O O     . HOH C 3 .   ? 9.936   -1.937  -5.838  1.00 31.02 ? 317 HOH A O     1 
HETATM 1427 O O     . HOH C 3 .   ? -13.200 -0.016  11.925  1.00 44.22 ? 318 HOH A O     1 
HETATM 1428 O O     . HOH C 3 .   ? 0.070   -15.225 -7.995  1.00 40.07 ? 319 HOH A O     1 
HETATM 1429 O O     . HOH C 3 .   ? 18.657  -3.854  -7.985  1.00 32.86 ? 320 HOH A O     1 
HETATM 1430 O O     . HOH C 3 .   ? 1.169   1.324   -8.720  1.00 36.81 ? 321 HOH A O     1 
HETATM 1431 O O     . HOH C 3 .   ? 10.426  -16.118 -3.090  1.00 51.43 ? 322 HOH A O     1 
HETATM 1432 O O     . HOH C 3 .   ? 4.437   -14.242 0.111   1.00 37.95 ? 323 HOH A O     1 
HETATM 1433 O O     . HOH C 3 .   ? -11.845 7.519   10.699  1.00 32.90 ? 324 HOH A O     1 
HETATM 1434 O O     . HOH C 3 .   ? 1.825   15.151  -2.548  1.00 32.35 ? 325 HOH A O     1 
HETATM 1435 O O     . HOH C 3 .   ? 8.438   4.530   -9.516  1.00 38.66 ? 326 HOH A O     1 
HETATM 1436 O O     . HOH C 3 .   ? 2.930   -10.368 -3.111  1.00 36.93 ? 327 HOH A O     1 
HETATM 1437 O O     . HOH C 3 .   ? 9.498   0.641   -0.956  1.00 48.75 ? 328 HOH A O     1 
HETATM 1438 O O     . HOH C 3 .   ? -4.307  18.980  12.606  1.00 40.34 ? 329 HOH A O     1 
HETATM 1439 O O     . HOH C 3 .   ? -0.718  6.740   -3.083  1.00 37.52 ? 330 HOH A O     1 
HETATM 1440 O O     . HOH C 3 .   ? 3.737   -10.380 7.936   1.00 38.25 ? 331 HOH A O     1 
HETATM 1441 O O     . HOH C 3 .   ? 14.711  -9.187  6.224   1.00 45.23 ? 332 HOH A O     1 
HETATM 1442 O O     . HOH C 3 .   ? 7.231   -6.508  -0.388  1.00 37.99 ? 333 HOH A O     1 
HETATM 1443 O O     . HOH C 3 .   ? 17.102  -11.813 -8.486  1.00 43.23 ? 334 HOH A O     1 
HETATM 1444 O O     . HOH C 3 .   ? 1.728   5.778   -1.477  1.00 35.02 ? 335 HOH A O     1 
HETATM 1445 O O     . HOH C 3 .   ? -0.727  6.066   -7.705  1.00 33.69 ? 336 HOH A O     1 
HETATM 1446 O O     . HOH C 3 .   ? -6.702  -4.656  -12.099 1.00 49.20 ? 337 HOH A O     1 
HETATM 1447 O O     . HOH C 3 .   ? -6.819  19.242  11.899  1.00 40.15 ? 338 HOH A O     1 
HETATM 1448 O O     . HOH C 3 .   ? -15.781 4.626   5.738   1.00 37.38 ? 339 HOH A O     1 
HETATM 1449 O O     . HOH C 3 .   ? -1.372  9.602   7.879   1.00 62.71 ? 340 HOH A O     1 
HETATM 1450 O O     . HOH C 3 .   ? -5.617  -1.316  18.824  0.50 22.22 ? 341 HOH A O     1 
HETATM 1451 O O     . HOH C 3 .   ? -2.513  12.999  12.613  1.00 36.39 ? 342 HOH A O     1 
HETATM 1452 O O     . HOH C 3 .   ? -8.013  8.650   14.404  1.00 49.16 ? 343 HOH A O     1 
HETATM 1453 O O     . HOH C 3 .   ? -7.160  24.295  0.254   1.00 48.30 ? 344 HOH A O     1 
HETATM 1454 O O     . HOH C 3 .   ? -8.110  22.621  6.763   1.00 37.05 ? 345 HOH A O     1 
HETATM 1455 O O     . HOH C 3 .   ? 2.237   -5.020  1.006   1.00 50.38 ? 346 HOH A O     1 
HETATM 1456 O O     . HOH C 3 .   ? 11.553  -6.059  -15.421 1.00 29.74 ? 347 HOH A O     1 
HETATM 1457 O O     . HOH C 3 .   ? 9.314   -8.117  -16.673 1.00 52.46 ? 348 HOH A O     1 
HETATM 1458 O O     . HOH C 3 .   ? -14.810 0.266   -3.527  1.00 46.95 ? 349 HOH A O     1 
HETATM 1459 O O     . HOH C 3 .   ? 12.862  -16.067 -11.285 1.00 49.34 ? 350 HOH A O     1 
HETATM 1460 O O     . HOH C 3 .   ? 6.446   -15.100 1.524   1.00 47.44 ? 351 HOH A O     1 
HETATM 1461 O O     . HOH C 3 .   ? -1.453  -10.874 -13.768 1.00 49.27 ? 352 HOH A O     1 
HETATM 1462 O O     . HOH C 3 .   ? -1.783  -6.819  -16.595 1.00 42.51 ? 353 HOH A O     1 
HETATM 1463 O O     . HOH C 3 .   ? -1.797  -3.405  -12.684 1.00 36.31 ? 354 HOH A O     1 
HETATM 1464 O O     . HOH C 3 .   ? 0.984   -1.752  -14.639 1.00 56.93 ? 355 HOH A O     1 
HETATM 1465 O O     . HOH C 3 .   ? 11.460  5.759   -18.549 1.00 46.23 ? 356 HOH A O     1 
HETATM 1466 O O     . HOH C 3 .   ? 6.296   -6.724  2.444   1.00 49.15 ? 357 HOH A O     1 
HETATM 1467 O O     . HOH C 3 .   ? -4.839  6.118   -9.499  1.00 40.30 ? 358 HOH A O     1 
HETATM 1468 O O     . HOH C 3 .   ? -4.698  1.627   -11.382 1.00 48.48 ? 359 HOH A O     1 
HETATM 1469 O O     . HOH C 3 .   ? -1.031  13.695  10.523  1.00 49.56 ? 360 HOH A O     1 
HETATM 1470 O O     . HOH C 3 .   ? 1.488   12.688  10.114  1.00 44.26 ? 361 HOH A O     1 
HETATM 1471 O O     . HOH C 3 .   ? 5.662   14.935  8.476   1.00 46.39 ? 362 HOH A O     1 
HETATM 1472 O O     . HOH C 3 .   ? 10.703  18.535  6.223   1.00 50.08 ? 363 HOH A O     1 
HETATM 1473 O O     . HOH C 3 .   ? 12.449  18.655  11.682  1.00 56.90 ? 364 HOH A O     1 
HETATM 1474 O O     . HOH C 3 .   ? 13.752  21.046  -3.740  1.00 49.36 ? 365 HOH A O     1 
HETATM 1475 O O     . HOH C 3 .   ? -4.057  -22.350 -5.896  1.00 55.60 ? 366 HOH A O     1 
HETATM 1476 O O     . HOH C 3 .   ? 5.658   19.725  -11.462 1.00 55.76 ? 367 HOH A O     1 
HETATM 1477 O O     . HOH C 3 .   ? 1.889   21.861  -10.036 1.00 47.59 ? 368 HOH A O     1 
# 
